data_8FD7
#
_entry.id   8FD7
#
_cell.length_a   1.00
_cell.length_b   1.00
_cell.length_c   1.00
_cell.angle_alpha   90.00
_cell.angle_beta   90.00
_cell.angle_gamma   90.00
#
_symmetry.space_group_name_H-M   'P 1'
#
loop_
_entity.id
_entity.type
_entity.pdbx_description
1 polymer 'Voltage-dependent calcium channel subunit alpha-2/delta-1'
2 polymer 'Voltage-dependent L-type calcium channel subunit alpha-1C'
3 polymer 'Voltage-dependent L-type calcium channel subunit beta-3'
4 branched 2-acetamido-2-deoxy-beta-D-glucopyranose-(1-4)-2-acetamido-2-deoxy-beta-D-glucopyranose
5 non-polymer 2-acetamido-2-deoxy-beta-D-glucopyranose
6 non-polymer '[1-(AMINOMETHYL)CYCLOHEXYL]ACETIC ACID'
7 non-polymer 'CALCIUM ION'
8 non-polymer 'SODIUM ION'
9 non-polymer '(2R)-3-{[(R)-(2-aminoethoxy)(hydroxy)phosphoryl]oxy}-2-(dodecanoyloxy)propyl heptadecanoate'
10 non-polymer '(2S)-3-{[(R)-(2-aminoethoxy)(hydroxy)phosphoryl]oxy}-2-(dodecanoyloxy)propyl dodecanoate'
11 non-polymer CHOLESTEROL
12 water water
#
loop_
_entity_poly.entity_id
_entity_poly.type
_entity_poly.pdbx_seq_one_letter_code
_entity_poly.pdbx_strand_id
1 'polypeptide(L)'
;MAAGRPLAWTLTLWQAWLILIGPSSEEPFPSAVTIKSWVDKMQEDLVTLAKTASGVHQLVDIYEKYQDLYTVEPNNARQL
VEIAARDIEKLLSNRSKALVRLALEAEKVQAAHQWREDFASNEVVYYNAKDDLDPEKNDSEPGSQRIKPVFIDDANFRRQ
VSYQHAAVHIPTDIYEGSTIVLNELNWTSALDDVFKKNREEDPSLLWQVFGSATGLARYYPASPWVDNSRTPNKIDLYDV
RRRPWYIQGAASPKDMLILVDVSGSVSGLTLKLIRTSVSEMLETLSDDDFVNVASFNSNAQDVSCFQHLVQANVRNKKVL
KDAVNNITAKGITDYKKGFSFAFEQLLNYNVSRANCNKIIMLFTDGGEERAQEIFAKYNKDKKVRVFTFSVGQHNYDRGP
IQWMACENKGYYYEIPSIGAIRINTQEYLDVLGRPMVLAGDKAKQVQWTNVYLDALELGLVITGTLPVFNITGQFENKTN
LKNQLILGVMGVDVSLEDIKRLTPRFTLCPNGYYFAIDPNGYVLLHPNLQPKPIGVGIPTINLRKRRPNVQNPKSQEPVT
LDFLDAELENDIKVEIRNKMIDGESGEKTFRTLVKSQDERYIDKGNRTYTWTPVNGTDYSLALVLPTYSFYYIKAKIEET
ITQARYSETLKPDNFEESGYTFLAPRDYCSDLKPSDNNTEFLLNFNEFIDRKTPNNPSCNTDLINRVLLDAGFTNELVQN
YWSKQKNIKGVKARFVVTDGGITRVYPKEAGENWQENPETYEDSFYKRSLDNDNYVFTAPYFNKSGPGAYESGIMVSKAV
EIYIQGKLLKPAVVGIKIDVNSWIENFTKTSIRDPCAGPVCDCKRNSDVMDCVILDDGGFLLMANHDDYTNQIGRFFGEI
DPSLMRHLVNISVYAFNKSYDYQSVCEPGAAPKQGAGHRSAYVPSIADILQIGWWATAAAWSILQQFLLSLTFPRLLEAA
DMEDDDFTASMSKQSCITEQTQYFFDNDSKSFSGVLDCGNCSRIFHVEKLMNTNLIFIMVESKGTCPCDTRLLIQAEQTS
DGPDPCDMVKQPRYRKGPDVCFDNNVLEDYTDCGGVSGLNPSLWSIIGIQFVLLWLVSGSRHCLL
;
D
2 'polypeptide(L)'
;MVNENTRMYIPEENHQGSNYGSPRPAHANMNANAAAGLAPEHIPTPGAALSWQAAIDAARQAKLMGSAGNATISTVSSTQ
RKRQQYGKPKKQGSTTATRPPRALLCLTLKNPIRRACISIVEWKPFEIIILLTIFANCVALAIYIPFPEDDSNATNSNLE
RVEYLFLIIFTVEAFLKVIAYGLLFHPNAYLRNGWNLLDFIIVVVGLFSAILEQATKADGANALGGKGAGFDVKALRAFR
VLRPLRLVSGVPSLQVVLNSIIKAMVPLLHIALLVLFVIIIYAIIGLELFMGKMHKTCYNQEGIADVPAEDDPSPCALET
GHGRQCQNGTVCKPGWDGPKHGITNFDNFAFAMLTVFQCITMEGWTDVLYWVNDAVGRDWPWIYFVTLIIIGSFFVLNLV
LGVLSGEFSKEREKAKARGDFQKLREKQQLEEDLKGYLDWITQAEDIDPENEDEGMDEEKPRNMSMPTSETESVNTENVA
GGDIEGENCGARLAHRISKSKFSRYWRRWNRFCRRKCRAAVKSNVFYWLVIFLVFLNTLTIASEHYNQPNWLTEVQDTAN
KALLALFTAEMLLKMYSLGLQAYFVSLFNRFDCFVVCGGILETILVETKIMSPLGISVLRCVRLLRIFKITRYWNSLSNL
VASLLNSVRSIASLLLLLFLFIIIFSLLGMQLFGGKFNFDEMQTRRSTFDNFPQSLLTVFQILTGEDWNSVMYDGIMAYG
GPSFPGMLVCIYFIILFICGNYILLNVFLAIAVDNLADAESLTSAQKEEEEEKERKKLARTASPEKKQELVEKPAVGESK
EEKIELKSITADGESPPATKINMDDLQPNENEDKSPYPNPETTGEEDEEEPEMPVGPRPRPLSELHLKEKAVPMPEASAF
FIFSSNNRFRLQCHRIVNDTIFTNLILFFILLSSISLAAEDPVQHTSFRNHILGNADYVFTSIFTLEIILKMTAYGAFLH
KGSFCRNYFNILDLLVVSVSLISFGIQSSAINVVKILRVLRVLRPLRAINRAKGLKHVVQCVFVAIRTIGNIVIVTTLLQ
FMFACIGVQLFKGKLYTCSDSSKQTEAECKGNYITYKDGEVDHPIIQPRSWENSKFDFDNVLAAMMALFTVSTFEGWPEL
LYRSIDSHTEDKGPIYNYRVEISIFFIIYIIIIAFFMMNIFVGFVIVTFQEQGEQEYKNCELDKNQRQCVEYALKARPLR
RYIPKNQHQYKVWYVVNSTYFEYLMFVLILLNTICLAMQHYGQSCLFKIAMNILNMLFTGLFTVEMILKLIAFKPKHYFC
DAWNTFDALIVVGSIVDIAITEVNPAEHTQCSPSMNAEENSRISITFFRLFRVMRLVKLLSRGEGIRTLLWTFIKSFQAL
PYVALLIVMLFFIYAVIGMQVFGKIALNDTTEINRNNNFQTFPQAVLLLFRCATGEAWQDIMLACMPGKKCAPESEPSNS
TEGETPCGSSFAVFYFISFYMLCAFLIINLFVAVIMDNFDYLTRDWSILGPHHLDEFKRIWAEYDPEAKGRIKHLDVVTL
LRRIQPPLGFGKLCPHRVACKRLVSMNMPLNSDGTVMFNATLFALVRTALRIKTEGNLEQANEELRAIIKKIWKRTSMKL
LDQVVPPAGDDEVTVGKFYATFLIQEYFRKFKKRKEQGLVGKPSQRNA
;
K
3 'polypeptide(L)'
;MYEDSYVPGFEDSEAGSADSYTSRPSLDSDVSLEEDRESARREVESQAQQQLERAKHKPVAFAVRTNVSYCGVLDEECPV
QGSGINFEAKDFLHIKEKYSNDWWIGRLVKEGGDIAFIPSPQRLESIRLKQEQKARRSGNPSSLSDIGNRRSPPPSLAKQ
KQKQAEHVPPYDVVPSMRPVVLVGPSLKGYEVTDMMQKALFDFLKHRFDGRISITRVTADLSLAKRSVLNNPGKRTIIER
SSARSSIAEVQSEIERIFELAKSLQLVVLDADTINHPAQLAKTSLAPIIVFVKVSSPKVLQRLIRSRGKSQMKHLTVQMM
AYDKLVQCPPESFDVILDENQLEDACEHLAEYLEVYWRATHHPAPGPGLLGPPSAIPGLQSQQLLGERGEEHSPLERDSL
MPSDEAWTGSSQRSSRHLEEDYADAYQDLYQPHRQHTSGLPSANGHDPQDRLLAQDSEHNHNDRNWQRNRPWPKDSY
;
C
#
# COMPACT_ATOMS: atom_id res chain seq x y z
N PHE A 29 82.49 -14.67 -23.45
CA PHE A 29 81.62 -14.12 -24.48
C PHE A 29 82.40 -13.87 -25.77
N PRO A 30 81.88 -14.36 -26.89
CA PRO A 30 82.58 -14.17 -28.16
C PRO A 30 82.61 -12.72 -28.59
N SER A 31 83.64 -12.38 -29.36
CA SER A 31 83.82 -11.02 -29.84
C SER A 31 82.78 -10.66 -30.90
N ALA A 32 82.72 -9.38 -31.25
CA ALA A 32 81.70 -8.90 -32.17
C ALA A 32 81.96 -9.34 -33.60
N VAL A 33 83.22 -9.61 -33.95
CA VAL A 33 83.54 -10.00 -35.32
C VAL A 33 82.96 -11.38 -35.65
N THR A 34 83.09 -12.33 -34.73
CA THR A 34 82.51 -13.64 -34.96
C THR A 34 80.99 -13.57 -35.03
N ILE A 35 80.38 -12.75 -34.18
CA ILE A 35 78.93 -12.56 -34.24
C ILE A 35 78.52 -12.00 -35.59
N LYS A 36 79.27 -11.01 -36.09
CA LYS A 36 78.96 -10.42 -37.39
C LYS A 36 79.09 -11.46 -38.50
N SER A 37 80.12 -12.31 -38.43
CA SER A 37 80.29 -13.34 -39.44
C SER A 37 79.15 -14.35 -39.41
N TRP A 38 78.73 -14.76 -38.22
CA TRP A 38 77.60 -15.68 -38.10
C TRP A 38 76.32 -15.07 -38.66
N VAL A 39 76.06 -13.80 -38.32
CA VAL A 39 74.86 -13.13 -38.81
C VAL A 39 74.91 -12.97 -40.32
N ASP A 40 76.09 -12.66 -40.86
CA ASP A 40 76.23 -12.54 -42.31
C ASP A 40 75.95 -13.87 -43.01
N LYS A 41 76.46 -14.97 -42.46
CA LYS A 41 76.20 -16.27 -43.08
C LYS A 41 74.71 -16.62 -43.02
N MET A 42 74.07 -16.39 -41.87
CA MET A 42 72.64 -16.68 -41.76
C MET A 42 71.83 -15.83 -42.73
N GLN A 43 72.15 -14.53 -42.82
CA GLN A 43 71.44 -13.65 -43.74
C GLN A 43 71.62 -14.10 -45.18
N GLU A 44 72.86 -14.45 -45.55
CA GLU A 44 73.10 -14.90 -46.92
C GLU A 44 72.27 -16.14 -47.23
N ASP A 45 72.26 -17.11 -46.32
CA ASP A 45 71.51 -18.35 -46.58
C ASP A 45 70.01 -18.06 -46.70
N LEU A 46 69.46 -17.32 -45.75
CA LEU A 46 68.01 -17.04 -45.78
C LEU A 46 67.62 -16.25 -47.02
N VAL A 47 68.35 -15.18 -47.31
CA VAL A 47 68.00 -14.32 -48.44
C VAL A 47 68.16 -15.06 -49.76
N THR A 48 69.22 -15.87 -49.90
CA THR A 48 69.40 -16.64 -51.12
C THR A 48 68.26 -17.64 -51.29
N LEU A 49 67.88 -18.34 -50.22
CA LEU A 49 66.79 -19.29 -50.31
C LEU A 49 65.50 -18.61 -50.73
N ALA A 50 65.15 -17.50 -50.07
CA ALA A 50 63.91 -16.81 -50.38
C ALA A 50 63.92 -16.29 -51.81
N LYS A 51 65.03 -15.66 -52.24
CA LYS A 51 65.11 -15.10 -53.57
C LYS A 51 64.99 -16.18 -54.64
N THR A 52 65.69 -17.31 -54.46
CA THR A 52 65.69 -18.32 -55.51
C THR A 52 64.38 -19.10 -55.53
N ALA A 53 63.79 -19.37 -54.37
CA ALA A 53 62.55 -20.14 -54.35
C ALA A 53 61.36 -19.30 -54.79
N SER A 54 61.29 -18.03 -54.37
CA SER A 54 60.15 -17.19 -54.70
C SER A 54 60.03 -16.97 -56.21
N GLY A 55 61.02 -16.30 -56.79
CA GLY A 55 61.00 -16.00 -58.21
C GLY A 55 60.65 -14.57 -58.52
N VAL A 56 61.16 -13.64 -57.71
CA VAL A 56 60.89 -12.22 -57.94
C VAL A 56 61.39 -11.78 -59.30
N HIS A 57 62.64 -12.14 -59.62
CA HIS A 57 63.23 -11.73 -60.89
C HIS A 57 62.49 -12.35 -62.07
N GLN A 58 62.11 -13.63 -61.94
CA GLN A 58 61.37 -14.30 -63.01
C GLN A 58 60.02 -13.63 -63.23
N LEU A 59 59.31 -13.27 -62.16
CA LEU A 59 58.02 -12.61 -62.30
C LEU A 59 58.18 -11.22 -62.92
N VAL A 60 59.21 -10.48 -62.52
CA VAL A 60 59.45 -9.17 -63.10
C VAL A 60 59.75 -9.29 -64.59
N ASP A 61 60.57 -10.27 -64.96
CA ASP A 61 60.88 -10.49 -66.38
C ASP A 61 59.62 -10.90 -67.15
N ILE A 62 58.77 -11.72 -66.56
CA ILE A 62 57.53 -12.12 -67.23
C ILE A 62 56.63 -10.91 -67.43
N TYR A 63 56.53 -10.03 -66.42
CA TYR A 63 55.75 -8.82 -66.56
C TYR A 63 56.29 -7.92 -67.66
N GLU A 64 57.61 -7.74 -67.71
CA GLU A 64 58.21 -6.81 -68.65
C GLU A 64 58.41 -7.38 -70.04
N LYS A 65 58.28 -8.70 -70.23
CA LYS A 65 58.55 -9.28 -71.53
C LYS A 65 57.53 -8.85 -72.57
N TYR A 66 56.25 -8.80 -72.20
CA TYR A 66 55.20 -8.55 -73.19
C TYR A 66 55.08 -7.06 -73.50
N GLN A 67 54.71 -6.26 -72.50
CA GLN A 67 54.55 -4.81 -72.64
C GLN A 67 53.60 -4.43 -73.77
N ASP A 68 52.79 -5.38 -74.24
CA ASP A 68 51.86 -5.14 -75.33
C ASP A 68 50.46 -5.65 -75.05
N LEU A 69 50.24 -6.35 -73.93
CA LEU A 69 48.92 -6.79 -73.52
C LEU A 69 48.32 -5.88 -72.45
N TYR A 70 48.96 -4.76 -72.16
CA TYR A 70 48.46 -3.84 -71.14
C TYR A 70 49.06 -2.47 -71.37
N THR A 71 48.44 -1.48 -70.73
CA THR A 71 48.84 -0.09 -70.88
C THR A 71 48.87 0.57 -69.51
N VAL A 72 49.85 1.44 -69.29
CA VAL A 72 50.00 2.15 -68.04
C VAL A 72 49.19 3.45 -68.12
N GLU A 73 48.34 3.68 -67.12
CA GLU A 73 47.48 4.85 -67.08
C GLU A 73 47.67 5.59 -65.76
N PRO A 74 47.73 6.91 -65.79
CA PRO A 74 47.94 7.68 -64.55
C PRO A 74 46.70 7.73 -63.69
N ASN A 75 46.92 7.97 -62.40
CA ASN A 75 45.85 8.19 -61.42
C ASN A 75 45.94 9.64 -60.94
N ASN A 76 45.25 10.53 -61.65
CA ASN A 76 45.23 11.95 -61.28
C ASN A 76 44.30 12.12 -60.08
N ALA A 77 44.87 12.46 -58.93
CA ALA A 77 44.09 12.47 -57.68
C ALA A 77 43.00 13.54 -57.69
N ARG A 78 43.32 14.74 -58.20
CA ARG A 78 42.37 15.84 -58.13
C ARG A 78 41.12 15.53 -58.95
N GLN A 79 41.29 15.00 -60.16
CA GLN A 79 40.15 14.67 -61.00
C GLN A 79 39.27 13.61 -60.36
N LEU A 80 39.89 12.57 -59.77
CA LEU A 80 39.10 11.51 -59.13
C LEU A 80 38.32 12.06 -57.94
N VAL A 81 38.95 12.90 -57.11
CA VAL A 81 38.26 13.46 -55.96
C VAL A 81 37.10 14.33 -56.41
N GLU A 82 37.31 15.17 -57.43
CA GLU A 82 36.24 16.04 -57.91
C GLU A 82 35.09 15.22 -58.48
N ILE A 83 35.38 14.18 -59.24
CA ILE A 83 34.33 13.35 -59.84
C ILE A 83 33.51 12.65 -58.75
N ALA A 84 34.20 12.08 -57.76
CA ALA A 84 33.48 11.40 -56.68
C ALA A 84 32.61 12.37 -55.90
N ALA A 85 33.13 13.56 -55.61
CA ALA A 85 32.34 14.56 -54.89
C ALA A 85 31.12 14.99 -55.71
N ARG A 86 31.29 15.13 -57.02
CA ARG A 86 30.16 15.49 -57.87
C ARG A 86 29.10 14.40 -57.87
N ASP A 87 29.51 13.13 -57.94
CA ASP A 87 28.54 12.05 -57.90
C ASP A 87 27.78 12.02 -56.57
N ILE A 88 28.49 12.20 -55.45
CA ILE A 88 27.83 12.24 -54.15
C ILE A 88 26.84 13.40 -54.08
N GLU A 89 27.24 14.56 -54.60
CA GLU A 89 26.35 15.71 -54.61
C GLU A 89 25.10 15.43 -55.43
N LYS A 90 25.26 14.79 -56.59
CA LYS A 90 24.10 14.49 -57.43
C LYS A 90 23.14 13.54 -56.72
N LEU A 91 23.67 12.51 -56.05
CA LEU A 91 22.82 11.57 -55.33
C LEU A 91 22.04 12.29 -54.22
N LEU A 92 22.74 13.12 -53.44
CA LEU A 92 22.05 13.83 -52.36
C LEU A 92 21.04 14.83 -52.89
N SER A 93 21.31 15.44 -54.06
CA SER A 93 20.33 16.33 -54.68
C SER A 93 19.08 15.58 -55.11
N ASN A 94 19.24 14.37 -55.66
CA ASN A 94 18.08 13.56 -56.00
C ASN A 94 17.24 13.27 -54.76
N ARG A 95 17.91 12.86 -53.67
CA ARG A 95 17.16 12.58 -52.43
C ARG A 95 16.45 13.82 -51.92
N SER A 96 17.11 14.99 -52.01
CA SER A 96 16.50 16.24 -51.57
C SER A 96 15.28 16.59 -52.40
N LYS A 97 15.34 16.37 -53.72
CA LYS A 97 14.17 16.58 -54.57
C LYS A 97 13.01 15.69 -54.13
N ALA A 98 13.30 14.42 -53.86
CA ALA A 98 12.25 13.51 -53.40
C ALA A 98 11.61 14.02 -52.10
N LEU A 99 12.45 14.44 -51.14
CA LEU A 99 11.94 14.94 -49.88
C LEU A 99 11.07 16.17 -50.08
N VAL A 100 11.50 17.10 -50.93
CA VAL A 100 10.74 18.33 -51.15
C VAL A 100 9.38 18.01 -51.75
N ARG A 101 9.34 17.11 -52.74
CA ARG A 101 8.07 16.74 -53.35
C ARG A 101 7.14 16.08 -52.33
N LEU A 102 7.67 15.18 -51.51
CA LEU A 102 6.85 14.53 -50.49
C LEU A 102 6.28 15.56 -49.51
N ALA A 103 7.12 16.50 -49.05
CA ALA A 103 6.66 17.49 -48.09
C ALA A 103 5.59 18.39 -48.69
N LEU A 104 5.78 18.81 -49.94
CA LEU A 104 4.79 19.66 -50.59
C LEU A 104 3.45 18.94 -50.71
N GLU A 105 3.47 17.69 -51.17
CA GLU A 105 2.23 16.95 -51.31
C GLU A 105 1.54 16.76 -49.96
N ALA A 106 2.32 16.43 -48.93
CA ALA A 106 1.74 16.22 -47.61
C ALA A 106 1.08 17.48 -47.09
N GLU A 107 1.76 18.63 -47.23
CA GLU A 107 1.17 19.89 -46.77
C GLU A 107 -0.11 20.21 -47.52
N LYS A 108 -0.09 20.05 -48.85
CA LYS A 108 -1.28 20.36 -49.65
C LYS A 108 -2.45 19.47 -49.26
N VAL A 109 -2.19 18.17 -49.05
CA VAL A 109 -3.27 17.26 -48.70
C VAL A 109 -3.83 17.57 -47.32
N GLN A 110 -2.95 17.85 -46.35
CA GLN A 110 -3.44 18.12 -45.01
C GLN A 110 -4.19 19.44 -44.93
N ALA A 111 -3.85 20.41 -45.78
CA ALA A 111 -4.52 21.69 -45.75
C ALA A 111 -6.02 21.55 -46.05
N ALA A 112 -6.37 20.77 -47.06
CA ALA A 112 -7.76 20.57 -47.46
C ALA A 112 -8.26 19.24 -46.91
N HIS A 113 -8.59 19.24 -45.63
CA HIS A 113 -9.10 18.04 -44.96
C HIS A 113 -10.20 18.42 -44.00
N GLN A 114 -11.27 17.64 -43.99
CA GLN A 114 -12.44 17.89 -43.16
C GLN A 114 -12.39 16.97 -41.95
N TRP A 115 -12.43 17.55 -40.75
CA TRP A 115 -12.46 16.78 -39.52
C TRP A 115 -13.79 16.04 -39.39
N ARG A 116 -13.73 14.85 -38.82
CA ARG A 116 -14.93 14.03 -38.68
C ARG A 116 -14.77 13.08 -37.49
N GLU A 117 -15.90 12.57 -37.00
CA GLU A 117 -15.94 11.64 -35.89
C GLU A 117 -16.84 10.44 -36.17
N ASP A 118 -17.17 10.20 -37.43
CA ASP A 118 -18.11 9.15 -37.84
C ASP A 118 -17.38 7.91 -38.36
N PHE A 119 -16.24 7.56 -37.77
CA PHE A 119 -15.45 6.44 -38.28
C PHE A 119 -16.12 5.10 -38.08
N ALA A 120 -17.20 5.03 -37.30
CA ALA A 120 -17.92 3.76 -37.16
C ALA A 120 -18.60 3.37 -38.45
N SER A 121 -19.27 4.32 -39.11
CA SER A 121 -19.96 4.01 -40.35
C SER A 121 -18.99 3.81 -41.51
N ASN A 122 -18.00 4.68 -41.63
CA ASN A 122 -17.02 4.62 -42.71
C ASN A 122 -15.64 4.31 -42.12
N GLU A 123 -14.98 3.30 -42.67
CA GLU A 123 -13.76 2.76 -42.10
C GLU A 123 -12.56 3.15 -42.96
N VAL A 124 -11.41 3.28 -42.30
CA VAL A 124 -10.15 3.54 -42.98
C VAL A 124 -9.45 2.22 -43.24
N VAL A 125 -9.06 1.99 -44.50
CA VAL A 125 -8.46 0.74 -44.91
C VAL A 125 -6.96 0.94 -45.05
N TYR A 126 -6.18 0.15 -44.34
CA TYR A 126 -4.73 0.29 -44.37
C TYR A 126 -4.08 -1.01 -43.93
N TYR A 127 -2.86 -1.22 -44.37
CA TYR A 127 -2.04 -2.33 -43.90
C TYR A 127 -1.24 -1.89 -42.67
N ASN A 128 -1.33 -2.68 -41.60
CA ASN A 128 -0.62 -2.41 -40.37
C ASN A 128 0.50 -3.43 -40.19
N ALA A 129 1.67 -2.96 -39.78
CA ALA A 129 2.79 -3.84 -39.46
C ALA A 129 2.61 -4.35 -38.04
N LYS A 130 3.64 -5.05 -37.52
CA LYS A 130 3.69 -5.59 -36.16
C LYS A 130 2.38 -6.25 -35.73
N ASP A 131 1.69 -6.89 -36.66
CA ASP A 131 0.44 -7.57 -36.37
C ASP A 131 0.52 -9.01 -36.88
N ASP A 132 -0.26 -9.88 -36.26
CA ASP A 132 -0.30 -11.30 -36.61
C ASP A 132 1.08 -11.94 -36.53
N GLU A 141 -10.92 -4.32 -34.92
CA GLU A 141 -11.52 -3.22 -34.15
C GLU A 141 -12.35 -2.33 -35.07
N PRO A 142 -13.42 -1.75 -34.52
CA PRO A 142 -14.32 -0.95 -35.36
C PRO A 142 -13.63 0.26 -35.95
N GLY A 143 -14.02 0.59 -37.19
CA GLY A 143 -13.52 1.77 -37.87
C GLY A 143 -12.27 1.56 -38.70
N SER A 144 -11.64 0.39 -38.65
CA SER A 144 -10.41 0.14 -39.38
C SER A 144 -10.48 -1.20 -40.10
N GLN A 145 -9.99 -1.21 -41.33
CA GLN A 145 -9.88 -2.42 -42.14
C GLN A 145 -8.41 -2.71 -42.41
N ARG A 146 -8.02 -3.96 -42.28
CA ARG A 146 -6.65 -4.39 -42.49
C ARG A 146 -6.47 -4.98 -43.88
N ILE A 147 -5.23 -4.94 -44.36
CA ILE A 147 -4.88 -5.40 -45.69
C ILE A 147 -3.90 -6.56 -45.58
N LYS A 148 -4.11 -7.59 -46.41
CA LYS A 148 -3.22 -8.73 -46.46
C LYS A 148 -2.32 -8.60 -47.68
N PRO A 149 -1.03 -8.35 -47.52
CA PRO A 149 -0.14 -8.11 -48.66
C PRO A 149 0.30 -9.41 -49.31
N VAL A 150 1.17 -9.30 -50.31
CA VAL A 150 1.73 -10.45 -51.00
C VAL A 150 3.16 -10.73 -50.56
N PHE A 151 3.94 -9.68 -50.28
CA PHE A 151 5.28 -9.79 -49.69
C PHE A 151 6.21 -10.63 -50.56
N ILE A 152 6.48 -10.12 -51.78
CA ILE A 152 7.52 -10.72 -52.59
C ILE A 152 8.89 -10.42 -51.97
N ASP A 153 9.90 -11.16 -52.43
CA ASP A 153 11.25 -11.03 -51.91
C ASP A 153 12.08 -10.17 -52.86
N ASP A 154 12.81 -9.20 -52.29
CA ASP A 154 13.59 -8.25 -53.06
C ASP A 154 15.06 -8.37 -52.69
N ALA A 155 15.92 -7.96 -53.62
CA ALA A 155 17.36 -8.06 -53.42
C ALA A 155 17.97 -6.84 -52.74
N ASN A 156 17.42 -5.65 -52.99
CA ASN A 156 17.95 -4.44 -52.36
C ASN A 156 17.69 -4.47 -50.85
N PHE A 157 16.41 -4.48 -50.47
CA PHE A 157 16.06 -4.69 -49.08
C PHE A 157 16.29 -6.15 -48.71
N ARG A 158 16.93 -6.38 -47.57
CA ARG A 158 17.24 -7.75 -47.15
C ARG A 158 16.09 -8.34 -46.33
N ARG A 159 14.89 -8.25 -46.89
CA ARG A 159 13.68 -8.83 -46.32
C ARG A 159 12.63 -8.87 -47.43
N GLN A 160 11.39 -9.13 -47.04
CA GLN A 160 10.28 -9.24 -47.99
C GLN A 160 9.45 -7.97 -47.94
N VAL A 161 9.21 -7.39 -49.12
CA VAL A 161 8.51 -6.11 -49.24
C VAL A 161 7.48 -6.21 -50.35
N SER A 162 6.52 -5.29 -50.32
CA SER A 162 5.49 -5.17 -51.33
C SER A 162 5.44 -3.72 -51.81
N TYR A 163 5.27 -3.54 -53.12
CA TYR A 163 5.28 -2.21 -53.74
C TYR A 163 3.88 -1.73 -54.11
N GLN A 164 2.87 -2.07 -53.33
CA GLN A 164 1.51 -1.67 -53.63
C GLN A 164 0.85 -0.82 -52.56
N HIS A 165 1.40 -0.78 -51.35
CA HIS A 165 0.86 0.06 -50.28
C HIS A 165 1.96 0.33 -49.28
N ALA A 166 1.73 1.29 -48.40
CA ALA A 166 2.71 1.74 -47.44
C ALA A 166 2.33 1.24 -46.05
N ALA A 167 3.29 0.61 -45.37
CA ALA A 167 3.05 0.10 -44.04
C ALA A 167 2.97 1.25 -43.03
N VAL A 168 2.31 0.98 -41.91
CA VAL A 168 2.11 1.95 -40.84
C VAL A 168 2.53 1.31 -39.53
N HIS A 169 3.38 1.99 -38.78
CA HIS A 169 3.79 1.57 -37.45
C HIS A 169 3.14 2.47 -36.42
N ILE A 170 2.43 1.86 -35.47
CA ILE A 170 1.76 2.57 -34.38
C ILE A 170 2.35 2.06 -33.07
N PRO A 171 2.94 2.94 -32.24
CA PRO A 171 3.57 2.46 -31.01
C PRO A 171 2.57 1.80 -30.07
N THR A 172 3.11 1.05 -29.12
CA THR A 172 2.28 0.20 -28.26
C THR A 172 1.30 1.03 -27.42
N ASP A 173 1.77 2.12 -26.83
CA ASP A 173 0.91 2.92 -25.95
C ASP A 173 -0.13 3.74 -26.71
N ILE A 174 -0.04 3.81 -28.03
CA ILE A 174 -1.00 4.55 -28.84
C ILE A 174 -2.05 3.58 -29.35
N TYR A 175 -3.31 3.82 -28.95
CA TYR A 175 -4.42 3.00 -29.41
C TYR A 175 -4.86 3.44 -30.79
N GLU A 176 -4.94 2.50 -31.72
CA GLU A 176 -5.23 2.80 -33.12
C GLU A 176 -6.71 3.04 -33.39
N GLY A 177 -7.54 3.14 -32.35
CA GLY A 177 -8.96 3.35 -32.54
C GLY A 177 -9.42 4.75 -32.22
N SER A 178 -8.52 5.57 -31.70
CA SER A 178 -8.88 6.94 -31.35
C SER A 178 -9.16 7.76 -32.60
N THR A 179 -9.85 8.89 -32.42
CA THR A 179 -10.25 9.70 -33.56
C THR A 179 -9.07 10.45 -34.16
N ILE A 180 -8.07 10.81 -33.35
CA ILE A 180 -6.90 11.50 -33.87
C ILE A 180 -6.10 10.58 -34.79
N VAL A 181 -5.88 9.33 -34.37
CA VAL A 181 -5.14 8.39 -35.21
C VAL A 181 -5.94 8.06 -36.46
N LEU A 182 -7.26 7.93 -36.33
CA LEU A 182 -8.10 7.64 -37.49
C LEU A 182 -8.04 8.77 -38.51
N ASN A 183 -8.10 10.02 -38.04
CA ASN A 183 -7.96 11.16 -38.94
C ASN A 183 -6.57 11.20 -39.56
N GLU A 184 -5.54 10.88 -38.77
CA GLU A 184 -4.18 10.82 -39.29
C GLU A 184 -4.08 9.85 -40.45
N LEU A 185 -4.58 8.62 -40.26
CA LEU A 185 -4.58 7.66 -41.35
C LEU A 185 -5.42 8.16 -42.52
N ASN A 186 -6.57 8.76 -42.23
CA ASN A 186 -7.47 9.21 -43.30
C ASN A 186 -6.79 10.21 -44.21
N TRP A 187 -6.10 11.21 -43.65
CA TRP A 187 -5.49 12.23 -44.48
C TRP A 187 -4.09 11.85 -44.95
N THR A 188 -3.42 10.91 -44.30
CA THR A 188 -2.12 10.44 -44.78
C THR A 188 -2.23 9.33 -45.81
N SER A 189 -3.43 8.79 -46.04
CA SER A 189 -3.56 7.78 -47.08
C SER A 189 -3.29 8.32 -48.49
N ALA A 190 -3.00 9.61 -48.65
CA ALA A 190 -2.73 10.18 -49.96
C ALA A 190 -1.24 10.21 -50.32
N LEU A 191 -0.37 9.78 -49.41
CA LEU A 191 1.06 9.78 -49.68
C LEU A 191 1.52 8.59 -50.51
N ASP A 192 0.68 7.57 -50.67
CA ASP A 192 1.11 6.37 -51.37
C ASP A 192 1.40 6.63 -52.84
N ASP A 193 0.58 7.46 -53.49
CA ASP A 193 0.80 7.75 -54.90
C ASP A 193 2.11 8.48 -55.13
N VAL A 194 2.42 9.46 -54.28
CA VAL A 194 3.70 10.16 -54.45
C VAL A 194 4.86 9.26 -54.06
N PHE A 195 4.67 8.35 -53.10
CA PHE A 195 5.69 7.35 -52.81
C PHE A 195 5.98 6.50 -54.05
N LYS A 196 4.92 6.03 -54.72
CA LYS A 196 5.10 5.21 -55.90
C LYS A 196 5.79 5.98 -57.02
N LYS A 197 5.42 7.25 -57.20
CA LYS A 197 6.07 8.06 -58.22
C LYS A 197 7.55 8.27 -57.89
N ASN A 198 7.87 8.52 -56.62
CA ASN A 198 9.26 8.69 -56.21
C ASN A 198 10.06 7.43 -56.49
N ARG A 199 9.52 6.26 -56.14
CA ARG A 199 10.26 5.02 -56.38
C ARG A 199 10.36 4.71 -57.87
N GLU A 200 9.37 5.13 -58.67
CA GLU A 200 9.44 4.93 -60.10
C GLU A 200 10.51 5.82 -60.73
N GLU A 201 10.69 7.03 -60.20
CA GLU A 201 11.73 7.91 -60.71
C GLU A 201 13.12 7.32 -60.49
N ASP A 202 13.40 6.90 -59.26
CA ASP A 202 14.70 6.32 -58.90
C ASP A 202 14.47 4.94 -58.29
N PRO A 203 14.65 3.87 -59.08
CA PRO A 203 14.43 2.51 -58.54
C PRO A 203 15.38 2.15 -57.41
N SER A 204 16.53 2.82 -57.29
CA SER A 204 17.47 2.57 -56.21
C SER A 204 17.06 3.23 -54.90
N LEU A 205 15.81 3.66 -54.80
CA LEU A 205 15.34 4.35 -53.59
C LEU A 205 15.24 3.38 -52.42
N LEU A 206 15.75 3.80 -51.27
CA LEU A 206 15.58 3.07 -50.03
C LEU A 206 14.33 3.57 -49.30
N TRP A 207 14.20 3.24 -48.02
CA TRP A 207 13.02 3.57 -47.25
C TRP A 207 12.62 5.04 -47.41
N GLN A 208 11.33 5.26 -47.59
CA GLN A 208 10.74 6.59 -47.47
C GLN A 208 9.80 6.55 -46.27
N VAL A 209 9.79 7.62 -45.47
CA VAL A 209 9.05 7.59 -44.23
C VAL A 209 8.48 8.96 -43.93
N PHE A 210 7.28 8.98 -43.36
CA PHE A 210 6.70 10.17 -42.76
C PHE A 210 6.37 9.85 -41.31
N GLY A 211 7.07 10.49 -40.37
CA GLY A 211 6.79 10.31 -38.97
C GLY A 211 5.94 11.43 -38.44
N SER A 212 4.73 11.09 -38.00
CA SER A 212 3.77 12.08 -37.55
C SER A 212 4.05 12.52 -36.12
N ALA A 213 3.48 13.66 -35.76
CA ALA A 213 3.56 14.14 -34.38
C ALA A 213 2.60 13.39 -33.45
N THR A 214 1.72 12.56 -34.00
CA THR A 214 0.78 11.80 -33.18
C THR A 214 1.32 10.43 -32.77
N GLY A 215 2.46 10.00 -33.30
CA GLY A 215 3.13 8.78 -32.89
C GLY A 215 3.33 7.78 -34.02
N LEU A 216 2.42 7.74 -34.99
CA LEU A 216 2.49 6.75 -36.05
C LEU A 216 3.48 7.18 -37.13
N ALA A 217 4.15 6.19 -37.71
CA ALA A 217 5.10 6.42 -38.79
C ALA A 217 4.68 5.61 -40.00
N ARG A 218 4.47 6.27 -41.13
CA ARG A 218 4.04 5.60 -42.36
C ARG A 218 5.22 5.51 -43.32
N TYR A 219 5.63 4.29 -43.63
CA TYR A 219 6.81 4.09 -44.45
C TYR A 219 6.50 3.22 -45.66
N TYR A 220 7.33 3.37 -46.67
CA TYR A 220 7.23 2.68 -47.94
C TYR A 220 8.63 2.20 -48.33
N PRO A 221 8.75 0.99 -48.88
CA PRO A 221 7.68 0.01 -49.18
C PRO A 221 7.17 -0.72 -47.94
N ALA A 222 6.04 -1.39 -48.06
CA ALA A 222 5.46 -2.10 -46.92
C ALA A 222 6.30 -3.31 -46.54
N SER A 223 6.56 -3.45 -45.24
CA SER A 223 7.33 -4.58 -44.74
C SER A 223 6.98 -4.79 -43.27
N PRO A 224 6.90 -6.03 -42.79
CA PRO A 224 6.55 -6.24 -41.38
C PRO A 224 7.62 -5.71 -40.45
N TRP A 225 7.19 -5.33 -39.25
CA TRP A 225 8.09 -4.77 -38.26
C TRP A 225 9.06 -5.85 -37.76
N VAL A 226 9.99 -5.43 -36.91
CA VAL A 226 11.10 -6.30 -36.51
C VAL A 226 10.72 -7.08 -35.26
N ASP A 227 11.26 -8.31 -35.18
CA ASP A 227 11.07 -9.17 -34.02
C ASP A 227 12.25 -10.14 -33.97
N ASN A 228 12.65 -10.50 -32.75
CA ASN A 228 13.81 -11.37 -32.52
C ASN A 228 13.35 -12.60 -31.76
N SER A 229 12.89 -13.61 -32.50
CA SER A 229 12.51 -14.93 -31.99
C SER A 229 11.40 -14.88 -30.95
N ARG A 230 10.71 -13.75 -30.81
CA ARG A 230 9.61 -13.60 -29.86
C ARG A 230 10.06 -13.92 -28.44
N THR A 231 11.28 -13.53 -28.10
CA THR A 231 11.76 -13.68 -26.74
C THR A 231 10.98 -12.75 -25.81
N PRO A 232 10.84 -13.12 -24.53
CA PRO A 232 10.11 -12.24 -23.60
C PRO A 232 10.67 -10.83 -23.53
N ASN A 233 11.98 -10.66 -23.72
CA ASN A 233 12.58 -9.33 -23.75
C ASN A 233 12.64 -8.76 -25.16
N LYS A 234 11.51 -8.79 -25.86
CA LYS A 234 11.41 -8.28 -27.22
C LYS A 234 10.14 -7.43 -27.37
N ILE A 235 9.91 -6.55 -26.41
CA ILE A 235 8.80 -5.62 -26.48
C ILE A 235 9.18 -4.46 -27.40
N ASP A 236 8.23 -4.01 -28.22
CA ASP A 236 8.49 -2.94 -29.19
C ASP A 236 8.26 -1.61 -28.50
N LEU A 237 9.36 -0.94 -28.13
CA LEU A 237 9.31 0.38 -27.54
C LEU A 237 9.67 1.47 -28.54
N TYR A 238 9.71 1.13 -29.82
CA TYR A 238 10.06 2.10 -30.85
C TYR A 238 9.06 3.25 -30.85
N ASP A 239 9.57 4.47 -30.91
CA ASP A 239 8.75 5.67 -31.01
C ASP A 239 9.41 6.61 -32.01
N VAL A 240 8.71 6.90 -33.11
CA VAL A 240 9.32 7.68 -34.19
C VAL A 240 9.64 9.10 -33.72
N ARG A 241 8.93 9.59 -32.71
CA ARG A 241 9.15 10.96 -32.24
C ARG A 241 10.46 11.12 -31.46
N ARG A 242 11.14 10.02 -31.12
CA ARG A 242 12.41 10.08 -30.42
C ARG A 242 13.61 9.78 -31.31
N ARG A 243 13.39 9.33 -32.54
CA ARG A 243 14.50 9.01 -33.42
C ARG A 243 15.30 10.26 -33.75
N PRO A 244 16.63 10.15 -33.83
CA PRO A 244 17.45 11.35 -34.09
C PRO A 244 17.13 12.05 -35.40
N TRP A 245 16.78 11.29 -36.45
CA TRP A 245 16.43 11.91 -37.72
C TRP A 245 15.15 12.73 -37.62
N TYR A 246 14.34 12.50 -36.59
CA TYR A 246 13.15 13.29 -36.32
C TYR A 246 13.47 14.51 -35.47
N ILE A 247 14.31 14.33 -34.44
CA ILE A 247 14.64 15.44 -33.54
C ILE A 247 15.48 16.49 -34.24
N GLN A 248 16.37 16.06 -35.15
CA GLN A 248 17.22 17.02 -35.83
C GLN A 248 16.45 17.90 -36.81
N GLY A 249 15.25 17.49 -37.19
CA GLY A 249 14.43 18.28 -38.08
C GLY A 249 13.26 18.93 -37.39
N ALA A 250 13.00 18.52 -36.15
CA ALA A 250 11.91 19.13 -35.38
C ALA A 250 12.30 20.45 -34.71
N ALA A 251 13.58 20.79 -34.69
CA ALA A 251 14.04 22.00 -34.02
C ALA A 251 15.47 22.29 -34.47
N SER A 252 16.12 23.22 -33.78
CA SER A 252 17.49 23.64 -34.02
C SER A 252 18.35 23.30 -32.82
N PRO A 253 19.68 23.27 -32.98
CA PRO A 253 20.55 22.94 -31.84
C PRO A 253 20.33 23.89 -30.67
N LYS A 254 20.59 23.39 -29.46
CA LYS A 254 20.28 24.09 -28.24
C LYS A 254 21.51 24.14 -27.34
N ASP A 255 21.36 24.86 -26.23
CA ASP A 255 22.39 25.03 -25.20
C ASP A 255 21.81 24.65 -23.85
N MET A 256 21.17 23.49 -23.79
CA MET A 256 20.42 23.07 -22.62
C MET A 256 21.32 22.97 -21.39
N LEU A 257 20.78 23.38 -20.25
CA LEU A 257 21.47 23.24 -18.96
C LEU A 257 20.46 22.68 -17.97
N ILE A 258 20.61 21.40 -17.64
CA ILE A 258 19.66 20.72 -16.77
C ILE A 258 19.95 21.10 -15.32
N LEU A 259 18.96 21.68 -14.66
CA LEU A 259 19.06 22.06 -13.25
C LEU A 259 18.21 21.08 -12.44
N VAL A 260 18.83 20.40 -11.49
CA VAL A 260 18.22 19.30 -10.77
C VAL A 260 18.08 19.68 -9.31
N ASP A 261 16.89 19.48 -8.75
CA ASP A 261 16.67 19.69 -7.32
C ASP A 261 17.13 18.45 -6.57
N VAL A 262 18.06 18.63 -5.64
CA VAL A 262 18.58 17.52 -4.85
C VAL A 262 18.43 17.85 -3.37
N SER A 263 17.43 18.65 -3.03
CA SER A 263 17.17 18.97 -1.63
C SER A 263 16.60 17.75 -0.91
N GLY A 264 16.60 17.83 0.42
CA GLY A 264 16.19 16.68 1.22
C GLY A 264 14.75 16.25 0.99
N SER A 265 13.88 17.19 0.66
CA SER A 265 12.47 16.86 0.43
C SER A 265 12.23 16.07 -0.86
N VAL A 266 13.26 15.66 -1.60
CA VAL A 266 13.08 14.91 -2.84
C VAL A 266 13.56 13.47 -2.73
N SER A 267 14.07 13.06 -1.56
CA SER A 267 14.55 11.70 -1.40
C SER A 267 13.39 10.70 -1.42
N GLY A 268 13.62 9.56 -2.06
CA GLY A 268 12.64 8.50 -2.15
C GLY A 268 12.38 8.10 -3.60
N LEU A 269 11.11 7.83 -3.91
CA LEU A 269 10.72 7.46 -5.26
C LEU A 269 10.95 8.62 -6.23
N THR A 270 10.69 9.85 -5.78
CA THR A 270 10.80 11.00 -6.67
C THR A 270 12.25 11.24 -7.11
N LEU A 271 13.23 10.95 -6.25
CA LEU A 271 14.62 11.11 -6.66
C LEU A 271 14.98 10.12 -7.76
N LYS A 272 14.53 8.86 -7.63
CA LYS A 272 14.75 7.87 -8.68
C LYS A 272 14.06 8.29 -9.98
N LEU A 273 12.84 8.82 -9.89
CA LEU A 273 12.15 9.33 -11.06
C LEU A 273 12.93 10.48 -11.70
N ILE A 274 13.50 11.36 -10.87
CA ILE A 274 14.29 12.47 -11.39
C ILE A 274 15.52 11.96 -12.13
N ARG A 275 16.21 10.97 -11.56
CA ARG A 275 17.39 10.42 -12.21
C ARG A 275 17.03 9.81 -13.56
N THR A 276 15.94 9.02 -13.59
CA THR A 276 15.52 8.39 -14.83
C THR A 276 15.11 9.44 -15.87
N SER A 277 14.40 10.49 -15.42
CA SER A 277 13.97 11.54 -16.33
C SER A 277 15.16 12.29 -16.90
N VAL A 278 16.17 12.56 -16.07
CA VAL A 278 17.37 13.23 -16.55
C VAL A 278 18.09 12.36 -17.59
N SER A 279 18.16 11.06 -17.34
CA SER A 279 18.80 10.18 -18.32
C SER A 279 18.03 10.18 -19.64
N GLU A 280 16.69 10.11 -19.57
CA GLU A 280 15.89 10.12 -20.80
C GLU A 280 15.98 11.45 -21.52
N MET A 281 16.09 12.56 -20.77
CA MET A 281 16.27 13.87 -21.38
C MET A 281 17.61 13.95 -22.09
N LEU A 282 18.67 13.45 -21.45
CA LEU A 282 19.98 13.42 -22.09
C LEU A 282 19.98 12.54 -23.34
N GLU A 283 19.12 11.52 -23.36
CA GLU A 283 19.06 10.65 -24.54
C GLU A 283 18.57 11.37 -25.79
N THR A 284 17.90 12.51 -25.64
CA THR A 284 17.36 13.23 -26.79
C THR A 284 18.37 14.15 -27.46
N LEU A 285 19.52 14.41 -26.82
CA LEU A 285 20.51 15.34 -27.35
C LEU A 285 21.38 14.66 -28.41
N SER A 286 22.10 15.50 -29.16
CA SER A 286 22.96 15.04 -30.25
C SER A 286 24.30 15.75 -30.15
N ASP A 287 25.12 15.61 -31.20
CA ASP A 287 26.47 16.17 -31.17
C ASP A 287 26.44 17.69 -31.31
N ASP A 288 25.47 18.24 -32.04
CA ASP A 288 25.38 19.67 -32.23
C ASP A 288 24.87 20.42 -31.00
N ASP A 289 24.35 19.71 -30.02
CA ASP A 289 23.81 20.33 -28.82
C ASP A 289 24.85 20.27 -27.69
N PHE A 290 24.80 21.28 -26.82
CA PHE A 290 25.71 21.37 -25.69
C PHE A 290 24.91 21.34 -24.41
N VAL A 291 25.42 20.62 -23.40
CA VAL A 291 24.66 20.39 -22.19
C VAL A 291 25.60 20.32 -21.00
N ASN A 292 25.09 20.70 -19.83
CA ASN A 292 25.75 20.48 -18.56
C ASN A 292 24.67 20.28 -17.51
N VAL A 293 25.01 19.57 -16.43
CA VAL A 293 24.06 19.23 -15.39
C VAL A 293 24.55 19.82 -14.08
N ALA A 294 23.69 20.57 -13.40
CA ALA A 294 23.99 21.17 -12.11
C ALA A 294 22.95 20.72 -11.08
N SER A 295 23.26 20.98 -9.82
CA SER A 295 22.37 20.63 -8.72
C SER A 295 22.43 21.72 -7.67
N PHE A 296 21.41 21.79 -6.82
CA PHE A 296 21.35 22.83 -5.81
C PHE A 296 20.60 22.34 -4.59
N ASN A 297 21.20 22.55 -3.41
CA ASN A 297 20.51 22.40 -2.13
C ASN A 297 21.17 23.39 -1.17
N SER A 298 20.62 24.60 -1.10
CA SER A 298 21.21 25.73 -0.38
C SER A 298 22.56 26.13 -0.97
N ASN A 299 22.98 25.46 -2.05
CA ASN A 299 24.24 25.72 -2.72
C ASN A 299 24.24 25.03 -4.08
N ALA A 300 24.57 25.77 -5.13
CA ALA A 300 24.54 25.25 -6.48
C ALA A 300 25.94 24.84 -6.91
N GLN A 301 26.05 23.64 -7.48
CA GLN A 301 27.33 23.14 -7.94
C GLN A 301 27.13 22.17 -9.09
N ASP A 302 28.19 21.99 -9.87
CA ASP A 302 28.17 21.03 -10.97
C ASP A 302 28.05 19.62 -10.45
N VAL A 303 27.50 18.74 -11.29
CA VAL A 303 27.31 17.34 -10.91
C VAL A 303 28.47 16.45 -11.35
N SER A 304 29.42 16.98 -12.12
CA SER A 304 30.50 16.18 -12.68
C SER A 304 31.74 17.04 -12.78
N CYS A 305 32.72 16.58 -13.55
CA CYS A 305 34.03 17.21 -13.67
C CYS A 305 34.10 18.26 -14.76
N PHE A 306 32.99 18.54 -15.46
CA PHE A 306 33.07 19.35 -16.67
C PHE A 306 33.17 20.83 -16.35
N GLN A 307 32.31 21.34 -15.47
CA GLN A 307 32.26 22.72 -14.99
C GLN A 307 31.75 23.70 -16.04
N HIS A 308 31.48 23.26 -17.26
CA HIS A 308 30.94 24.13 -18.29
C HIS A 308 30.30 23.25 -19.36
N LEU A 309 29.77 23.89 -20.39
CA LEU A 309 29.05 23.18 -21.45
C LEU A 309 30.01 22.31 -22.26
N VAL A 310 29.52 21.12 -22.64
CA VAL A 310 30.31 20.14 -23.37
C VAL A 310 29.52 19.73 -24.61
N GLN A 311 30.22 19.13 -25.56
CA GLN A 311 29.62 18.85 -26.87
C GLN A 311 28.53 17.79 -26.81
N ALA A 312 28.38 17.09 -25.69
CA ALA A 312 27.29 16.13 -25.48
C ALA A 312 27.32 15.01 -26.53
N ASN A 313 28.49 14.38 -26.65
CA ASN A 313 28.63 13.17 -27.46
C ASN A 313 28.47 11.95 -26.55
N VAL A 314 28.77 10.77 -27.08
CA VAL A 314 28.52 9.54 -26.33
C VAL A 314 29.31 9.50 -25.02
N ARG A 315 30.59 9.86 -25.07
CA ARG A 315 31.42 9.80 -23.86
C ARG A 315 30.96 10.81 -22.82
N ASN A 316 30.70 12.04 -23.23
CA ASN A 316 30.27 13.07 -22.29
C ASN A 316 28.90 12.75 -21.70
N LYS A 317 27.99 12.24 -22.54
CA LYS A 317 26.67 11.85 -22.03
C LYS A 317 26.77 10.69 -21.07
N LYS A 318 27.66 9.72 -21.34
CA LYS A 318 27.88 8.64 -20.40
C LYS A 318 28.41 9.16 -19.08
N VAL A 319 29.35 10.10 -19.12
CA VAL A 319 29.90 10.67 -17.89
C VAL A 319 28.79 11.38 -17.11
N LEU A 320 27.96 12.16 -17.80
CA LEU A 320 26.88 12.87 -17.14
C LEU A 320 25.87 11.92 -16.52
N LYS A 321 25.53 10.84 -17.23
CA LYS A 321 24.60 9.86 -16.68
C LYS A 321 25.19 9.18 -15.44
N ASP A 322 26.45 8.79 -15.50
CA ASP A 322 27.08 8.14 -14.35
C ASP A 322 27.20 9.09 -13.17
N ALA A 323 27.38 10.39 -13.44
CA ALA A 323 27.45 11.36 -12.35
C ALA A 323 26.08 11.64 -11.75
N VAL A 324 25.04 11.65 -12.58
CA VAL A 324 23.71 11.94 -12.07
C VAL A 324 23.09 10.72 -11.38
N ASN A 325 23.56 9.51 -11.70
CA ASN A 325 23.09 8.31 -11.00
C ASN A 325 23.78 8.09 -9.66
N ASN A 326 24.47 9.10 -9.11
CA ASN A 326 25.19 8.96 -7.86
C ASN A 326 24.95 10.15 -6.93
N ILE A 327 23.80 10.81 -7.08
CA ILE A 327 23.49 11.98 -6.27
C ILE A 327 22.58 11.59 -5.13
N THR A 328 22.67 12.34 -4.03
CA THR A 328 21.89 12.09 -2.83
C THR A 328 21.16 13.37 -2.44
N ALA A 329 20.00 13.20 -1.80
CA ALA A 329 19.14 14.31 -1.43
C ALA A 329 19.37 14.70 0.04
N LYS A 330 19.65 15.98 0.28
CA LYS A 330 19.88 16.49 1.61
C LYS A 330 19.91 18.01 1.56
N GLY A 331 19.53 18.64 2.67
CA GLY A 331 19.59 20.08 2.81
C GLY A 331 18.32 20.79 2.36
N ILE A 332 18.29 22.10 2.59
CA ILE A 332 17.15 22.94 2.24
C ILE A 332 17.23 23.32 0.77
N THR A 333 16.15 23.88 0.25
CA THR A 333 16.07 24.29 -1.14
C THR A 333 16.32 25.79 -1.28
N ASP A 334 16.97 26.18 -2.37
CA ASP A 334 17.25 27.59 -2.64
C ASP A 334 17.24 27.78 -4.16
N TYR A 335 16.12 28.28 -4.68
CA TYR A 335 15.97 28.44 -6.12
C TYR A 335 16.79 29.62 -6.65
N LYS A 336 17.01 30.63 -5.83
CA LYS A 336 17.70 31.83 -6.30
C LYS A 336 19.15 31.53 -6.66
N LYS A 337 19.88 30.84 -5.78
CA LYS A 337 21.26 30.49 -6.08
C LYS A 337 21.34 29.54 -7.27
N GLY A 338 20.44 28.56 -7.35
CA GLY A 338 20.45 27.63 -8.46
C GLY A 338 20.23 28.32 -9.79
N PHE A 339 19.25 29.23 -9.85
CA PHE A 339 18.99 29.94 -11.10
C PHE A 339 20.11 30.91 -11.42
N SER A 340 20.72 31.53 -10.42
CA SER A 340 21.90 32.37 -10.68
C SER A 340 23.01 31.55 -11.30
N PHE A 341 23.27 30.35 -10.77
CA PHE A 341 24.29 29.48 -11.32
C PHE A 341 23.95 29.09 -12.76
N ALA A 342 22.68 28.76 -13.01
CA ALA A 342 22.28 28.34 -14.35
C ALA A 342 22.42 29.47 -15.36
N PHE A 343 22.09 30.71 -14.96
CA PHE A 343 22.22 31.83 -15.88
C PHE A 343 23.69 32.20 -16.08
N GLU A 344 24.50 32.07 -15.03
CA GLU A 344 25.93 32.37 -15.16
C GLU A 344 26.61 31.40 -16.11
N GLN A 345 26.27 30.10 -16.01
CA GLN A 345 26.91 29.13 -16.89
C GLN A 345 26.49 29.28 -18.35
N LEU A 346 25.43 30.03 -18.63
CA LEU A 346 25.00 30.28 -19.99
C LEU A 346 25.53 31.59 -20.57
N LEU A 347 26.38 32.29 -19.83
CA LEU A 347 26.99 33.54 -20.29
C LEU A 347 28.50 33.42 -20.32
N ASN A 348 29.01 32.24 -20.67
CA ASN A 348 30.46 32.03 -20.64
C ASN A 348 31.13 32.59 -21.89
N TYR A 349 30.82 32.01 -23.05
CA TYR A 349 31.35 32.46 -24.34
C TYR A 349 32.87 32.33 -24.44
N ASN A 350 33.50 31.79 -23.40
CA ASN A 350 34.92 31.45 -23.44
C ASN A 350 35.17 30.05 -23.94
N VAL A 351 34.12 29.26 -24.15
CA VAL A 351 34.27 27.87 -24.59
C VAL A 351 33.50 27.68 -25.89
N SER A 352 33.54 26.46 -26.44
CA SER A 352 32.75 26.16 -27.62
C SER A 352 31.29 25.97 -27.24
N ARG A 353 30.41 26.58 -28.04
CA ARG A 353 28.98 26.55 -27.75
C ARG A 353 28.23 26.44 -29.07
N ALA A 354 26.91 26.63 -28.99
CA ALA A 354 26.05 26.63 -30.17
C ALA A 354 25.33 27.96 -30.39
N ASN A 355 25.07 28.73 -29.34
CA ASN A 355 24.47 30.06 -29.45
C ASN A 355 23.17 30.03 -30.25
N CYS A 356 22.35 29.03 -29.99
CA CYS A 356 21.11 28.96 -30.76
C CYS A 356 19.86 28.85 -29.90
N ASN A 357 19.92 28.12 -28.79
CA ASN A 357 18.75 27.96 -27.92
C ASN A 357 19.26 27.77 -26.50
N LYS A 358 19.26 28.86 -25.73
CA LYS A 358 19.61 28.81 -24.31
C LYS A 358 18.34 28.49 -23.53
N ILE A 359 18.28 27.28 -22.96
CA ILE A 359 17.11 26.81 -22.25
C ILE A 359 17.55 26.24 -20.91
N ILE A 360 16.74 26.45 -19.88
CA ILE A 360 16.97 25.91 -18.55
C ILE A 360 15.83 24.96 -18.23
N MET A 361 16.16 23.70 -17.99
CA MET A 361 15.18 22.65 -17.74
C MET A 361 15.26 22.27 -16.26
N LEU A 362 14.33 22.81 -15.47
CA LEU A 362 14.30 22.56 -14.03
C LEU A 362 13.52 21.29 -13.75
N PHE A 363 14.08 20.43 -12.90
CA PHE A 363 13.42 19.22 -12.41
C PHE A 363 13.23 19.38 -10.91
N THR A 364 11.99 19.48 -10.46
CA THR A 364 11.73 19.63 -9.03
C THR A 364 10.39 19.00 -8.72
N ASP A 365 9.90 19.23 -7.50
CA ASP A 365 8.58 18.78 -7.08
C ASP A 365 7.61 19.93 -6.85
N GLY A 366 7.99 20.89 -6.00
CA GLY A 366 7.12 22.03 -5.73
C GLY A 366 7.78 22.95 -4.75
N GLY A 367 7.17 24.12 -4.58
CA GLY A 367 7.69 25.11 -3.66
C GLY A 367 6.80 26.34 -3.65
N GLU A 368 7.23 27.33 -2.87
CA GLU A 368 6.50 28.58 -2.73
C GLU A 368 7.33 29.79 -3.14
N GLU A 369 8.47 29.60 -3.77
CA GLU A 369 9.37 30.68 -4.16
C GLU A 369 9.27 30.94 -5.65
N ARG A 370 9.04 32.19 -6.03
CA ARG A 370 8.98 32.58 -7.43
C ARG A 370 10.27 33.19 -7.94
N ALA A 371 11.01 33.91 -7.08
CA ALA A 371 12.30 34.49 -7.41
C ALA A 371 12.19 35.42 -8.62
N GLN A 372 11.41 36.47 -8.46
CA GLN A 372 11.22 37.44 -9.55
C GLN A 372 12.49 38.23 -9.80
N GLU A 373 13.28 38.50 -8.76
CA GLU A 373 14.48 39.32 -8.92
C GLU A 373 15.50 38.66 -9.84
N ILE A 374 15.68 37.34 -9.71
CA ILE A 374 16.67 36.67 -10.55
C ILE A 374 16.28 36.74 -12.02
N PHE A 375 14.99 36.51 -12.32
CA PHE A 375 14.55 36.56 -13.71
C PHE A 375 14.58 37.98 -14.26
N ALA A 376 14.25 38.97 -13.42
CA ALA A 376 14.32 40.36 -13.86
C ALA A 376 15.76 40.85 -13.95
N LYS A 377 16.70 40.13 -13.36
CA LYS A 377 18.11 40.51 -13.42
C LYS A 377 18.82 39.87 -14.60
N TYR A 378 18.60 38.58 -14.85
CA TYR A 378 19.37 37.86 -15.87
C TYR A 378 18.69 37.78 -17.22
N ASN A 379 17.37 37.95 -17.31
CA ASN A 379 16.73 38.01 -18.63
C ASN A 379 15.50 38.91 -18.54
N LYS A 380 15.69 40.19 -18.85
CA LYS A 380 14.56 41.09 -19.04
C LYS A 380 13.94 40.94 -20.42
N ASP A 381 14.73 40.52 -21.41
CA ASP A 381 14.29 40.43 -22.80
C ASP A 381 13.86 39.02 -23.18
N LYS A 382 13.73 38.12 -22.20
CA LYS A 382 13.24 36.76 -22.44
C LYS A 382 14.08 36.03 -23.48
N LYS A 383 15.39 36.15 -23.37
CA LYS A 383 16.29 35.48 -24.29
C LYS A 383 16.57 34.03 -23.91
N VAL A 384 16.16 33.59 -22.71
CA VAL A 384 16.38 32.24 -22.23
C VAL A 384 15.04 31.64 -21.87
N ARG A 385 14.71 30.50 -22.47
CA ARG A 385 13.50 29.78 -22.13
C ARG A 385 13.71 28.98 -20.84
N VAL A 386 12.63 28.82 -20.08
CA VAL A 386 12.65 28.04 -18.85
C VAL A 386 11.54 27.01 -18.94
N PHE A 387 11.91 25.74 -18.98
CA PHE A 387 10.97 24.63 -18.92
C PHE A 387 11.02 24.03 -17.53
N THR A 388 9.86 23.67 -16.99
CA THR A 388 9.77 23.21 -15.60
C THR A 388 9.08 21.86 -15.56
N PHE A 389 9.59 20.98 -14.70
CA PHE A 389 9.04 19.64 -14.53
C PHE A 389 8.77 19.41 -13.05
N SER A 390 7.55 18.95 -12.75
CA SER A 390 7.17 18.53 -11.40
C SER A 390 7.07 17.02 -11.40
N VAL A 391 7.93 16.37 -10.62
CA VAL A 391 8.15 14.93 -10.69
C VAL A 391 7.68 14.28 -9.40
N GLY A 392 6.97 13.17 -9.53
CA GLY A 392 6.52 12.41 -8.39
C GLY A 392 5.11 12.76 -7.96
N GLN A 393 4.67 12.05 -6.93
CA GLN A 393 3.34 12.24 -6.34
C GLN A 393 3.54 12.87 -4.96
N HIS A 394 3.09 14.11 -4.80
CA HIS A 394 3.28 14.86 -3.57
C HIS A 394 2.12 15.83 -3.40
N ASN A 395 2.20 16.64 -2.35
CA ASN A 395 1.16 17.61 -2.02
C ASN A 395 1.73 19.03 -1.92
N TYR A 396 2.83 19.30 -2.62
CA TYR A 396 3.46 20.61 -2.56
C TYR A 396 2.83 21.55 -3.58
N ASP A 397 2.95 22.84 -3.31
CA ASP A 397 2.40 23.87 -4.19
C ASP A 397 3.10 23.85 -5.53
N ARG A 398 2.32 23.94 -6.61
CA ARG A 398 2.84 23.93 -7.97
C ARG A 398 2.53 25.24 -8.70
N GLY A 399 2.26 26.31 -7.96
CA GLY A 399 1.94 27.60 -8.53
C GLY A 399 3.14 28.35 -9.07
N PRO A 400 4.13 28.62 -8.21
CA PRO A 400 5.34 29.31 -8.69
C PRO A 400 6.05 28.58 -9.81
N ILE A 401 5.99 27.25 -9.84
CA ILE A 401 6.60 26.49 -10.93
C ILE A 401 5.92 26.85 -12.25
N GLN A 402 4.59 26.89 -12.26
CA GLN A 402 3.86 27.26 -13.46
C GLN A 402 4.09 28.72 -13.83
N TRP A 403 4.23 29.60 -12.83
CA TRP A 403 4.53 31.00 -13.12
C TRP A 403 5.89 31.12 -13.79
N MET A 404 6.89 30.38 -13.31
CA MET A 404 8.19 30.37 -13.97
C MET A 404 8.07 29.86 -15.40
N ALA A 405 7.25 28.82 -15.61
CA ALA A 405 7.11 28.26 -16.95
C ALA A 405 6.39 29.22 -17.90
N CYS A 406 5.47 30.05 -17.38
CA CYS A 406 4.67 30.91 -18.24
C CYS A 406 5.30 32.28 -18.48
N GLU A 407 5.95 32.86 -17.48
CA GLU A 407 6.58 34.17 -17.65
C GLU A 407 7.64 34.11 -18.75
N ASN A 408 8.66 33.28 -18.56
CA ASN A 408 9.56 32.96 -19.64
C ASN A 408 8.84 32.11 -20.68
N LYS A 409 9.30 32.19 -21.93
CA LYS A 409 8.65 31.50 -23.04
C LYS A 409 8.96 30.00 -22.95
N GLY A 410 8.41 29.38 -21.91
CA GLY A 410 8.67 27.97 -21.65
C GLY A 410 7.43 27.12 -21.55
N TYR A 411 7.48 26.08 -20.73
CA TYR A 411 6.37 25.16 -20.57
C TYR A 411 6.49 24.45 -19.23
N TYR A 412 5.38 23.86 -18.80
CA TYR A 412 5.29 23.16 -17.53
C TYR A 412 4.81 21.73 -17.77
N TYR A 413 5.47 20.77 -17.12
CA TYR A 413 5.16 19.36 -17.30
C TYR A 413 5.06 18.66 -15.95
N GLU A 414 4.29 17.58 -15.92
CA GLU A 414 4.14 16.74 -14.74
C GLU A 414 4.52 15.31 -15.09
N ILE A 415 5.37 14.71 -14.26
CA ILE A 415 5.79 13.33 -14.44
C ILE A 415 5.52 12.56 -13.16
N PRO A 416 4.35 11.94 -13.01
CA PRO A 416 4.01 11.27 -11.76
C PRO A 416 4.47 9.82 -11.64
N SER A 417 4.89 9.19 -12.73
CA SER A 417 5.26 7.79 -12.70
C SER A 417 6.22 7.50 -13.86
N ILE A 418 6.79 6.29 -13.83
CA ILE A 418 7.76 5.89 -14.85
C ILE A 418 7.10 5.84 -16.23
N GLY A 419 5.80 5.56 -16.28
CA GLY A 419 5.12 5.45 -17.56
C GLY A 419 5.10 6.75 -18.35
N ALA A 420 5.01 7.88 -17.66
CA ALA A 420 4.94 9.18 -18.31
C ALA A 420 6.31 9.76 -18.65
N ILE A 421 7.40 9.10 -18.24
CA ILE A 421 8.73 9.63 -18.49
C ILE A 421 9.00 9.69 -19.99
N ARG A 422 8.61 8.64 -20.72
CA ARG A 422 8.94 8.55 -22.14
C ARG A 422 8.31 9.67 -22.94
N ILE A 423 7.07 10.02 -22.62
CA ILE A 423 6.34 11.01 -23.41
C ILE A 423 6.53 12.43 -22.88
N ASN A 424 6.62 12.61 -21.56
CA ASN A 424 6.70 13.93 -20.96
C ASN A 424 8.13 14.46 -20.88
N THR A 425 9.06 13.91 -21.65
CA THR A 425 10.42 14.44 -21.73
C THR A 425 10.84 14.75 -23.15
N GLN A 426 10.03 14.42 -24.15
CA GLN A 426 10.31 14.72 -25.55
C GLN A 426 9.36 15.77 -26.11
N GLU A 427 8.56 16.41 -25.26
CA GLU A 427 7.56 17.37 -25.72
C GLU A 427 8.11 18.79 -25.83
N TYR A 428 9.29 19.07 -25.29
CA TYR A 428 9.83 20.43 -25.38
C TYR A 428 10.22 20.81 -26.80
N LEU A 429 10.26 19.86 -27.73
CA LEU A 429 10.57 20.18 -29.11
C LEU A 429 9.41 20.84 -29.84
N ASP A 430 8.20 20.78 -29.26
CA ASP A 430 7.08 21.52 -29.84
C ASP A 430 7.20 23.01 -29.57
N VAL A 431 7.66 23.38 -28.37
CA VAL A 431 7.84 24.78 -28.05
C VAL A 431 9.00 25.37 -28.83
N LEU A 432 10.10 24.63 -28.95
CA LEU A 432 11.28 25.13 -29.65
C LEU A 432 11.09 25.23 -31.16
N GLY A 433 10.01 24.67 -31.71
CA GLY A 433 9.75 24.72 -33.13
C GLY A 433 8.87 25.86 -33.61
N ARG A 434 8.34 26.66 -32.68
CA ARG A 434 7.49 27.78 -33.09
C ARG A 434 8.20 28.80 -33.96
N PRO A 435 9.40 29.29 -33.61
CA PRO A 435 10.06 30.24 -34.52
C PRO A 435 10.37 29.68 -35.90
N MET A 436 10.69 28.38 -35.99
CA MET A 436 10.93 27.79 -37.30
C MET A 436 9.67 27.81 -38.15
N VAL A 437 8.53 27.46 -37.56
CA VAL A 437 7.27 27.50 -38.29
C VAL A 437 6.94 28.92 -38.71
N LEU A 438 7.14 29.89 -37.81
CA LEU A 438 6.85 31.28 -38.14
C LEU A 438 7.74 31.77 -39.27
N ALA A 439 9.00 31.37 -39.28
CA ALA A 439 9.86 31.69 -40.41
C ALA A 439 9.34 31.04 -41.69
N GLY A 440 8.92 29.79 -41.62
CA GLY A 440 8.21 29.15 -42.71
C GLY A 440 9.06 28.71 -43.89
N ASP A 441 8.94 29.44 -45.00
CA ASP A 441 9.51 28.99 -46.27
C ASP A 441 11.03 28.89 -46.19
N LYS A 442 11.68 29.87 -45.55
CA LYS A 442 13.14 29.87 -45.48
C LYS A 442 13.67 28.82 -44.50
N ALA A 443 12.81 28.04 -43.86
CA ALA A 443 13.21 26.97 -42.97
C ALA A 443 13.04 25.59 -43.60
N LYS A 444 12.81 25.54 -44.91
CA LYS A 444 12.64 24.27 -45.64
C LYS A 444 13.99 23.90 -46.25
N GLN A 445 14.88 23.40 -45.40
CA GLN A 445 16.23 23.01 -45.80
C GLN A 445 16.47 21.56 -45.44
N VAL A 446 16.99 20.80 -46.39
CA VAL A 446 17.25 19.37 -46.17
C VAL A 446 18.51 19.22 -45.32
N GLN A 447 18.39 18.41 -44.27
CA GLN A 447 19.50 18.14 -43.37
C GLN A 447 19.82 16.65 -43.38
N TRP A 448 21.11 16.32 -43.34
CA TRP A 448 21.58 14.95 -43.29
C TRP A 448 22.17 14.66 -41.93
N THR A 449 21.86 13.48 -41.39
CA THR A 449 22.18 13.14 -40.02
C THR A 449 23.45 12.29 -39.95
N ASN A 450 23.78 11.84 -38.74
CA ASN A 450 24.95 11.03 -38.51
C ASN A 450 24.78 9.64 -39.12
N VAL A 451 25.83 8.83 -39.02
CA VAL A 451 25.80 7.46 -39.50
C VAL A 451 25.29 6.58 -38.36
N TYR A 452 24.24 5.80 -38.63
CA TYR A 452 23.62 4.98 -37.59
C TYR A 452 23.13 3.69 -38.21
N LEU A 453 22.83 2.72 -37.34
CA LEU A 453 22.33 1.43 -37.78
C LEU A 453 20.82 1.50 -37.97
N ASP A 454 20.35 1.09 -39.15
CA ASP A 454 18.93 1.08 -39.43
C ASP A 454 18.21 0.11 -38.49
N ALA A 455 17.03 0.49 -38.04
CA ALA A 455 16.23 -0.35 -37.15
C ALA A 455 15.57 -1.51 -37.87
N LEU A 456 15.57 -1.52 -39.20
CA LEU A 456 15.01 -2.61 -39.99
C LEU A 456 16.09 -3.45 -40.64
N GLU A 457 17.26 -3.54 -40.01
CA GLU A 457 18.34 -4.44 -40.43
C GLU A 457 18.78 -4.17 -41.87
N LEU A 458 19.34 -2.97 -42.09
CA LEU A 458 19.82 -2.58 -43.40
C LEU A 458 21.29 -2.17 -43.42
N GLY A 459 21.92 -2.00 -42.26
CA GLY A 459 23.32 -1.63 -42.20
C GLY A 459 23.57 -0.24 -41.67
N LEU A 460 24.49 0.49 -42.28
CA LEU A 460 24.79 1.87 -41.88
C LEU A 460 24.17 2.80 -42.92
N VAL A 461 23.32 3.71 -42.44
CA VAL A 461 22.56 4.59 -43.32
C VAL A 461 22.60 6.02 -42.77
N ILE A 462 22.29 6.96 -43.65
CA ILE A 462 22.11 8.36 -43.28
C ILE A 462 20.76 8.83 -43.81
N THR A 463 20.05 9.63 -43.03
CA THR A 463 18.68 9.99 -43.33
C THR A 463 18.56 11.48 -43.65
N GLY A 464 17.93 11.79 -44.78
CA GLY A 464 17.55 13.16 -45.06
C GLY A 464 16.33 13.57 -44.25
N THR A 465 16.17 14.88 -44.08
CA THR A 465 15.13 15.37 -43.17
C THR A 465 14.57 16.68 -43.69
N LEU A 466 13.24 16.80 -43.63
CA LEU A 466 12.53 18.01 -44.01
C LEU A 466 11.20 18.08 -43.27
N PRO A 467 11.01 19.09 -42.41
CA PRO A 467 9.74 19.19 -41.67
C PRO A 467 8.60 19.61 -42.57
N VAL A 468 7.38 19.37 -42.08
CA VAL A 468 6.15 19.72 -42.78
C VAL A 468 5.30 20.60 -41.87
N PHE A 469 4.82 21.71 -42.41
CA PHE A 469 4.07 22.71 -41.66
C PHE A 469 2.57 22.54 -41.90
N ASN A 470 1.78 23.05 -40.95
CA ASN A 470 0.34 23.02 -41.02
C ASN A 470 -0.16 24.37 -41.53
N ILE A 471 -0.86 24.36 -42.67
CA ILE A 471 -1.23 25.59 -43.35
C ILE A 471 -2.74 25.67 -43.60
N THR A 472 -3.53 25.05 -42.73
CA THR A 472 -4.98 25.12 -42.88
C THR A 472 -5.47 26.54 -42.65
N GLY A 473 -6.33 27.02 -43.54
CA GLY A 473 -6.79 28.39 -43.47
C GLY A 473 -5.70 29.41 -43.68
N GLN A 474 -4.77 29.12 -44.59
CA GLN A 474 -3.66 30.03 -44.85
C GLN A 474 -4.09 31.24 -45.68
N PHE A 475 -5.04 31.04 -46.59
CA PHE A 475 -5.51 32.13 -47.44
C PHE A 475 -6.53 33.02 -46.73
N GLU A 476 -6.95 32.67 -45.52
CA GLU A 476 -7.91 33.48 -44.77
C GLU A 476 -7.36 34.01 -43.46
N ASN A 477 -6.25 33.47 -42.96
CA ASN A 477 -5.55 34.01 -41.79
C ASN A 477 -6.47 34.05 -40.56
N LYS A 478 -7.07 32.90 -40.24
CA LYS A 478 -8.07 32.85 -39.18
C LYS A 478 -7.49 32.41 -37.83
N THR A 479 -7.00 31.18 -37.75
CA THR A 479 -6.65 30.58 -36.44
C THR A 479 -5.28 31.03 -35.97
N ASN A 480 -4.23 30.65 -36.70
CA ASN A 480 -2.85 30.98 -36.36
C ASN A 480 -2.51 30.67 -34.90
N LEU A 481 -3.12 29.62 -34.36
CA LEU A 481 -2.80 29.18 -33.00
C LEU A 481 -2.28 27.75 -32.97
N LYS A 482 -2.97 26.81 -33.59
CA LYS A 482 -2.47 25.45 -33.74
C LYS A 482 -1.61 25.28 -34.99
N ASN A 483 -1.44 26.35 -35.76
CA ASN A 483 -0.58 26.35 -36.93
C ASN A 483 0.87 26.62 -36.58
N GLN A 484 1.19 26.82 -35.31
CA GLN A 484 2.57 27.03 -34.87
C GLN A 484 3.31 25.72 -34.64
N LEU A 485 2.67 24.57 -34.86
CA LEU A 485 3.28 23.28 -34.68
C LEU A 485 3.33 22.55 -36.02
N ILE A 486 4.32 21.68 -36.15
CA ILE A 486 4.55 20.95 -37.40
C ILE A 486 3.68 19.70 -37.41
N LEU A 487 3.33 19.25 -38.62
CA LEU A 487 2.60 18.00 -38.75
C LEU A 487 3.47 16.80 -38.44
N GLY A 488 4.72 16.84 -38.87
CA GLY A 488 5.63 15.72 -38.67
C GLY A 488 6.95 15.99 -39.35
N VAL A 489 7.68 14.91 -39.62
CA VAL A 489 8.97 15.00 -40.29
C VAL A 489 9.05 13.91 -41.34
N MET A 490 9.49 14.26 -42.54
CA MET A 490 9.69 13.29 -43.60
C MET A 490 11.16 12.93 -43.71
N GLY A 491 11.42 11.69 -44.10
CA GLY A 491 12.79 11.20 -44.15
C GLY A 491 12.98 10.22 -45.29
N VAL A 492 14.22 10.15 -45.78
CA VAL A 492 14.63 9.21 -46.80
C VAL A 492 16.03 8.72 -46.44
N ASP A 493 16.28 7.43 -46.65
CA ASP A 493 17.53 6.81 -46.20
C ASP A 493 18.46 6.57 -47.39
N VAL A 494 19.76 6.76 -47.15
CA VAL A 494 20.81 6.43 -48.11
C VAL A 494 21.78 5.50 -47.40
N SER A 495 22.10 4.37 -48.03
CA SER A 495 22.99 3.39 -47.43
C SER A 495 24.44 3.74 -47.74
N LEU A 496 25.33 3.39 -46.80
CA LEU A 496 26.75 3.64 -47.01
C LEU A 496 27.32 2.81 -48.16
N GLU A 497 26.65 1.72 -48.55
CA GLU A 497 27.10 0.97 -49.71
C GLU A 497 26.82 1.73 -51.00
N ASP A 498 25.74 2.53 -51.04
CA ASP A 498 25.52 3.40 -52.18
C ASP A 498 26.63 4.44 -52.28
N ILE A 499 27.11 4.95 -51.14
CA ILE A 499 28.23 5.87 -51.15
C ILE A 499 29.50 5.17 -51.64
N LYS A 500 29.74 3.94 -51.17
CA LYS A 500 30.95 3.21 -51.56
C LYS A 500 30.93 2.83 -53.03
N ARG A 501 29.75 2.65 -53.62
CA ARG A 501 29.68 2.35 -55.05
C ARG A 501 30.14 3.53 -55.91
N LEU A 502 30.18 4.73 -55.34
CA LEU A 502 30.60 5.92 -56.07
C LEU A 502 32.10 6.20 -55.93
N THR A 503 32.82 5.37 -55.18
CA THR A 503 34.27 5.54 -54.95
C THR A 503 34.96 4.22 -55.24
N PRO A 504 35.15 3.88 -56.52
CA PRO A 504 35.86 2.64 -56.84
C PRO A 504 37.30 2.67 -56.33
N ARG A 505 37.78 1.50 -55.93
CA ARG A 505 39.11 1.39 -55.34
C ARG A 505 40.04 0.44 -56.09
N PHE A 506 39.55 -0.31 -57.07
CA PHE A 506 40.36 -1.35 -57.70
C PHE A 506 41.30 -0.80 -58.77
N THR A 507 41.23 0.49 -59.07
CA THR A 507 42.26 1.11 -59.89
C THR A 507 43.42 1.63 -59.06
N LEU A 508 43.25 1.69 -57.74
CA LEU A 508 44.32 2.07 -56.83
C LEU A 508 45.11 0.83 -56.43
N CYS A 509 45.95 0.97 -55.42
CA CYS A 509 46.67 -0.13 -54.80
C CYS A 509 46.03 -0.48 -53.47
N PRO A 510 46.42 -1.62 -52.85
CA PRO A 510 45.84 -1.99 -51.56
C PRO A 510 46.07 -0.98 -50.43
N ASN A 511 46.79 0.10 -50.70
CA ASN A 511 47.08 1.09 -49.67
C ASN A 511 46.40 2.44 -49.90
N GLY A 512 45.78 2.67 -51.04
CA GLY A 512 45.08 3.91 -51.32
C GLY A 512 43.59 3.75 -51.10
N TYR A 513 42.95 4.82 -50.63
CA TYR A 513 41.55 4.73 -50.26
C TYR A 513 40.94 6.12 -50.12
N TYR A 514 39.62 6.18 -50.18
CA TYR A 514 38.87 7.42 -49.95
C TYR A 514 38.42 7.52 -48.50
N PHE A 515 38.12 8.74 -48.07
CA PHE A 515 37.43 8.94 -46.80
C PHE A 515 36.84 10.34 -46.78
N ALA A 516 35.66 10.46 -46.17
CA ALA A 516 34.94 11.73 -46.11
C ALA A 516 34.50 12.01 -44.68
N ILE A 517 34.47 13.30 -44.33
CA ILE A 517 34.09 13.73 -42.99
C ILE A 517 33.10 14.88 -43.07
N ASP A 518 32.43 15.13 -41.96
CA ASP A 518 31.49 16.22 -41.74
C ASP A 518 32.11 17.24 -40.81
N PRO A 519 31.57 18.47 -40.74
CA PRO A 519 32.25 19.53 -39.97
C PRO A 519 32.39 19.26 -38.48
N ASN A 520 31.87 18.14 -37.98
CA ASN A 520 32.13 17.72 -36.60
C ASN A 520 33.38 16.87 -36.47
N GLY A 521 34.00 16.49 -37.58
CA GLY A 521 35.16 15.61 -37.56
C GLY A 521 34.83 14.15 -37.67
N TYR A 522 33.57 13.77 -37.53
CA TYR A 522 33.18 12.37 -37.61
C TYR A 522 33.29 11.89 -39.05
N VAL A 523 33.35 10.56 -39.19
CA VAL A 523 33.65 9.91 -40.45
C VAL A 523 32.35 9.47 -41.11
N LEU A 524 32.20 9.80 -42.40
CA LEU A 524 31.12 9.28 -43.21
C LEU A 524 31.53 8.06 -44.02
N LEU A 525 32.81 7.95 -44.36
CA LEU A 525 33.31 6.85 -45.18
C LEU A 525 34.75 6.58 -44.80
N HIS A 526 35.07 5.32 -44.55
CA HIS A 526 36.43 4.93 -44.17
C HIS A 526 36.55 3.41 -44.21
N PRO A 527 37.74 2.87 -44.53
CA PRO A 527 37.93 1.42 -44.45
C PRO A 527 37.93 0.87 -43.04
N ASN A 528 38.03 1.73 -42.01
CA ASN A 528 38.08 1.29 -40.63
C ASN A 528 36.77 1.57 -39.88
N LEU A 529 35.68 1.80 -40.61
CA LEU A 529 34.36 1.97 -40.02
C LEU A 529 33.58 0.68 -40.23
N GLN A 530 33.09 0.10 -39.14
CA GLN A 530 32.47 -1.21 -39.19
C GLN A 530 31.06 -1.16 -38.60
N PRO A 531 30.16 -2.01 -39.08
CA PRO A 531 28.76 -1.95 -38.60
C PRO A 531 28.60 -2.43 -37.17
N LYS A 532 29.18 -1.71 -36.23
CA LYS A 532 29.08 -2.04 -34.81
C LYS A 532 28.90 -0.75 -34.02
N PRO A 533 28.25 -0.82 -32.86
CA PRO A 533 28.10 0.38 -32.03
C PRO A 533 29.43 0.83 -31.45
N ILE A 534 29.54 2.13 -31.20
CA ILE A 534 30.75 2.69 -30.62
C ILE A 534 30.80 2.30 -29.15
N GLY A 535 31.93 1.70 -28.74
CA GLY A 535 32.08 1.26 -27.36
C GLY A 535 32.47 2.40 -26.44
N VAL A 536 31.95 2.32 -25.21
CA VAL A 536 32.20 3.32 -24.18
C VAL A 536 32.58 2.61 -22.90
N GLY A 537 33.78 2.90 -22.39
CA GLY A 537 34.22 2.38 -21.11
C GLY A 537 34.34 0.86 -21.02
N ILE A 538 34.70 0.37 -19.84
CA ILE A 538 34.82 -1.08 -19.62
C ILE A 538 33.43 -1.65 -19.38
N PRO A 539 33.03 -2.71 -20.09
CA PRO A 539 31.70 -3.28 -19.88
C PRO A 539 31.58 -4.00 -18.54
N THR A 540 30.80 -3.43 -17.63
CA THR A 540 30.58 -4.01 -16.30
C THR A 540 29.18 -4.59 -16.24
N ILE A 541 29.06 -5.82 -15.74
CA ILE A 541 27.79 -6.52 -15.65
C ILE A 541 27.61 -7.04 -14.23
N ASN A 542 26.35 -7.24 -13.86
CA ASN A 542 26.01 -7.76 -12.53
C ASN A 542 25.70 -9.25 -12.59
N SER A 555 20.85 0.34 -31.69
CA SER A 555 20.66 1.29 -32.78
C SER A 555 20.21 2.65 -32.23
N GLN A 556 19.98 2.71 -30.91
CA GLN A 556 19.59 3.98 -30.30
C GLN A 556 20.69 5.01 -30.38
N GLU A 557 21.98 4.59 -30.18
CA GLU A 557 23.09 5.52 -30.26
C GLU A 557 23.69 5.53 -31.67
N PRO A 558 24.24 6.66 -32.09
CA PRO A 558 24.83 6.74 -33.43
C PRO A 558 26.23 6.17 -33.46
N VAL A 559 26.66 5.80 -34.66
CA VAL A 559 28.02 5.30 -34.89
C VAL A 559 28.87 6.51 -35.28
N THR A 560 29.43 7.18 -34.28
CA THR A 560 30.23 8.39 -34.47
C THR A 560 31.69 8.06 -34.23
N LEU A 561 32.47 7.91 -35.30
CA LEU A 561 33.89 7.64 -35.22
C LEU A 561 34.64 8.85 -35.79
N ASP A 562 35.51 9.43 -34.97
CA ASP A 562 36.27 10.59 -35.39
C ASP A 562 37.38 10.17 -36.37
N PHE A 563 37.81 11.14 -37.18
CA PHE A 563 38.86 10.86 -38.15
C PHE A 563 40.19 10.55 -37.47
N LEU A 564 40.47 11.21 -36.35
CA LEU A 564 41.73 10.99 -35.64
C LEU A 564 41.72 9.71 -34.82
N ASP A 565 40.59 9.02 -34.73
CA ASP A 565 40.53 7.74 -34.03
C ASP A 565 40.44 6.55 -34.99
N ALA A 566 40.08 6.78 -36.25
CA ALA A 566 40.10 5.71 -37.25
C ALA A 566 41.49 5.45 -37.81
N GLU A 567 42.45 6.33 -37.54
CA GLU A 567 43.83 6.18 -38.00
C GLU A 567 44.75 6.51 -36.84
N LEU A 568 46.03 6.64 -37.13
CA LEU A 568 47.01 7.06 -36.13
C LEU A 568 47.08 8.58 -36.10
N GLU A 569 46.97 9.15 -34.90
CA GLU A 569 46.94 10.59 -34.75
C GLU A 569 48.33 11.18 -35.01
N ASN A 570 48.35 12.36 -35.62
CA ASN A 570 49.59 13.03 -35.98
C ASN A 570 49.29 14.51 -36.20
N ASP A 571 50.33 15.34 -36.04
CA ASP A 571 50.14 16.78 -36.19
C ASP A 571 49.69 17.14 -37.61
N ILE A 572 50.29 16.51 -38.62
CA ILE A 572 49.86 16.77 -39.99
C ILE A 572 48.44 16.28 -40.21
N LYS A 573 48.06 15.17 -39.57
CA LYS A 573 46.68 14.72 -39.63
C LYS A 573 45.73 15.75 -39.03
N VAL A 574 46.11 16.34 -37.90
CA VAL A 574 45.28 17.36 -37.27
C VAL A 574 45.14 18.57 -38.18
N GLU A 575 46.24 19.00 -38.80
CA GLU A 575 46.19 20.15 -39.70
C GLU A 575 45.31 19.87 -40.90
N ILE A 576 45.42 18.68 -41.49
CA ILE A 576 44.61 18.31 -42.64
C ILE A 576 43.14 18.25 -42.26
N ARG A 577 42.84 17.68 -41.09
CA ARG A 577 41.45 17.61 -40.63
C ARG A 577 40.87 19.00 -40.44
N ASN A 578 41.60 19.88 -39.75
CA ASN A 578 41.10 21.25 -39.53
C ASN A 578 40.99 22.01 -40.84
N LYS A 579 41.85 21.72 -41.82
CA LYS A 579 41.81 22.45 -43.08
C LYS A 579 40.66 21.98 -43.96
N MET A 580 40.35 20.68 -43.93
CA MET A 580 39.25 20.17 -44.75
C MET A 580 37.90 20.30 -44.07
N ILE A 581 37.88 20.56 -42.76
CA ILE A 581 36.61 20.85 -42.10
C ILE A 581 36.05 22.18 -42.58
N ASP A 582 36.92 23.17 -42.77
CA ASP A 582 36.53 24.52 -43.19
C ASP A 582 36.21 24.61 -44.68
N GLY A 583 36.03 23.49 -45.37
CA GLY A 583 35.66 23.50 -46.78
C GLY A 583 36.69 24.09 -47.70
N GLU A 584 37.95 23.69 -47.54
CA GLU A 584 39.03 24.11 -48.42
C GLU A 584 39.42 22.97 -49.34
N SER A 585 40.34 23.27 -50.26
CA SER A 585 40.92 22.30 -51.17
C SER A 585 42.43 22.31 -51.01
N GLY A 586 43.03 21.12 -50.98
CA GLY A 586 44.46 21.10 -50.76
C GLY A 586 45.06 19.75 -51.08
N GLU A 587 46.39 19.73 -51.08
CA GLU A 587 47.17 18.53 -51.34
C GLU A 587 48.45 18.60 -50.51
N LYS A 588 48.77 17.50 -49.85
CA LYS A 588 49.90 17.46 -48.91
C LYS A 588 50.57 16.11 -49.01
N THR A 589 51.88 16.10 -49.26
CA THR A 589 52.67 14.88 -49.32
C THR A 589 53.64 14.84 -48.15
N PHE A 590 53.64 13.74 -47.41
CA PHE A 590 54.49 13.64 -46.22
C PHE A 590 54.79 12.16 -45.95
N ARG A 591 55.39 11.90 -44.79
CA ARG A 591 55.75 10.56 -44.36
C ARG A 591 55.14 10.29 -43.00
N THR A 592 54.55 9.12 -42.83
CA THR A 592 53.81 8.83 -41.61
C THR A 592 53.87 7.33 -41.30
N LEU A 593 53.53 7.00 -40.06
CA LEU A 593 53.45 5.62 -39.62
C LEU A 593 52.09 5.03 -39.97
N VAL A 594 52.09 3.82 -40.51
CA VAL A 594 50.88 3.13 -40.92
C VAL A 594 50.81 1.79 -40.19
N LYS A 595 49.65 1.52 -39.60
CA LYS A 595 49.43 0.26 -38.92
C LYS A 595 49.00 -0.82 -39.90
N SER A 596 49.51 -2.02 -39.72
CA SER A 596 49.17 -3.13 -40.60
C SER A 596 47.73 -3.57 -40.36
N GLN A 597 47.19 -4.32 -41.33
CA GLN A 597 45.80 -4.78 -41.23
C GLN A 597 45.62 -5.69 -40.02
N ASP A 598 46.52 -6.65 -39.84
CA ASP A 598 46.58 -7.39 -38.58
C ASP A 598 47.34 -6.52 -37.58
N GLU A 599 46.67 -6.17 -36.49
CA GLU A 599 47.15 -5.11 -35.61
C GLU A 599 48.36 -5.55 -34.79
N ARG A 600 49.47 -5.81 -35.47
CA ARG A 600 50.71 -6.21 -34.82
C ARG A 600 51.95 -5.52 -35.36
N TYR A 601 51.90 -4.87 -36.51
CA TYR A 601 53.07 -4.26 -37.14
C TYR A 601 52.77 -2.82 -37.55
N ILE A 602 53.80 -1.98 -37.46
CA ILE A 602 53.73 -0.59 -37.89
C ILE A 602 54.91 -0.31 -38.82
N ASP A 603 54.64 0.31 -39.96
CA ASP A 603 55.69 0.61 -40.93
C ASP A 603 55.62 2.07 -41.35
N LYS A 604 56.78 2.62 -41.70
CA LYS A 604 56.86 4.02 -42.14
C LYS A 604 56.66 4.09 -43.65
N GLY A 605 55.79 4.97 -44.10
CA GLY A 605 55.48 5.08 -45.51
C GLY A 605 55.19 6.51 -45.91
N ASN A 606 55.43 6.81 -47.18
CA ASN A 606 55.14 8.11 -47.74
C ASN A 606 53.72 8.13 -48.31
N ARG A 607 52.94 9.14 -47.92
CA ARG A 607 51.55 9.25 -48.31
C ARG A 607 51.28 10.64 -48.89
N THR A 608 50.21 10.73 -49.67
CA THR A 608 49.75 11.97 -50.27
C THR A 608 48.25 12.10 -50.08
N TYR A 609 47.81 13.26 -49.58
CA TYR A 609 46.41 13.54 -49.34
C TYR A 609 45.94 14.65 -50.29
N THR A 610 44.76 14.45 -50.86
CA THR A 610 44.14 15.44 -51.76
C THR A 610 42.68 15.56 -51.36
N TRP A 611 42.28 16.73 -50.84
CA TRP A 611 40.94 16.92 -50.32
C TRP A 611 40.26 18.10 -50.99
N THR A 612 38.97 17.93 -51.28
CA THR A 612 38.09 18.96 -51.80
C THR A 612 36.78 18.92 -51.03
N PRO A 613 36.04 20.03 -51.00
CA PRO A 613 34.70 20.01 -50.41
C PRO A 613 33.67 19.50 -51.41
N VAL A 614 32.60 18.93 -50.86
CA VAL A 614 31.48 18.46 -51.67
C VAL A 614 30.51 19.62 -51.85
N ASN A 615 30.32 20.05 -53.10
CA ASN A 615 29.53 21.23 -53.38
C ASN A 615 28.08 21.02 -52.96
N GLY A 616 27.50 22.03 -52.33
CA GLY A 616 26.13 21.96 -51.86
C GLY A 616 25.97 21.46 -50.45
N THR A 617 26.58 20.31 -50.14
CA THR A 617 26.49 19.73 -48.82
C THR A 617 27.59 20.29 -47.93
N ASP A 618 27.75 19.75 -46.73
CA ASP A 618 28.77 20.18 -45.79
C ASP A 618 29.82 19.09 -45.55
N TYR A 619 30.01 18.19 -46.49
CA TYR A 619 30.98 17.12 -46.36
C TYR A 619 32.27 17.48 -47.10
N SER A 620 33.35 16.82 -46.70
CA SER A 620 34.64 16.97 -47.36
C SER A 620 35.21 15.58 -47.64
N LEU A 621 35.79 15.41 -48.83
CA LEU A 621 36.25 14.12 -49.30
C LEU A 621 37.73 14.19 -49.66
N ALA A 622 38.48 13.18 -49.23
CA ALA A 622 39.91 13.09 -49.49
C ALA A 622 40.23 11.80 -50.22
N LEU A 623 41.52 11.60 -50.49
CA LEU A 623 41.98 10.40 -51.21
C LEU A 623 43.43 10.17 -50.85
N VAL A 624 43.71 9.12 -50.08
CA VAL A 624 45.06 8.77 -49.69
C VAL A 624 45.64 7.86 -50.76
N LEU A 625 46.80 8.23 -51.29
CA LEU A 625 47.38 7.56 -52.44
C LEU A 625 48.90 7.52 -52.28
N PRO A 626 49.48 6.35 -52.01
CA PRO A 626 50.93 6.26 -51.86
C PRO A 626 51.65 6.60 -53.15
N THR A 627 52.93 6.96 -53.00
CA THR A 627 53.70 7.50 -54.12
C THR A 627 53.89 6.48 -55.24
N TYR A 628 53.91 5.19 -54.90
CA TYR A 628 54.12 4.16 -55.90
C TYR A 628 52.83 3.72 -56.59
N SER A 629 51.71 4.34 -56.27
CA SER A 629 50.42 3.99 -56.88
C SER A 629 49.85 5.15 -57.69
N PHE A 630 50.71 5.97 -58.29
CA PHE A 630 50.26 7.03 -59.17
C PHE A 630 49.97 6.53 -60.58
N TYR A 631 50.27 5.27 -60.88
CA TYR A 631 49.97 4.66 -62.16
C TYR A 631 49.33 3.30 -61.92
N TYR A 632 48.58 2.83 -62.90
CA TYR A 632 47.95 1.52 -62.83
C TYR A 632 48.01 0.87 -64.19
N ILE A 633 47.77 -0.44 -64.21
CA ILE A 633 47.80 -1.25 -65.42
C ILE A 633 46.37 -1.52 -65.85
N LYS A 634 46.06 -1.21 -67.10
CA LYS A 634 44.79 -1.59 -67.71
C LYS A 634 45.06 -2.62 -68.79
N ALA A 635 44.11 -3.53 -68.98
CA ALA A 635 44.33 -4.67 -69.87
C ALA A 635 43.84 -4.35 -71.28
N LYS A 636 44.71 -4.53 -72.26
CA LYS A 636 44.40 -4.35 -73.67
C LYS A 636 44.35 -5.69 -74.39
N ILE A 637 43.83 -6.71 -73.71
CA ILE A 637 43.77 -8.07 -74.26
C ILE A 637 42.47 -8.16 -75.05
N GLU A 638 42.53 -7.77 -76.33
CA GLU A 638 41.40 -7.87 -77.25
C GLU A 638 41.76 -8.90 -78.32
N GLU A 639 41.53 -10.17 -77.99
CA GLU A 639 41.79 -11.28 -78.89
C GLU A 639 41.17 -12.54 -78.28
N THR A 640 40.61 -13.39 -79.14
CA THR A 640 39.84 -14.53 -78.65
C THR A 640 40.74 -15.60 -78.06
N ILE A 641 41.84 -15.94 -78.73
CA ILE A 641 42.62 -17.12 -78.36
C ILE A 641 43.31 -16.91 -77.02
N THR A 642 43.94 -15.75 -76.83
CA THR A 642 44.66 -15.52 -75.58
C THR A 642 43.72 -15.45 -74.39
N GLN A 643 42.55 -14.82 -74.57
CA GLN A 643 41.55 -14.81 -73.50
C GLN A 643 41.05 -16.21 -73.21
N ALA A 644 40.85 -17.02 -74.25
CA ALA A 644 40.41 -18.39 -74.06
C ALA A 644 41.44 -19.18 -73.26
N ARG A 645 42.72 -19.03 -73.57
CA ARG A 645 43.76 -19.73 -72.83
C ARG A 645 43.83 -19.26 -71.37
N TYR A 646 43.78 -17.94 -71.18
CA TYR A 646 43.85 -17.40 -69.82
C TYR A 646 42.61 -17.75 -69.00
N SER A 647 41.49 -18.06 -69.65
CA SER A 647 40.31 -18.53 -68.93
C SER A 647 40.38 -20.03 -68.66
N GLU A 648 40.90 -20.80 -69.60
CA GLU A 648 41.15 -22.22 -69.36
C GLU A 648 42.12 -22.42 -68.22
N THR A 649 43.00 -21.45 -67.98
CA THR A 649 43.93 -21.54 -66.86
C THR A 649 43.22 -21.76 -65.52
N LEU A 650 42.03 -21.19 -65.35
CA LEU A 650 41.35 -21.21 -64.06
C LEU A 650 40.56 -22.50 -63.80
N LYS A 651 40.61 -23.47 -64.69
CA LYS A 651 39.83 -24.69 -64.49
C LYS A 651 40.27 -25.41 -63.23
N PRO A 652 39.34 -25.86 -62.38
CA PRO A 652 39.74 -26.45 -61.10
C PRO A 652 40.42 -27.80 -61.22
N ASP A 653 40.35 -28.46 -62.37
CA ASP A 653 41.01 -29.74 -62.57
C ASP A 653 42.43 -29.60 -63.08
N ASN A 654 42.91 -28.37 -63.28
CA ASN A 654 44.29 -28.11 -63.65
C ASN A 654 45.16 -27.76 -62.45
N PHE A 655 44.61 -27.84 -61.24
CA PHE A 655 45.35 -27.45 -60.04
C PHE A 655 46.59 -28.30 -59.83
N GLU A 656 46.68 -29.47 -60.46
CA GLU A 656 47.90 -30.27 -60.38
C GLU A 656 49.08 -29.52 -60.99
N GLU A 657 48.86 -28.84 -62.12
CA GLU A 657 49.93 -28.17 -62.84
C GLU A 657 49.79 -26.66 -62.82
N SER A 658 48.91 -26.11 -61.97
CA SER A 658 48.76 -24.67 -61.88
C SER A 658 48.60 -24.19 -60.44
N GLY A 659 48.75 -25.06 -59.44
CA GLY A 659 48.58 -24.66 -58.06
C GLY A 659 47.12 -24.57 -57.66
N TYR A 660 46.92 -24.26 -56.38
CA TYR A 660 45.57 -24.17 -55.81
C TYR A 660 45.10 -22.73 -55.96
N THR A 661 44.42 -22.46 -57.07
CA THR A 661 44.00 -21.10 -57.40
C THR A 661 42.89 -20.62 -56.47
N PHE A 662 42.97 -19.37 -56.07
CA PHE A 662 41.90 -18.65 -55.40
C PHE A 662 41.39 -17.53 -56.31
N LEU A 663 40.37 -16.82 -55.85
CA LEU A 663 39.80 -15.72 -56.61
C LEU A 663 39.08 -14.76 -55.68
N ALA A 664 39.37 -13.48 -55.82
CA ALA A 664 38.74 -12.48 -54.97
C ALA A 664 37.25 -12.35 -55.31
N PRO A 665 36.39 -12.22 -54.31
CA PRO A 665 34.94 -12.06 -54.55
C PRO A 665 34.56 -10.62 -54.90
N ARG A 666 34.76 -10.26 -56.16
CA ARG A 666 34.48 -8.92 -56.66
C ARG A 666 33.25 -8.95 -57.55
N ASP A 667 32.68 -7.77 -57.76
CA ASP A 667 31.48 -7.60 -58.58
C ASP A 667 31.83 -7.67 -60.07
N TYR A 668 32.33 -8.83 -60.49
CA TYR A 668 32.66 -9.04 -61.89
C TYR A 668 31.44 -8.99 -62.79
N CYS A 669 30.26 -9.30 -62.26
CA CYS A 669 29.03 -9.27 -63.02
C CYS A 669 27.86 -8.93 -62.11
N SER A 670 26.76 -8.50 -62.72
CA SER A 670 25.54 -8.24 -61.95
C SER A 670 24.90 -9.52 -61.47
N ASP A 671 25.01 -10.60 -62.25
CA ASP A 671 24.39 -11.88 -61.91
C ASP A 671 25.28 -12.77 -61.06
N LEU A 672 26.53 -12.37 -60.83
CA LEU A 672 27.46 -13.15 -60.01
C LEU A 672 27.47 -12.58 -58.59
N LYS A 673 27.32 -13.46 -57.60
CA LYS A 673 27.30 -13.06 -56.21
C LYS A 673 28.46 -13.68 -55.45
N PRO A 674 29.13 -12.92 -54.59
CA PRO A 674 30.18 -13.50 -53.73
C PRO A 674 29.60 -14.59 -52.84
N SER A 675 30.08 -15.81 -53.03
CA SER A 675 29.52 -16.97 -52.33
C SER A 675 30.11 -17.17 -50.94
N ASP A 676 31.22 -16.50 -50.61
CA ASP A 676 31.90 -16.61 -49.33
C ASP A 676 32.46 -18.00 -49.07
N ASN A 677 32.57 -18.84 -50.10
CA ASN A 677 33.19 -20.15 -50.01
C ASN A 677 34.35 -20.33 -50.99
N ASN A 678 34.28 -19.71 -52.16
CA ASN A 678 35.40 -19.63 -53.10
C ASN A 678 35.69 -20.97 -53.77
N THR A 679 34.97 -22.02 -53.39
CA THR A 679 35.12 -23.29 -54.07
C THR A 679 34.16 -23.41 -55.25
N GLU A 680 32.97 -22.82 -55.12
CA GLU A 680 32.02 -22.74 -56.22
C GLU A 680 31.97 -21.35 -56.85
N PHE A 681 32.48 -20.33 -56.17
CA PHE A 681 32.55 -19.00 -56.76
C PHE A 681 33.40 -19.01 -58.02
N LEU A 682 34.56 -19.68 -57.97
CA LEU A 682 35.36 -19.87 -59.17
C LEU A 682 34.63 -20.71 -60.19
N LEU A 683 33.82 -21.68 -59.74
CA LEU A 683 33.04 -22.49 -60.67
C LEU A 683 31.97 -21.65 -61.37
N ASN A 684 31.30 -20.78 -60.63
CA ASN A 684 30.34 -19.87 -61.25
C ASN A 684 31.03 -18.92 -62.22
N PHE A 685 32.21 -18.41 -61.84
CA PHE A 685 32.97 -17.53 -62.72
C PHE A 685 33.32 -18.25 -64.03
N ASN A 686 33.79 -19.49 -63.91
CA ASN A 686 34.14 -20.27 -65.10
C ASN A 686 32.92 -20.55 -65.95
N GLU A 687 31.78 -20.87 -65.33
CA GLU A 687 30.56 -21.13 -66.09
C GLU A 687 30.15 -19.89 -66.87
N PHE A 688 30.16 -18.73 -66.20
CA PHE A 688 29.80 -17.48 -66.87
C PHE A 688 30.75 -17.17 -68.01
N ILE A 689 32.05 -17.34 -67.79
CA ILE A 689 33.02 -17.09 -68.85
C ILE A 689 32.80 -18.05 -70.01
N ASP A 690 32.44 -19.29 -69.71
CA ASP A 690 32.30 -20.31 -70.75
C ASP A 690 31.06 -20.06 -71.60
N ARG A 691 29.96 -19.64 -70.99
CA ARG A 691 28.71 -19.47 -71.75
C ARG A 691 28.46 -18.03 -72.18
N LYS A 692 28.70 -17.04 -71.33
CA LYS A 692 28.36 -15.67 -71.66
C LYS A 692 29.41 -15.05 -72.57
N THR A 693 28.95 -14.25 -73.53
CA THR A 693 29.84 -13.62 -74.48
C THR A 693 30.75 -12.62 -73.78
N PRO A 694 32.02 -12.50 -74.18
CA PRO A 694 32.92 -11.52 -73.56
C PRO A 694 32.53 -10.07 -73.78
N ASN A 695 31.39 -9.79 -74.43
CA ASN A 695 30.94 -8.41 -74.56
C ASN A 695 30.53 -7.82 -73.21
N ASN A 696 30.03 -8.66 -72.30
CA ASN A 696 29.65 -8.29 -70.94
C ASN A 696 28.67 -7.12 -70.93
N PRO A 697 27.42 -7.33 -71.35
CA PRO A 697 26.46 -6.23 -71.34
C PRO A 697 26.22 -5.63 -69.97
N SER A 698 26.24 -6.45 -68.92
CA SER A 698 25.97 -5.98 -67.56
C SER A 698 27.16 -6.20 -66.63
N CYS A 699 28.36 -6.34 -67.18
CA CYS A 699 29.54 -6.65 -66.38
C CYS A 699 30.69 -5.72 -66.75
N ASN A 700 31.55 -5.48 -65.77
CA ASN A 700 32.79 -4.73 -66.03
C ASN A 700 33.69 -5.52 -66.97
N THR A 701 34.21 -4.85 -68.00
CA THR A 701 35.21 -5.46 -68.86
C THR A 701 36.61 -5.29 -68.32
N ASP A 702 36.87 -4.19 -67.61
CA ASP A 702 38.22 -3.92 -67.10
C ASP A 702 38.63 -4.94 -66.05
N LEU A 703 37.73 -5.24 -65.10
CA LEU A 703 38.06 -6.21 -64.05
C LEU A 703 38.27 -7.60 -64.63
N ILE A 704 37.39 -8.01 -65.55
CA ILE A 704 37.52 -9.34 -66.17
C ILE A 704 38.83 -9.44 -66.92
N ASN A 705 39.17 -8.43 -67.71
CA ASN A 705 40.40 -8.47 -68.48
C ASN A 705 41.63 -8.44 -67.58
N ARG A 706 41.58 -7.66 -66.50
CA ARG A 706 42.68 -7.65 -65.54
C ARG A 706 42.88 -9.01 -64.90
N VAL A 707 41.77 -9.66 -64.51
CA VAL A 707 41.86 -10.99 -63.92
C VAL A 707 42.44 -11.98 -64.90
N LEU A 708 42.02 -11.93 -66.17
CA LEU A 708 42.55 -12.83 -67.17
C LEU A 708 44.04 -12.60 -67.38
N LEU A 709 44.47 -11.33 -67.43
CA LEU A 709 45.87 -11.03 -67.63
C LEU A 709 46.73 -11.54 -66.47
N ASP A 710 46.27 -11.29 -65.24
CA ASP A 710 47.02 -11.78 -64.08
C ASP A 710 47.04 -13.30 -64.02
N ALA A 711 45.93 -13.94 -64.38
CA ALA A 711 45.90 -15.40 -64.45
C ALA A 711 46.92 -15.92 -65.45
N GLY A 712 46.99 -15.29 -66.63
CA GLY A 712 47.97 -15.72 -67.62
C GLY A 712 49.40 -15.57 -67.12
N PHE A 713 49.71 -14.40 -66.53
CA PHE A 713 51.07 -14.18 -66.04
C PHE A 713 51.44 -15.14 -64.92
N THR A 714 50.51 -15.35 -63.97
CA THR A 714 50.80 -16.25 -62.85
C THR A 714 50.93 -17.69 -63.31
N ASN A 715 50.11 -18.11 -64.27
CA ASN A 715 50.25 -19.47 -64.80
C ASN A 715 51.57 -19.63 -65.55
N GLU A 716 51.99 -18.60 -66.28
CA GLU A 716 53.30 -18.64 -66.93
C GLU A 716 54.41 -18.82 -65.90
N LEU A 717 54.36 -18.04 -64.82
CA LEU A 717 55.35 -18.17 -63.75
C LEU A 717 55.34 -19.57 -63.17
N VAL A 718 54.16 -20.09 -62.85
CA VAL A 718 54.06 -21.40 -62.20
C VAL A 718 54.58 -22.50 -63.12
N GLN A 719 54.21 -22.47 -64.39
CA GLN A 719 54.57 -23.55 -65.30
C GLN A 719 56.03 -23.49 -65.72
N ASN A 720 56.62 -22.30 -65.79
CA ASN A 720 57.97 -22.17 -66.34
C ASN A 720 59.08 -22.15 -65.30
N TYR A 721 58.79 -21.77 -64.06
CA TYR A 721 59.82 -21.66 -63.05
C TYR A 721 59.63 -22.61 -61.88
N TRP A 722 58.46 -22.58 -61.24
CA TRP A 722 58.25 -23.38 -60.03
C TRP A 722 58.24 -24.87 -60.34
N SER A 723 57.63 -25.26 -61.45
CA SER A 723 57.44 -26.68 -61.75
C SER A 723 58.75 -27.40 -62.04
N LYS A 724 59.83 -26.68 -62.31
CA LYS A 724 61.11 -27.33 -62.61
C LYS A 724 61.70 -27.95 -61.35
N GLN A 725 61.97 -27.12 -60.34
CA GLN A 725 62.50 -27.60 -59.06
C GLN A 725 61.31 -27.97 -58.18
N LYS A 726 60.83 -29.20 -58.31
CA LYS A 726 59.64 -29.64 -57.59
C LYS A 726 59.86 -29.60 -56.09
N ASN A 727 60.94 -30.21 -55.62
CA ASN A 727 61.21 -30.35 -54.19
C ASN A 727 62.41 -29.50 -53.81
N ILE A 728 62.20 -28.58 -52.87
CA ILE A 728 63.26 -27.79 -52.28
C ILE A 728 63.27 -28.09 -50.79
N LYS A 729 64.48 -28.21 -50.22
CA LYS A 729 64.62 -28.77 -48.88
C LYS A 729 63.85 -27.95 -47.84
N GLY A 730 64.22 -26.68 -47.68
CA GLY A 730 63.61 -25.87 -46.65
C GLY A 730 62.28 -25.23 -47.01
N VAL A 731 61.78 -25.44 -48.21
CA VAL A 731 60.54 -24.82 -48.67
C VAL A 731 59.40 -25.81 -48.54
N LYS A 732 58.32 -25.39 -47.88
CA LYS A 732 57.11 -26.19 -47.78
C LYS A 732 56.02 -25.74 -48.74
N ALA A 733 56.03 -24.47 -49.14
CA ALA A 733 55.03 -23.94 -50.05
C ALA A 733 55.56 -22.69 -50.71
N ARG A 734 55.18 -22.48 -51.98
CA ARG A 734 55.53 -21.29 -52.73
C ARG A 734 54.25 -20.65 -53.24
N PHE A 735 54.05 -19.37 -52.93
CA PHE A 735 52.80 -18.70 -53.24
C PHE A 735 53.06 -17.42 -54.01
N VAL A 736 51.99 -16.88 -54.57
CA VAL A 736 52.02 -15.63 -55.32
C VAL A 736 50.65 -14.97 -55.19
N VAL A 737 50.63 -13.69 -54.83
CA VAL A 737 49.40 -12.93 -54.65
C VAL A 737 49.48 -11.71 -55.56
N THR A 738 48.56 -11.62 -56.51
CA THR A 738 48.62 -10.59 -57.54
C THR A 738 47.61 -9.48 -57.25
N ASP A 739 47.70 -8.42 -58.05
CA ASP A 739 46.84 -7.25 -57.88
C ASP A 739 45.42 -7.49 -58.39
N GLY A 740 45.26 -8.29 -59.45
CA GLY A 740 43.95 -8.48 -60.04
C GLY A 740 43.01 -9.31 -59.20
N GLY A 741 43.53 -10.08 -58.25
CA GLY A 741 42.68 -10.84 -57.36
C GLY A 741 42.82 -12.34 -57.50
N ILE A 742 44.02 -12.80 -57.86
CA ILE A 742 44.31 -14.23 -58.02
C ILE A 742 45.53 -14.56 -57.17
N THR A 743 45.37 -15.52 -56.26
CA THR A 743 46.46 -16.02 -55.44
C THR A 743 46.65 -17.51 -55.69
N ARG A 744 47.90 -17.95 -55.70
CA ARG A 744 48.23 -19.33 -56.03
C ARG A 744 49.27 -19.87 -55.07
N VAL A 745 49.08 -21.11 -54.65
CA VAL A 745 50.07 -21.87 -53.89
C VAL A 745 50.37 -23.12 -54.71
N TYR A 746 51.66 -23.34 -55.01
CA TYR A 746 52.02 -24.35 -56.00
C TYR A 746 51.70 -25.76 -55.54
N PRO A 747 52.20 -26.24 -54.40
CA PRO A 747 51.79 -27.58 -53.94
C PRO A 747 50.31 -27.60 -53.64
N LYS A 748 49.55 -28.39 -54.41
CA LYS A 748 48.10 -28.43 -54.24
C LYS A 748 47.72 -28.82 -52.83
N GLU A 749 48.51 -29.69 -52.19
CA GLU A 749 48.26 -30.06 -50.81
C GLU A 749 48.56 -28.92 -49.84
N ALA A 750 49.39 -27.96 -50.24
CA ALA A 750 49.69 -26.82 -49.38
C ALA A 750 48.57 -25.78 -49.38
N GLY A 751 47.66 -25.83 -50.36
CA GLY A 751 46.53 -24.92 -50.37
C GLY A 751 45.61 -25.11 -49.17
N GLU A 752 45.49 -26.35 -48.69
CA GLU A 752 44.63 -26.63 -47.55
C GLU A 752 45.12 -25.95 -46.27
N ASN A 753 46.38 -25.54 -46.22
CA ASN A 753 46.93 -24.81 -45.09
C ASN A 753 47.03 -23.31 -45.36
N TRP A 754 46.52 -22.85 -46.51
CA TRP A 754 46.59 -21.45 -46.90
C TRP A 754 45.37 -20.73 -46.35
N GLN A 755 45.50 -20.24 -45.11
CA GLN A 755 44.40 -19.55 -44.43
C GLN A 755 44.51 -18.04 -44.62
N GLU A 756 44.46 -17.60 -45.88
CA GLU A 756 44.55 -16.19 -46.23
C GLU A 756 43.26 -15.72 -46.89
N ASN A 757 42.99 -14.43 -46.75
CA ASN A 757 41.78 -13.85 -47.31
C ASN A 757 41.85 -13.85 -48.83
N PRO A 758 40.86 -14.40 -49.53
CA PRO A 758 40.93 -14.42 -51.00
C PRO A 758 40.93 -13.04 -51.64
N GLU A 759 40.46 -12.02 -50.95
CA GLU A 759 40.52 -10.65 -51.47
C GLU A 759 41.92 -10.11 -51.23
N THR A 760 42.70 -9.97 -52.31
CA THR A 760 44.10 -9.59 -52.18
C THR A 760 44.27 -8.19 -51.61
N TYR A 761 43.22 -7.37 -51.61
CA TYR A 761 43.26 -6.06 -50.99
C TYR A 761 43.07 -6.11 -49.48
N GLU A 762 42.77 -7.28 -48.93
CA GLU A 762 42.61 -7.45 -47.49
C GLU A 762 43.71 -8.31 -46.88
N ASP A 763 44.74 -8.64 -47.65
CA ASP A 763 45.86 -9.43 -47.13
C ASP A 763 46.86 -8.50 -46.46
N SER A 764 47.13 -8.73 -45.17
CA SER A 764 48.02 -7.86 -44.43
C SER A 764 49.45 -7.93 -44.94
N PHE A 765 49.92 -9.14 -45.29
CA PHE A 765 51.29 -9.28 -45.77
C PHE A 765 51.49 -8.58 -47.10
N TYR A 766 50.46 -8.57 -47.96
CA TYR A 766 50.55 -7.84 -49.22
C TYR A 766 50.87 -6.36 -48.97
N LYS A 767 50.09 -5.72 -48.12
CA LYS A 767 50.32 -4.30 -47.83
C LYS A 767 51.65 -4.10 -47.12
N ARG A 768 51.99 -4.98 -46.18
CA ARG A 768 53.23 -4.85 -45.44
C ARG A 768 54.45 -4.93 -46.35
N SER A 769 54.43 -5.86 -47.31
CA SER A 769 55.54 -5.99 -48.24
C SER A 769 55.52 -4.92 -49.32
N LEU A 770 54.36 -4.30 -49.58
CA LEU A 770 54.33 -3.14 -50.46
C LEU A 770 54.97 -1.93 -49.80
N ASP A 771 54.74 -1.73 -48.50
CA ASP A 771 55.33 -0.60 -47.81
C ASP A 771 56.84 -0.75 -47.66
N ASN A 772 57.31 -1.96 -47.34
CA ASN A 772 58.72 -2.19 -47.10
C ASN A 772 59.50 -2.30 -48.40
N ASP A 773 60.82 -2.26 -48.29
CA ASP A 773 61.72 -2.34 -49.44
C ASP A 773 62.69 -3.52 -49.30
N ASN A 774 62.23 -4.59 -48.66
CA ASN A 774 63.08 -5.75 -48.42
C ASN A 774 62.16 -6.96 -48.22
N TYR A 775 62.74 -8.07 -47.76
CA TYR A 775 61.96 -9.27 -47.49
C TYR A 775 61.30 -9.16 -46.13
N VAL A 776 60.04 -9.57 -46.06
CA VAL A 776 59.22 -9.42 -44.86
C VAL A 776 58.89 -10.81 -44.32
N PHE A 777 59.21 -11.03 -43.06
CA PHE A 777 58.89 -12.28 -42.37
C PHE A 777 57.64 -12.08 -41.52
N THR A 778 56.65 -12.94 -41.72
CA THR A 778 55.41 -12.87 -40.96
C THR A 778 55.40 -13.98 -39.92
N ALA A 779 55.14 -13.61 -38.68
CA ALA A 779 55.20 -14.57 -37.57
C ALA A 779 53.86 -15.28 -37.42
N PRO A 780 53.85 -16.59 -37.26
CA PRO A 780 52.60 -17.31 -37.01
C PRO A 780 52.06 -16.98 -35.62
N TYR A 781 50.76 -17.19 -35.46
CA TYR A 781 50.12 -16.94 -34.18
C TYR A 781 50.56 -17.98 -33.15
N PHE A 782 50.41 -17.62 -31.88
CA PHE A 782 50.94 -18.43 -30.79
C PHE A 782 50.35 -19.84 -30.78
N ASN A 783 49.07 -19.94 -30.47
CA ASN A 783 48.43 -21.25 -30.55
C ASN A 783 47.13 -21.24 -31.34
N LYS A 784 46.28 -20.22 -31.14
CA LYS A 784 44.97 -20.12 -31.76
C LYS A 784 44.26 -21.47 -31.87
N SER A 785 44.01 -21.91 -33.10
CA SER A 785 43.38 -23.20 -33.35
C SER A 785 43.66 -23.59 -34.79
N GLY A 786 44.28 -24.74 -34.99
CA GLY A 786 44.60 -25.22 -36.32
C GLY A 786 46.08 -25.43 -36.53
N PRO A 787 46.45 -25.96 -37.69
CA PRO A 787 47.86 -26.20 -38.00
C PRO A 787 48.65 -24.90 -38.07
N GLY A 788 49.91 -24.98 -37.67
CA GLY A 788 50.78 -23.82 -37.71
C GLY A 788 52.18 -24.20 -37.28
N ALA A 789 53.08 -23.21 -37.40
CA ALA A 789 54.48 -23.38 -37.05
C ALA A 789 55.11 -24.56 -37.78
N TYR A 790 55.19 -25.71 -37.11
CA TYR A 790 55.78 -26.89 -37.74
C TYR A 790 54.97 -27.36 -38.94
N GLU A 791 53.64 -27.32 -38.81
CA GLU A 791 52.78 -27.83 -39.89
C GLU A 791 52.89 -26.96 -41.13
N SER A 792 52.82 -25.64 -40.96
CA SER A 792 52.79 -24.72 -42.11
C SER A 792 54.19 -24.22 -42.46
N GLY A 793 54.85 -23.53 -41.53
CA GLY A 793 56.16 -22.97 -41.75
C GLY A 793 56.19 -21.52 -41.35
N ILE A 794 57.17 -20.79 -41.89
CA ILE A 794 57.32 -19.36 -41.65
C ILE A 794 57.20 -18.65 -42.99
N MET A 795 56.33 -17.64 -43.06
CA MET A 795 56.03 -16.98 -44.33
C MET A 795 57.00 -15.83 -44.57
N VAL A 796 57.62 -15.85 -45.76
CA VAL A 796 58.52 -14.80 -46.19
C VAL A 796 57.97 -14.25 -47.51
N SER A 797 57.88 -12.93 -47.62
CA SER A 797 57.24 -12.28 -48.76
C SER A 797 58.11 -11.15 -49.28
N LYS A 798 57.94 -10.86 -50.57
CA LYS A 798 58.67 -9.79 -51.24
C LYS A 798 57.84 -9.31 -52.43
N ALA A 799 57.75 -7.99 -52.59
CA ALA A 799 56.96 -7.38 -53.64
C ALA A 799 57.79 -7.19 -54.90
N VAL A 800 57.17 -7.45 -56.05
CA VAL A 800 57.84 -7.28 -57.33
C VAL A 800 57.64 -5.85 -57.82
N GLU A 801 58.69 -5.28 -58.42
CA GLU A 801 58.66 -3.92 -58.91
C GLU A 801 59.10 -3.89 -60.37
N ILE A 802 58.42 -3.08 -61.17
CA ILE A 802 58.73 -2.96 -62.59
C ILE A 802 58.92 -1.49 -62.94
N TYR A 803 59.73 -1.27 -63.98
CA TYR A 803 60.09 0.05 -64.49
C TYR A 803 59.85 0.12 -65.99
N ILE A 804 58.63 -0.24 -66.39
CA ILE A 804 58.33 -0.51 -67.80
C ILE A 804 58.71 0.69 -68.67
N GLN A 805 58.33 1.89 -68.27
CA GLN A 805 58.68 3.12 -68.99
C GLN A 805 59.19 4.18 -68.02
N GLY A 806 60.09 3.77 -67.12
CA GLY A 806 60.61 4.68 -66.12
C GLY A 806 59.64 5.01 -65.00
N LYS A 807 58.53 4.29 -64.90
CA LYS A 807 57.52 4.52 -63.89
C LYS A 807 57.46 3.34 -62.95
N LEU A 808 57.40 3.62 -61.65
CA LEU A 808 57.44 2.57 -60.65
C LEU A 808 56.05 1.97 -60.46
N LEU A 809 55.96 0.65 -60.59
CA LEU A 809 54.72 -0.08 -60.33
C LEU A 809 55.04 -1.32 -59.52
N LYS A 810 54.11 -1.67 -58.63
CA LYS A 810 54.24 -2.85 -57.77
C LYS A 810 52.97 -3.68 -57.92
N PRO A 811 52.88 -4.50 -58.97
CA PRO A 811 51.64 -5.19 -59.29
C PRO A 811 51.44 -6.55 -58.62
N ALA A 812 52.38 -7.01 -57.79
CA ALA A 812 52.24 -8.33 -57.19
C ALA A 812 53.28 -8.50 -56.09
N VAL A 813 53.05 -9.50 -55.24
CA VAL A 813 54.01 -9.97 -54.27
C VAL A 813 54.09 -11.48 -54.37
N VAL A 814 55.25 -12.03 -54.03
CA VAL A 814 55.47 -13.46 -53.99
C VAL A 814 56.15 -13.80 -52.66
N GLY A 815 56.48 -15.06 -52.49
CA GLY A 815 57.14 -15.50 -51.28
C GLY A 815 57.08 -17.00 -51.14
N ILE A 816 57.56 -17.47 -49.99
CA ILE A 816 57.65 -18.89 -49.69
C ILE A 816 57.30 -19.12 -48.22
N LYS A 817 57.18 -20.39 -47.85
CA LYS A 817 57.04 -20.81 -46.48
C LYS A 817 58.20 -21.73 -46.15
N ILE A 818 58.86 -21.47 -45.02
CA ILE A 818 60.09 -22.16 -44.64
C ILE A 818 59.78 -23.20 -43.58
N ASP A 819 60.33 -24.39 -43.75
CA ASP A 819 60.17 -25.45 -42.77
C ASP A 819 60.98 -25.14 -41.52
N VAL A 820 60.36 -25.34 -40.35
CA VAL A 820 60.99 -24.99 -39.09
C VAL A 820 62.15 -25.94 -38.79
N ASN A 821 62.01 -27.22 -39.12
CA ASN A 821 63.02 -28.21 -38.76
C ASN A 821 64.35 -27.93 -39.46
N SER A 822 64.31 -27.65 -40.76
CA SER A 822 65.55 -27.35 -41.49
C SER A 822 66.16 -26.04 -41.01
N TRP A 823 65.32 -25.05 -40.69
CA TRP A 823 65.84 -23.78 -40.19
C TRP A 823 66.54 -23.97 -38.84
N ILE A 824 65.97 -24.81 -37.96
CA ILE A 824 66.64 -25.11 -36.70
C ILE A 824 67.94 -25.86 -36.95
N GLU A 825 67.92 -26.82 -37.88
CA GLU A 825 69.11 -27.59 -38.20
C GLU A 825 70.25 -26.67 -38.66
N ASN A 826 69.94 -25.67 -39.47
CA ASN A 826 70.96 -24.74 -39.93
C ASN A 826 71.28 -23.65 -38.92
N PHE A 827 70.38 -23.38 -37.98
CA PHE A 827 70.64 -22.41 -36.93
C PHE A 827 71.60 -22.95 -35.89
N THR A 828 71.42 -24.21 -35.48
CA THR A 828 72.33 -24.81 -34.52
C THR A 828 73.69 -25.10 -35.16
N LYS A 829 73.70 -25.46 -36.43
CA LYS A 829 74.93 -25.72 -37.17
C LYS A 829 75.74 -24.45 -37.36
N ARG A 845 71.04 -26.32 -30.21
CA ARG A 845 72.15 -26.49 -29.29
C ARG A 845 71.63 -26.94 -27.93
N ASN A 846 70.48 -26.39 -27.54
CA ASN A 846 69.87 -26.65 -26.24
C ASN A 846 70.86 -26.38 -25.11
N SER A 847 71.55 -25.23 -25.21
CA SER A 847 72.59 -24.89 -24.26
C SER A 847 71.99 -24.54 -22.90
N ASP A 848 72.87 -24.22 -21.95
CA ASP A 848 72.47 -23.92 -20.59
C ASP A 848 73.06 -22.61 -20.06
N VAL A 849 73.96 -21.96 -20.80
CA VAL A 849 74.62 -20.76 -20.29
C VAL A 849 74.52 -19.65 -21.33
N MET A 850 74.09 -19.98 -22.54
CA MET A 850 73.98 -19.02 -23.63
C MET A 850 72.62 -19.16 -24.30
N ASP A 851 71.98 -18.03 -24.57
CA ASP A 851 70.70 -17.99 -25.28
C ASP A 851 70.91 -17.29 -26.61
N CYS A 852 70.37 -17.88 -27.68
CA CYS A 852 70.47 -17.32 -29.03
C CYS A 852 69.08 -17.31 -29.64
N VAL A 853 68.55 -16.13 -29.93
CA VAL A 853 67.19 -15.99 -30.44
C VAL A 853 67.19 -15.07 -31.66
N ILE A 854 66.14 -15.20 -32.46
CA ILE A 854 65.92 -14.34 -33.63
C ILE A 854 64.51 -13.78 -33.55
N LEU A 855 64.40 -12.46 -33.67
CA LEU A 855 63.11 -11.78 -33.63
C LEU A 855 62.95 -10.90 -34.86
N ASP A 856 61.71 -10.63 -35.22
CA ASP A 856 61.38 -9.68 -36.27
C ASP A 856 60.99 -8.35 -35.65
N ASP A 857 60.76 -7.35 -36.52
CA ASP A 857 60.33 -6.03 -36.05
C ASP A 857 58.93 -6.16 -35.48
N GLY A 858 58.83 -6.23 -34.16
CA GLY A 858 57.58 -6.51 -33.50
C GLY A 858 57.77 -7.37 -32.26
N GLY A 859 58.95 -7.96 -32.12
CA GLY A 859 59.26 -8.77 -30.97
C GLY A 859 58.66 -10.15 -30.96
N PHE A 860 58.30 -10.69 -32.13
CA PHE A 860 57.70 -12.01 -32.23
C PHE A 860 58.80 -13.05 -32.45
N LEU A 861 58.94 -13.98 -31.52
CA LEU A 861 59.98 -15.00 -31.61
C LEU A 861 59.76 -15.90 -32.81
N LEU A 862 60.78 -16.02 -33.66
CA LEU A 862 60.75 -16.93 -34.80
C LEU A 862 61.59 -18.17 -34.62
N MET A 863 62.70 -18.08 -33.89
CA MET A 863 63.54 -19.25 -33.64
C MET A 863 64.50 -18.99 -32.51
N ALA A 864 64.91 -20.05 -31.84
CA ALA A 864 65.87 -20.01 -30.74
C ALA A 864 66.66 -21.31 -30.76
N ASN A 865 67.35 -21.60 -29.66
CA ASN A 865 68.18 -22.80 -29.57
C ASN A 865 67.84 -23.71 -28.40
N HIS A 866 66.99 -23.27 -27.46
CA HIS A 866 66.71 -24.07 -26.27
C HIS A 866 65.73 -25.21 -26.53
N ASP A 867 65.03 -25.19 -27.67
CA ASP A 867 64.02 -26.19 -28.01
C ASP A 867 62.83 -26.11 -27.07
N ASP A 868 62.87 -25.20 -26.09
CA ASP A 868 61.71 -24.83 -25.32
C ASP A 868 61.10 -23.52 -25.78
N TYR A 869 61.94 -22.55 -26.15
CA TYR A 869 61.44 -21.37 -26.85
C TYR A 869 60.84 -21.74 -28.20
N THR A 870 61.49 -22.66 -28.92
CA THR A 870 61.06 -22.98 -30.27
C THR A 870 59.71 -23.70 -30.31
N ASN A 871 59.26 -24.25 -29.18
CA ASN A 871 57.89 -24.78 -29.14
C ASN A 871 56.88 -23.65 -29.21
N GLN A 872 57.18 -22.52 -28.55
CA GLN A 872 56.34 -21.34 -28.58
C GLN A 872 56.92 -20.36 -29.59
N ILE A 873 56.72 -20.66 -30.87
CA ILE A 873 57.16 -19.80 -31.95
C ILE A 873 56.02 -18.89 -32.36
N GLY A 874 56.31 -17.58 -32.47
CA GLY A 874 55.31 -16.58 -32.77
C GLY A 874 54.82 -15.82 -31.56
N ARG A 875 55.12 -16.30 -30.35
CA ARG A 875 54.74 -15.57 -29.15
C ARG A 875 55.62 -14.34 -28.99
N PHE A 876 55.02 -13.27 -28.49
CA PHE A 876 55.75 -12.03 -28.27
C PHE A 876 56.87 -12.24 -27.28
N PHE A 877 58.08 -11.78 -27.64
CA PHE A 877 59.25 -12.02 -26.82
C PHE A 877 59.19 -11.34 -25.46
N GLY A 878 58.28 -10.39 -25.26
CA GLY A 878 58.15 -9.77 -23.97
C GLY A 878 57.41 -10.59 -22.94
N GLU A 879 56.92 -11.76 -23.32
CA GLU A 879 56.27 -12.68 -22.40
C GLU A 879 57.11 -13.90 -22.06
N ILE A 880 58.19 -14.15 -22.80
CA ILE A 880 59.09 -15.24 -22.48
C ILE A 880 60.39 -14.75 -21.85
N ASP A 881 60.80 -13.51 -22.09
CA ASP A 881 61.99 -12.94 -21.48
C ASP A 881 61.75 -11.46 -21.25
N PRO A 882 61.06 -11.10 -20.17
CA PRO A 882 60.67 -9.70 -19.99
C PRO A 882 61.84 -8.75 -19.77
N SER A 883 62.84 -9.16 -18.99
CA SER A 883 63.90 -8.23 -18.61
C SER A 883 64.68 -7.76 -19.84
N LEU A 884 65.04 -8.68 -20.73
CA LEU A 884 65.80 -8.30 -21.91
C LEU A 884 65.01 -7.37 -22.82
N MET A 885 63.74 -7.68 -23.05
CA MET A 885 62.90 -6.83 -23.91
C MET A 885 62.73 -5.44 -23.30
N ARG A 886 62.48 -5.38 -21.99
CA ARG A 886 62.35 -4.08 -21.33
C ARG A 886 63.64 -3.29 -21.42
N HIS A 887 64.79 -3.96 -21.26
CA HIS A 887 66.06 -3.25 -21.32
C HIS A 887 66.32 -2.71 -22.72
N LEU A 888 66.09 -3.52 -23.76
CA LEU A 888 66.38 -3.07 -25.11
C LEU A 888 65.29 -2.18 -25.70
N VAL A 889 64.14 -2.04 -25.01
CA VAL A 889 63.13 -1.11 -25.48
C VAL A 889 63.51 0.34 -25.24
N ASN A 890 64.53 0.58 -24.40
CA ASN A 890 65.05 1.92 -24.16
C ASN A 890 66.48 2.10 -24.64
N ILE A 891 67.04 1.13 -25.37
CA ILE A 891 68.31 1.29 -26.06
C ILE A 891 68.00 1.81 -27.45
N SER A 892 66.73 2.15 -27.67
CA SER A 892 66.26 2.72 -28.94
C SER A 892 66.39 1.75 -30.10
N VAL A 893 66.28 0.45 -29.84
CA VAL A 893 66.14 -0.52 -30.91
C VAL A 893 64.67 -0.87 -31.17
N TYR A 894 63.79 -0.63 -30.21
CA TYR A 894 62.36 -0.83 -30.38
C TYR A 894 61.61 0.41 -29.90
N ALA A 895 60.57 0.78 -30.63
CA ALA A 895 59.67 1.85 -30.26
C ALA A 895 58.24 1.35 -30.36
N PHE A 896 57.37 1.92 -29.52
CA PHE A 896 56.01 1.41 -29.37
C PHE A 896 55.00 2.52 -29.52
N ASN A 897 53.88 2.18 -30.16
CA ASN A 897 52.75 3.06 -30.36
C ASN A 897 51.54 2.48 -29.66
N LYS A 898 50.86 3.29 -28.85
CA LYS A 898 49.63 2.89 -28.17
C LYS A 898 48.46 3.64 -28.77
N SER A 899 47.40 2.90 -29.11
CA SER A 899 46.21 3.49 -29.71
C SER A 899 44.98 2.86 -29.07
N TYR A 900 43.81 3.43 -29.38
CA TYR A 900 42.54 2.95 -28.86
C TYR A 900 41.67 2.45 -30.00
N ASP A 901 40.94 1.38 -29.74
CA ASP A 901 39.93 0.84 -30.65
C ASP A 901 38.59 0.85 -29.93
N TYR A 902 37.59 1.46 -30.56
CA TYR A 902 36.29 1.62 -29.93
C TYR A 902 35.26 0.61 -30.40
N GLN A 903 35.41 0.06 -31.60
CA GLN A 903 34.45 -0.90 -32.13
C GLN A 903 34.97 -2.32 -31.87
N SER A 904 35.04 -2.65 -30.58
CA SER A 904 35.54 -3.94 -30.13
C SER A 904 34.55 -4.55 -29.15
N VAL A 905 34.55 -5.88 -29.09
CA VAL A 905 33.67 -6.63 -28.19
C VAL A 905 34.53 -7.39 -27.20
N CYS A 906 34.20 -7.27 -25.92
CA CYS A 906 34.95 -7.91 -24.85
C CYS A 906 34.02 -8.76 -23.99
N GLU A 907 34.59 -9.81 -23.41
CA GLU A 907 33.84 -10.61 -22.44
C GLU A 907 33.54 -9.76 -21.21
N PRO A 908 32.29 -9.74 -20.73
CA PRO A 908 31.98 -8.96 -19.53
C PRO A 908 32.75 -9.45 -18.32
N GLY A 909 33.66 -8.63 -17.81
CA GLY A 909 34.56 -9.03 -16.76
C GLY A 909 33.89 -9.13 -15.40
N ALA A 910 34.69 -9.59 -14.43
CA ALA A 910 34.21 -9.76 -13.06
C ALA A 910 34.12 -8.39 -12.40
N ALA A 911 33.02 -7.70 -12.67
CA ALA A 911 32.77 -6.38 -12.13
C ALA A 911 32.52 -6.43 -10.63
N SER A 972 27.40 -13.91 -23.31
CA SER A 972 27.44 -12.94 -24.39
C SER A 972 28.62 -12.00 -24.24
N LYS A 973 28.63 -10.93 -25.04
CA LYS A 973 29.70 -9.95 -25.01
C LYS A 973 29.09 -8.56 -25.16
N GLN A 974 29.86 -7.55 -24.74
CA GLN A 974 29.43 -6.17 -24.78
C GLN A 974 30.51 -5.31 -25.42
N SER A 975 30.09 -4.15 -25.94
CA SER A 975 31.03 -3.24 -26.57
C SER A 975 32.01 -2.69 -25.56
N CYS A 976 33.23 -2.40 -26.04
CA CYS A 976 34.32 -2.03 -25.15
C CYS A 976 35.34 -1.21 -25.92
N ILE A 977 36.24 -0.57 -25.16
CA ILE A 977 37.39 0.13 -25.71
C ILE A 977 38.63 -0.70 -25.39
N THR A 978 39.43 -0.99 -26.42
CA THR A 978 40.62 -1.82 -26.27
C THR A 978 41.86 -1.02 -26.66
N GLU A 979 42.82 -0.94 -25.76
CA GLU A 979 44.10 -0.31 -26.05
C GLU A 979 45.03 -1.32 -26.71
N GLN A 980 45.67 -0.90 -27.81
CA GLN A 980 46.59 -1.73 -28.55
C GLN A 980 47.97 -1.09 -28.56
N THR A 981 48.99 -1.93 -28.62
CA THR A 981 50.37 -1.47 -28.69
C THR A 981 51.09 -2.21 -29.81
N GLN A 982 51.87 -1.47 -30.58
CA GLN A 982 52.64 -2.05 -31.69
C GLN A 982 54.09 -1.60 -31.58
N TYR A 983 55.00 -2.46 -32.00
CA TYR A 983 56.44 -2.23 -31.89
C TYR A 983 57.09 -2.22 -33.26
N PHE A 984 58.15 -1.42 -33.38
CA PHE A 984 58.87 -1.31 -34.65
C PHE A 984 60.29 -0.82 -34.37
N PHE A 985 61.15 -0.91 -35.39
CA PHE A 985 62.54 -0.50 -35.25
C PHE A 985 62.63 1.02 -35.22
N ASP A 986 63.14 1.56 -34.12
CA ASP A 986 63.23 3.01 -33.96
C ASP A 986 64.48 3.58 -34.64
N ASN A 987 65.65 3.16 -34.19
CA ASN A 987 66.93 3.73 -34.62
C ASN A 987 67.60 2.79 -35.63
N ASP A 988 68.07 3.36 -36.73
CA ASP A 988 68.68 2.58 -37.81
C ASP A 988 70.17 2.37 -37.51
N SER A 989 70.43 1.52 -36.52
CA SER A 989 71.77 1.09 -36.16
C SER A 989 71.85 -0.42 -36.32
N LYS A 990 72.92 -0.90 -36.95
CA LYS A 990 73.05 -2.31 -37.31
C LYS A 990 73.62 -3.17 -36.18
N SER A 991 74.14 -2.58 -35.11
CA SER A 991 74.75 -3.35 -34.03
C SER A 991 74.45 -2.69 -32.70
N PHE A 992 74.36 -3.53 -31.66
CA PHE A 992 74.12 -3.06 -30.30
C PHE A 992 74.91 -3.92 -29.33
N SER A 993 75.13 -3.39 -28.13
CA SER A 993 75.89 -4.08 -27.11
C SER A 993 75.52 -3.48 -25.76
N GLY A 994 76.14 -3.98 -24.71
CA GLY A 994 75.94 -3.48 -23.37
C GLY A 994 75.84 -4.61 -22.38
N VAL A 995 75.42 -4.26 -21.17
CA VAL A 995 75.28 -5.22 -20.08
C VAL A 995 73.89 -5.05 -19.48
N LEU A 996 73.19 -6.17 -19.29
CA LEU A 996 71.84 -6.16 -18.72
C LEU A 996 71.94 -6.30 -17.19
N ASP A 997 72.42 -5.23 -16.57
CA ASP A 997 72.56 -5.17 -15.13
C ASP A 997 71.19 -5.07 -14.49
N CYS A 998 70.69 -6.19 -13.95
CA CYS A 998 69.41 -6.24 -13.25
C CYS A 998 69.55 -6.08 -11.75
N GLY A 999 70.77 -5.94 -11.24
CA GLY A 999 70.98 -5.98 -9.81
C GLY A 999 71.30 -7.38 -9.34
N ASN A 1000 72.44 -7.55 -8.67
CA ASN A 1000 73.00 -8.79 -8.14
C ASN A 1000 73.61 -9.67 -9.25
N CYS A 1001 73.45 -9.29 -10.51
CA CYS A 1001 74.06 -10.02 -11.62
C CYS A 1001 74.30 -9.04 -12.77
N SER A 1002 74.85 -9.55 -13.87
CA SER A 1002 75.11 -8.72 -15.04
C SER A 1002 75.18 -9.63 -16.27
N ARG A 1003 74.12 -9.63 -17.06
CA ARG A 1003 74.12 -10.38 -18.32
C ARG A 1003 74.76 -9.54 -19.43
N ILE A 1004 75.18 -10.23 -20.49
CA ILE A 1004 75.85 -9.62 -21.63
C ILE A 1004 75.07 -9.95 -22.89
N PHE A 1005 74.77 -8.93 -23.69
CA PHE A 1005 74.00 -9.10 -24.92
C PHE A 1005 74.68 -8.37 -26.05
N HIS A 1006 74.50 -8.89 -27.27
CA HIS A 1006 75.10 -8.31 -28.46
C HIS A 1006 74.09 -8.26 -29.60
N VAL A 1007 72.91 -7.68 -29.33
CA VAL A 1007 71.85 -7.53 -30.32
C VAL A 1007 72.42 -7.05 -31.65
N GLU A 1008 72.01 -7.69 -32.74
CA GLU A 1008 72.61 -7.45 -34.05
C GLU A 1008 71.56 -7.66 -35.13
N LYS A 1009 71.35 -6.64 -35.96
CA LYS A 1009 70.36 -6.71 -37.01
C LYS A 1009 70.88 -7.49 -38.22
N LEU A 1010 69.96 -7.83 -39.11
CA LEU A 1010 70.27 -8.53 -40.35
C LEU A 1010 69.97 -7.63 -41.54
N MET A 1011 70.79 -7.72 -42.57
CA MET A 1011 70.67 -6.83 -43.72
C MET A 1011 69.63 -7.38 -44.70
N ASN A 1012 68.93 -6.46 -45.37
CA ASN A 1012 67.93 -6.78 -46.38
C ASN A 1012 66.80 -7.63 -45.79
N THR A 1013 66.54 -7.46 -44.50
CA THR A 1013 65.60 -8.29 -43.76
C THR A 1013 65.20 -7.54 -42.50
N ASN A 1014 63.98 -7.76 -42.04
CA ASN A 1014 63.46 -7.11 -40.85
C ASN A 1014 63.66 -7.96 -39.59
N LEU A 1015 64.74 -8.73 -39.53
CA LEU A 1015 65.04 -9.60 -38.40
C LEU A 1015 66.23 -9.06 -37.62
N ILE A 1016 66.34 -9.52 -36.38
CA ILE A 1016 67.49 -9.25 -35.54
C ILE A 1016 67.98 -10.56 -34.94
N PHE A 1017 69.26 -10.59 -34.59
CA PHE A 1017 69.88 -11.73 -33.94
C PHE A 1017 70.37 -11.30 -32.56
N ILE A 1018 69.99 -12.07 -31.53
CA ILE A 1018 70.34 -11.74 -30.16
C ILE A 1018 71.06 -12.93 -29.54
N MET A 1019 72.22 -12.65 -28.93
CA MET A 1019 72.96 -13.62 -28.13
C MET A 1019 73.17 -13.04 -26.75
N VAL A 1020 72.68 -13.73 -25.72
CA VAL A 1020 72.67 -13.21 -24.35
C VAL A 1020 73.06 -14.32 -23.39
N GLU A 1021 73.44 -13.92 -22.18
CA GLU A 1021 73.66 -14.89 -21.12
C GLU A 1021 72.35 -15.56 -20.73
N SER A 1022 72.46 -16.78 -20.21
CA SER A 1022 71.27 -17.53 -19.85
C SER A 1022 70.51 -16.86 -18.72
N LYS A 1023 69.19 -17.01 -18.75
CA LYS A 1023 68.33 -16.43 -17.71
C LYS A 1023 68.57 -17.12 -16.36
N GLY A 1024 68.94 -18.39 -16.37
CA GLY A 1024 69.14 -19.11 -15.13
C GLY A 1024 70.23 -18.52 -14.26
N THR A 1025 71.29 -17.98 -14.87
CA THR A 1025 72.40 -17.43 -14.09
C THR A 1025 71.98 -16.23 -13.25
N CYS A 1026 70.90 -15.55 -13.62
CA CYS A 1026 70.43 -14.37 -12.89
C CYS A 1026 69.06 -14.64 -12.28
N PRO A 1027 68.96 -14.77 -10.96
CA PRO A 1027 67.64 -15.01 -10.34
C PRO A 1027 66.69 -13.84 -10.42
N CYS A 1028 67.16 -12.66 -10.83
CA CYS A 1028 66.29 -11.49 -10.93
C CYS A 1028 65.15 -11.73 -11.89
N ASP A 1029 63.93 -11.75 -11.37
CA ASP A 1029 62.72 -11.97 -12.14
C ASP A 1029 61.86 -10.72 -12.13
N THR A 1030 61.49 -10.25 -13.32
CA THR A 1030 60.67 -9.06 -13.47
C THR A 1030 59.29 -9.45 -14.00
N ARG A 1031 58.46 -8.44 -14.22
CA ARG A 1031 57.10 -8.64 -14.70
C ARG A 1031 57.08 -8.63 -16.23
N LEU A 1032 56.31 -9.54 -16.80
CA LEU A 1032 56.22 -9.65 -18.25
C LEU A 1032 55.37 -8.52 -18.83
N LEU A 1033 55.77 -8.05 -20.01
CA LEU A 1033 55.03 -7.02 -20.74
C LEU A 1033 54.30 -7.66 -21.91
N ILE A 1034 53.05 -7.25 -22.11
CA ILE A 1034 52.13 -7.92 -23.03
C ILE A 1034 51.85 -6.99 -24.20
N GLN A 1035 51.88 -7.54 -25.42
CA GLN A 1035 51.54 -6.80 -26.62
C GLN A 1035 50.07 -6.92 -26.99
N ALA A 1036 49.36 -7.91 -26.43
CA ALA A 1036 47.96 -8.11 -26.77
C ALA A 1036 47.10 -6.95 -26.29
N GLU A 1037 45.92 -6.82 -26.89
CA GLU A 1037 45.02 -5.73 -26.57
C GLU A 1037 44.54 -5.84 -25.12
N GLN A 1038 44.43 -4.69 -24.47
CA GLN A 1038 43.97 -4.63 -23.08
C GLN A 1038 42.67 -3.84 -23.01
N THR A 1039 41.66 -4.42 -22.36
CA THR A 1039 40.38 -3.75 -22.21
C THR A 1039 40.54 -2.54 -21.31
N SER A 1040 40.53 -1.35 -21.89
CA SER A 1040 40.80 -0.11 -21.16
C SER A 1040 39.53 0.73 -21.08
N ASP A 1041 39.66 1.89 -20.45
CA ASP A 1041 38.55 2.82 -20.29
C ASP A 1041 38.86 4.24 -20.74
N GLY A 1042 40.11 4.55 -21.04
CA GLY A 1042 40.47 5.89 -21.44
C GLY A 1042 40.13 6.17 -22.88
N PRO A 1043 40.46 7.39 -23.33
CA PRO A 1043 41.14 8.47 -22.61
C PRO A 1043 40.22 9.20 -21.64
N ASP A 1044 40.78 9.98 -20.72
CA ASP A 1044 39.99 10.65 -19.70
C ASP A 1044 39.15 11.76 -20.32
N PRO A 1045 37.82 11.72 -20.21
CA PRO A 1045 37.00 12.79 -20.79
C PRO A 1045 37.09 14.11 -20.05
N CYS A 1046 37.49 14.12 -18.78
CA CYS A 1046 37.61 15.37 -18.03
C CYS A 1046 38.75 16.24 -18.53
N ASP A 1047 39.64 15.71 -19.38
CA ASP A 1047 40.73 16.49 -19.94
C ASP A 1047 40.50 16.86 -21.40
N MET A 1048 39.76 16.05 -22.15
CA MET A 1048 39.50 16.34 -23.55
C MET A 1048 38.53 17.51 -23.75
N VAL A 1049 37.87 17.97 -22.69
CA VAL A 1049 36.98 19.12 -22.82
C VAL A 1049 37.69 20.44 -22.53
N LYS A 1050 38.82 20.42 -21.82
CA LYS A 1050 39.58 21.64 -21.61
C LYS A 1050 40.33 22.05 -22.87
N GLN A 1051 40.76 21.07 -23.67
CA GLN A 1051 41.45 21.31 -24.94
C GLN A 1051 40.77 20.49 -26.03
N PRO A 1052 39.55 20.86 -26.41
CA PRO A 1052 38.80 20.05 -27.36
C PRO A 1052 39.34 20.20 -28.77
N ARG A 1053 38.88 19.31 -29.65
CA ARG A 1053 39.24 19.38 -31.05
C ARG A 1053 38.50 20.54 -31.73
N TYR A 1054 38.73 20.70 -33.02
CA TYR A 1054 38.16 21.80 -33.79
C TYR A 1054 36.90 21.33 -34.50
N ARG A 1055 35.83 22.12 -34.38
CA ARG A 1055 34.56 21.80 -35.00
C ARG A 1055 33.93 23.09 -35.52
N LYS A 1056 33.04 22.93 -36.51
CA LYS A 1056 32.31 24.04 -37.08
C LYS A 1056 30.83 23.67 -37.10
N GLY A 1057 30.03 24.39 -36.32
CA GLY A 1057 28.62 24.09 -36.21
C GLY A 1057 27.81 24.75 -37.29
N PRO A 1058 26.53 24.39 -37.35
CA PRO A 1058 25.62 25.03 -38.31
C PRO A 1058 25.41 26.50 -37.98
N ASP A 1059 25.11 27.27 -39.03
CA ASP A 1059 24.91 28.71 -38.91
C ASP A 1059 23.45 29.12 -38.81
N VAL A 1060 22.55 28.42 -39.50
CA VAL A 1060 21.14 28.78 -39.48
C VAL A 1060 20.54 28.40 -38.13
N CYS A 1061 20.02 29.40 -37.42
CA CYS A 1061 19.36 29.22 -36.14
C CYS A 1061 18.05 29.97 -36.14
N PHE A 1062 16.98 29.31 -35.66
CA PHE A 1062 15.65 29.90 -35.61
C PHE A 1062 15.18 29.94 -34.15
N ASP A 1063 15.10 31.15 -33.59
CA ASP A 1063 14.59 31.31 -32.25
C ASP A 1063 14.17 32.77 -32.05
N ASN A 1064 13.33 32.99 -31.05
CA ASN A 1064 12.94 34.32 -30.61
C ASN A 1064 12.33 35.14 -31.76
N ASN A 1065 11.19 34.66 -32.24
CA ASN A 1065 10.39 35.40 -33.20
C ASN A 1065 9.31 36.17 -32.44
N VAL A 1066 9.14 37.45 -32.78
CA VAL A 1066 8.26 38.31 -31.99
C VAL A 1066 6.79 37.98 -32.19
N LEU A 1067 6.43 37.30 -33.28
CA LEU A 1067 5.05 36.93 -33.54
C LEU A 1067 4.63 35.66 -32.82
N GLU A 1068 5.53 35.02 -32.07
CA GLU A 1068 5.17 33.84 -31.31
C GLU A 1068 4.11 34.18 -30.26
N ASP A 1069 3.09 33.32 -30.18
CA ASP A 1069 2.03 33.54 -29.20
C ASP A 1069 2.50 33.20 -27.79
N TYR A 1070 2.95 31.97 -27.59
CA TYR A 1070 3.47 31.43 -26.33
C TYR A 1070 2.56 31.77 -25.14
N THR A 1071 1.28 32.01 -25.39
CA THR A 1071 0.33 32.23 -24.30
C THR A 1071 -0.14 30.91 -23.68
N ASP A 1072 0.10 29.79 -24.35
CA ASP A 1072 -0.36 28.48 -23.89
C ASP A 1072 0.81 27.73 -23.26
N CYS A 1073 1.07 28.03 -21.99
CA CYS A 1073 1.98 27.23 -21.20
C CYS A 1073 1.22 26.00 -20.69
N GLY A 1074 1.84 25.23 -19.79
CA GLY A 1074 1.21 24.02 -19.30
C GLY A 1074 0.50 24.19 -17.97
N GLY A 1075 0.62 25.37 -17.36
CA GLY A 1075 0.06 25.59 -16.06
C GLY A 1075 -1.30 26.26 -16.05
N VAL A 1076 -1.42 27.41 -16.73
CA VAL A 1076 -2.67 28.18 -16.69
C VAL A 1076 -3.79 27.51 -17.46
N SER A 1077 -3.49 26.51 -18.29
CA SER A 1077 -4.50 25.80 -19.05
C SER A 1077 -4.93 24.50 -18.40
N GLY A 1078 -4.05 23.85 -17.65
CA GLY A 1078 -4.37 22.59 -17.01
C GLY A 1078 -4.47 21.43 -17.97
N PRO B 112 9.73 39.56 52.08
CA PRO B 112 10.10 40.95 51.76
C PRO B 112 9.07 41.63 50.87
N ILE B 113 9.43 42.81 50.35
CA ILE B 113 8.51 43.53 49.47
C ILE B 113 8.31 42.79 48.16
N ARG B 114 9.38 42.17 47.64
CA ARG B 114 9.28 41.45 46.38
C ARG B 114 8.32 40.27 46.48
N ARG B 115 8.40 39.51 47.58
CA ARG B 115 7.51 38.37 47.76
C ARG B 115 6.05 38.82 47.86
N ALA B 116 5.81 39.90 48.61
CA ALA B 116 4.44 40.41 48.75
C ALA B 116 3.89 40.91 47.41
N CYS B 117 4.72 41.60 46.63
CA CYS B 117 4.24 42.15 45.36
C CYS B 117 4.08 41.07 44.30
N ILE B 118 4.85 39.99 44.40
CA ILE B 118 4.72 38.89 43.45
C ILE B 118 3.63 37.90 43.84
N SER B 119 3.24 37.86 45.12
CA SER B 119 2.16 36.97 45.53
C SER B 119 0.79 37.43 45.03
N ILE B 120 0.66 38.70 44.62
CA ILE B 120 -0.61 39.23 44.14
C ILE B 120 -0.71 39.27 42.62
N VAL B 121 0.33 38.80 41.92
CA VAL B 121 0.32 38.86 40.46
C VAL B 121 -0.47 37.73 39.82
N GLU B 122 -1.06 36.84 40.61
CA GLU B 122 -1.88 35.74 40.11
C GLU B 122 -3.34 36.05 40.41
N TRP B 123 -4.11 36.37 39.37
CA TRP B 123 -5.54 36.59 39.51
C TRP B 123 -6.20 36.19 38.20
N LYS B 124 -7.45 36.62 38.01
CA LYS B 124 -8.32 36.00 37.00
C LYS B 124 -7.76 36.04 35.58
N PRO B 125 -7.35 37.19 35.02
CA PRO B 125 -6.87 37.17 33.62
C PRO B 125 -5.55 36.46 33.44
N PHE B 126 -4.77 36.24 34.51
CA PHE B 126 -3.49 35.55 34.36
C PHE B 126 -3.69 34.12 33.86
N GLU B 127 -4.65 33.40 34.45
CA GLU B 127 -4.95 32.05 33.99
C GLU B 127 -5.45 32.06 32.56
N ILE B 128 -6.28 33.05 32.20
CA ILE B 128 -6.82 33.13 30.85
C ILE B 128 -5.69 33.32 29.84
N ILE B 129 -4.77 34.24 30.11
CA ILE B 129 -3.68 34.48 29.17
C ILE B 129 -2.74 33.28 29.12
N ILE B 130 -2.53 32.58 30.25
CA ILE B 130 -1.72 31.38 30.22
C ILE B 130 -2.35 30.31 29.34
N LEU B 131 -3.68 30.12 29.47
CA LEU B 131 -4.36 29.15 28.63
C LEU B 131 -4.32 29.55 27.15
N LEU B 132 -4.45 30.84 26.87
CA LEU B 132 -4.34 31.31 25.49
C LEU B 132 -2.96 31.05 24.93
N THR B 133 -1.92 31.27 25.74
CA THR B 133 -0.56 30.95 25.31
C THR B 133 -0.38 29.46 25.04
N ILE B 134 -0.98 28.63 25.91
CA ILE B 134 -0.93 27.18 25.69
C ILE B 134 -1.59 26.80 24.37
N PHE B 135 -2.75 27.39 24.10
CA PHE B 135 -3.45 27.10 22.85
C PHE B 135 -2.65 27.58 21.64
N ALA B 136 -2.00 28.74 21.77
CA ALA B 136 -1.15 29.24 20.69
C ALA B 136 0.02 28.30 20.44
N ASN B 137 0.63 27.79 21.52
CA ASN B 137 1.72 26.82 21.35
C ASN B 137 1.21 25.55 20.67
N CYS B 138 0.02 25.09 21.05
CA CYS B 138 -0.55 23.89 20.44
C CYS B 138 -0.78 24.09 18.95
N VAL B 139 -1.36 25.24 18.57
CA VAL B 139 -1.64 25.46 17.16
C VAL B 139 -0.34 25.67 16.39
N ALA B 140 0.66 26.29 17.00
CA ALA B 140 1.96 26.44 16.35
C ALA B 140 2.60 25.08 16.09
N LEU B 141 2.52 24.17 17.08
CA LEU B 141 3.02 22.82 16.87
C LEU B 141 2.24 22.11 15.77
N ALA B 142 0.93 22.32 15.72
CA ALA B 142 0.11 21.69 14.68
C ALA B 142 0.50 22.19 13.29
N ILE B 143 0.81 23.49 13.17
CA ILE B 143 1.14 24.06 11.87
C ILE B 143 2.45 23.47 11.33
N TYR B 144 3.39 23.19 12.23
CA TYR B 144 4.71 22.71 11.81
C TYR B 144 4.60 21.44 10.99
N ILE B 145 5.40 21.35 9.94
CA ILE B 145 5.40 20.22 9.02
C ILE B 145 6.82 19.65 8.97
N PRO B 146 7.02 18.37 9.22
CA PRO B 146 8.37 17.80 9.14
C PRO B 146 8.71 17.41 7.71
N PHE B 147 9.99 17.57 7.35
CA PHE B 147 10.51 17.25 6.05
C PHE B 147 11.50 16.09 6.12
N PRO B 148 11.70 15.35 5.02
CA PRO B 148 12.57 14.16 5.07
C PRO B 148 13.98 14.43 5.60
N GLU B 149 14.73 15.32 4.95
CA GLU B 149 16.12 15.61 5.36
C GLU B 149 16.33 17.13 5.44
N ASP B 150 15.95 17.70 6.57
CA ASP B 150 16.30 19.08 6.93
C ASP B 150 15.93 20.08 5.84
N ASP B 151 14.63 20.21 5.59
CA ASP B 151 14.14 21.22 4.67
C ASP B 151 13.30 22.26 5.42
N SER B 152 12.90 23.30 4.69
CA SER B 152 12.05 24.35 5.24
C SER B 152 11.39 25.08 4.09
N ASN B 153 10.37 25.86 4.43
CA ASN B 153 9.63 26.64 3.45
C ASN B 153 9.31 28.04 3.99
N ALA B 154 10.20 28.58 4.83
CA ALA B 154 10.11 29.89 5.47
C ALA B 154 8.98 29.99 6.48
N THR B 155 8.17 28.94 6.64
CA THR B 155 7.15 28.88 7.67
C THR B 155 7.65 28.22 8.95
N ASN B 156 8.44 27.15 8.81
CA ASN B 156 9.03 26.51 9.99
C ASN B 156 10.00 27.43 10.71
N SER B 157 10.71 28.30 9.98
CA SER B 157 11.63 29.23 10.60
C SER B 157 10.89 30.22 11.51
N ASN B 158 9.72 30.69 11.08
CA ASN B 158 8.94 31.59 11.91
C ASN B 158 8.47 30.89 13.18
N LEU B 159 8.08 29.61 13.07
CA LEU B 159 7.69 28.85 14.25
C LEU B 159 8.86 28.67 15.20
N GLU B 160 10.05 28.40 14.65
CA GLU B 160 11.24 28.32 15.49
C GLU B 160 11.51 29.65 16.19
N ARG B 161 11.30 30.76 15.48
CA ARG B 161 11.51 32.08 16.08
C ARG B 161 10.53 32.33 17.21
N VAL B 162 9.26 31.99 17.01
CA VAL B 162 8.26 32.23 18.05
C VAL B 162 8.39 31.22 19.19
N GLU B 163 9.12 30.12 18.96
CA GLU B 163 9.43 29.20 20.04
C GLU B 163 10.20 29.91 21.16
N TYR B 164 11.10 30.82 20.80
CA TYR B 164 11.83 31.58 21.81
C TYR B 164 10.89 32.44 22.63
N LEU B 165 9.93 33.09 21.98
CA LEU B 165 8.95 33.91 22.71
C LEU B 165 8.12 33.07 23.67
N PHE B 166 7.65 31.91 23.20
CA PHE B 166 6.88 31.02 24.06
C PHE B 166 7.73 30.55 25.25
N LEU B 167 8.99 30.22 24.99
CA LEU B 167 9.88 29.78 26.05
C LEU B 167 10.09 30.88 27.08
N ILE B 168 10.29 32.12 26.62
CA ILE B 168 10.49 33.24 27.54
C ILE B 168 9.25 33.47 28.39
N ILE B 169 8.06 33.43 27.77
CA ILE B 169 6.83 33.62 28.51
C ILE B 169 6.67 32.55 29.58
N PHE B 170 6.89 31.29 29.20
CA PHE B 170 6.76 30.20 30.18
C PHE B 170 7.79 30.32 31.29
N THR B 171 9.02 30.71 30.94
CA THR B 171 10.07 30.83 31.94
C THR B 171 9.77 31.92 32.95
N VAL B 172 9.31 33.09 32.48
CA VAL B 172 9.01 34.17 33.41
C VAL B 172 7.79 33.80 34.26
N GLU B 173 6.81 33.11 33.68
CA GLU B 173 5.66 32.65 34.45
C GLU B 173 6.10 31.70 35.56
N ALA B 174 6.96 30.73 35.23
CA ALA B 174 7.44 29.79 36.22
C ALA B 174 8.26 30.49 37.30
N PHE B 175 9.11 31.45 36.92
CA PHE B 175 9.91 32.16 37.89
C PHE B 175 9.04 32.94 38.86
N LEU B 176 8.05 33.68 38.34
CA LEU B 176 7.18 34.44 39.24
C LEU B 176 6.37 33.51 40.13
N LYS B 177 5.89 32.39 39.59
CA LYS B 177 5.09 31.47 40.39
C LYS B 177 5.93 30.84 41.51
N VAL B 178 7.16 30.43 41.20
CA VAL B 178 8.00 29.81 42.23
C VAL B 178 8.46 30.84 43.26
N ILE B 179 8.68 32.08 42.85
CA ILE B 179 9.01 33.12 43.82
C ILE B 179 7.84 33.38 44.75
N ALA B 180 6.63 33.47 44.20
CA ALA B 180 5.45 33.69 45.03
C ALA B 180 5.20 32.53 45.98
N TYR B 181 5.31 31.30 45.49
CA TYR B 181 5.06 30.14 46.34
C TYR B 181 6.21 29.85 47.28
N GLY B 182 7.45 30.08 46.86
CA GLY B 182 8.59 29.75 47.68
C GLY B 182 8.78 28.25 47.85
N LEU B 183 8.67 27.77 49.08
CA LEU B 183 8.80 26.33 49.37
C LEU B 183 7.43 25.65 49.31
N LEU B 184 6.70 25.90 48.22
CA LEU B 184 5.38 25.32 48.02
C LEU B 184 5.16 24.79 46.60
N PHE B 185 6.07 25.05 45.67
CA PHE B 185 5.92 24.60 44.29
C PHE B 185 6.13 23.10 44.14
N HIS B 186 6.61 22.41 45.17
CA HIS B 186 6.99 21.00 45.08
C HIS B 186 5.81 20.04 45.15
N PRO B 187 4.90 20.15 46.13
CA PRO B 187 3.89 19.08 46.28
C PRO B 187 3.01 18.86 45.05
N ASN B 188 2.66 19.91 44.32
CA ASN B 188 1.76 19.75 43.18
C ASN B 188 2.47 19.07 42.02
N ALA B 189 1.86 18.00 41.49
CA ALA B 189 2.50 17.23 40.44
C ALA B 189 2.55 17.99 39.11
N TYR B 190 1.47 18.69 38.77
CA TYR B 190 1.44 19.42 37.51
C TYR B 190 2.45 20.55 37.49
N LEU B 191 2.69 21.21 38.63
CA LEU B 191 3.72 22.23 38.70
C LEU B 191 5.09 21.62 38.42
N ARG B 192 5.37 20.45 38.99
CA ARG B 192 6.65 19.79 38.72
C ARG B 192 6.76 19.39 37.25
N ASN B 193 5.65 18.94 36.66
CA ASN B 193 5.65 18.60 35.24
C ASN B 193 5.97 19.82 34.39
N GLY B 194 5.35 20.97 34.70
CA GLY B 194 5.65 22.18 33.96
C GLY B 194 7.09 22.62 34.13
N TRP B 195 7.61 22.54 35.36
CA TRP B 195 9.01 22.89 35.60
C TRP B 195 9.94 21.98 34.82
N ASN B 196 9.64 20.68 34.77
CA ASN B 196 10.45 19.74 34.00
C ASN B 196 10.40 20.11 32.51
N LEU B 197 9.22 20.41 32.00
CA LEU B 197 9.10 20.82 30.60
C LEU B 197 9.95 22.05 30.31
N LEU B 198 9.92 23.03 31.23
CA LEU B 198 10.64 24.28 30.97
C LEU B 198 12.15 24.08 31.05
N ASP B 199 12.64 23.33 32.03
CA ASP B 199 14.08 23.10 32.08
C ASP B 199 14.53 22.26 30.89
N PHE B 200 13.71 21.30 30.47
CA PHE B 200 14.07 20.49 29.31
C PHE B 200 14.12 21.33 28.03
N ILE B 201 13.15 22.23 27.85
CA ILE B 201 13.17 23.06 26.64
C ILE B 201 14.33 24.05 26.70
N ILE B 202 14.69 24.55 27.89
CA ILE B 202 15.88 25.39 28.01
C ILE B 202 17.11 24.62 27.59
N VAL B 203 17.25 23.37 28.07
CA VAL B 203 18.41 22.57 27.73
C VAL B 203 18.48 22.31 26.23
N VAL B 204 17.34 21.95 25.62
CA VAL B 204 17.35 21.61 24.20
C VAL B 204 17.62 22.85 23.35
N VAL B 205 17.09 24.01 23.74
CA VAL B 205 17.35 25.22 22.96
C VAL B 205 18.82 25.63 23.10
N GLY B 206 19.40 25.44 24.28
CA GLY B 206 20.83 25.68 24.43
C GLY B 206 21.66 24.75 23.57
N LEU B 207 21.28 23.47 23.52
CA LEU B 207 22.00 22.51 22.69
C LEU B 207 21.89 22.86 21.22
N PHE B 208 20.69 23.28 20.78
CA PHE B 208 20.52 23.71 19.39
C PHE B 208 21.36 24.94 19.08
N SER B 209 21.40 25.90 20.00
CA SER B 209 22.22 27.09 19.79
C SER B 209 23.70 26.76 19.79
N ALA B 210 24.09 25.67 20.46
CA ALA B 210 25.49 25.27 20.46
C ALA B 210 25.95 24.90 19.06
N ILE B 211 25.12 24.19 18.31
CA ILE B 211 25.47 23.79 16.95
C ILE B 211 24.83 24.76 15.95
N LYS B 234 18.19 16.68 18.83
CA LYS B 234 17.31 16.98 17.72
C LYS B 234 15.91 16.44 17.95
N ALA B 235 15.82 15.19 18.40
CA ALA B 235 14.55 14.56 18.68
C ALA B 235 13.91 15.04 19.97
N LEU B 236 14.65 15.78 20.80
CA LEU B 236 14.13 16.24 22.09
C LEU B 236 12.93 17.15 21.92
N ARG B 237 12.72 17.71 20.72
CA ARG B 237 11.54 18.51 20.47
C ARG B 237 10.24 17.72 20.68
N ALA B 238 10.34 16.38 20.69
CA ALA B 238 9.17 15.57 21.01
C ALA B 238 8.59 15.93 22.38
N PHE B 239 9.44 16.38 23.31
CA PHE B 239 8.93 16.78 24.62
C PHE B 239 7.98 17.96 24.53
N ARG B 240 8.09 18.78 23.48
CA ARG B 240 7.11 19.86 23.28
C ARG B 240 5.70 19.31 23.17
N VAL B 241 5.55 18.07 22.68
CA VAL B 241 4.24 17.45 22.56
C VAL B 241 3.58 17.25 23.93
N LEU B 242 4.37 17.29 25.01
CA LEU B 242 3.80 17.18 26.34
C LEU B 242 3.18 18.49 26.82
N ARG B 243 3.39 19.59 26.10
CA ARG B 243 2.81 20.87 26.51
C ARG B 243 1.29 20.89 26.55
N PRO B 244 0.56 20.38 25.53
CA PRO B 244 -0.90 20.46 25.58
C PRO B 244 -1.53 19.79 26.81
N LEU B 245 -0.87 18.79 27.40
CA LEU B 245 -1.42 18.15 28.58
C LEU B 245 -1.60 19.16 29.72
N ARG B 246 -0.72 20.17 29.80
CA ARG B 246 -0.86 21.21 30.80
C ARG B 246 -2.21 21.91 30.71
N LEU B 247 -2.77 21.99 29.50
CA LEU B 247 -4.09 22.59 29.33
C LEU B 247 -5.11 21.88 30.22
N VAL B 248 -5.03 20.55 30.32
CA VAL B 248 -5.96 19.82 31.18
C VAL B 248 -5.81 20.29 32.62
N SER B 249 -4.59 20.57 33.06
CA SER B 249 -4.40 21.12 34.40
C SER B 249 -5.00 22.51 34.52
N GLY B 250 -4.95 23.30 33.45
CA GLY B 250 -5.44 24.67 33.54
C GLY B 250 -6.94 24.75 33.75
N VAL B 251 -7.70 23.96 33.01
CA VAL B 251 -9.17 24.01 33.07
C VAL B 251 -9.67 23.10 34.18
N PRO B 252 -10.47 23.61 35.12
CA PRO B 252 -11.04 22.76 36.16
C PRO B 252 -12.19 21.92 35.61
N SER B 253 -12.77 21.10 36.49
CA SER B 253 -13.86 20.19 36.17
C SER B 253 -13.48 19.20 35.07
N LEU B 254 -12.18 18.97 34.87
CA LEU B 254 -11.71 18.02 33.87
C LEU B 254 -10.75 17.03 34.53
N GLN B 255 -9.98 17.51 35.51
CA GLN B 255 -9.08 16.62 36.24
C GLN B 255 -9.84 15.58 37.04
N VAL B 256 -11.07 15.91 37.46
CA VAL B 256 -11.89 14.92 38.17
C VAL B 256 -12.21 13.74 37.27
N VAL B 257 -12.40 14.00 35.97
CA VAL B 257 -12.66 12.90 35.03
C VAL B 257 -11.47 11.96 34.97
N LEU B 258 -10.25 12.51 34.90
CA LEU B 258 -9.06 11.68 34.88
C LEU B 258 -8.91 10.92 36.19
N ASN B 259 -9.22 11.56 37.32
CA ASN B 259 -9.15 10.87 38.60
C ASN B 259 -10.13 9.70 38.65
N SER B 260 -11.36 9.91 38.15
CA SER B 260 -12.33 8.83 38.11
C SER B 260 -11.87 7.70 37.19
N ILE B 261 -11.27 8.05 36.05
CA ILE B 261 -10.75 7.04 35.14
C ILE B 261 -9.65 6.21 35.80
N ILE B 262 -8.75 6.88 36.52
CA ILE B 262 -7.67 6.17 37.22
C ILE B 262 -8.25 5.26 38.30
N LYS B 263 -9.24 5.76 39.05
CA LYS B 263 -9.86 4.94 40.08
C LYS B 263 -10.55 3.72 39.49
N ALA B 264 -11.20 3.88 38.33
CA ALA B 264 -11.83 2.75 37.66
C ALA B 264 -10.79 1.77 37.12
N MET B 265 -9.63 2.27 36.70
CA MET B 265 -8.56 1.41 36.20
C MET B 265 -7.85 0.66 37.31
N VAL B 266 -7.86 1.20 38.54
CA VAL B 266 -7.13 0.57 39.64
C VAL B 266 -7.47 -0.91 39.83
N PRO B 267 -8.75 -1.33 39.85
CA PRO B 267 -9.03 -2.75 40.18
C PRO B 267 -8.83 -3.72 39.02
N LEU B 268 -8.14 -3.30 37.97
CA LEU B 268 -7.83 -4.17 36.83
C LEU B 268 -6.42 -4.73 36.92
N LEU B 269 -5.72 -4.52 38.03
CA LEU B 269 -4.35 -4.99 38.16
C LEU B 269 -4.25 -6.50 38.09
N HIS B 270 -5.20 -7.21 38.73
CA HIS B 270 -5.19 -8.66 38.71
C HIS B 270 -5.36 -9.19 37.29
N ILE B 271 -6.29 -8.62 36.54
CA ILE B 271 -6.53 -9.06 35.17
C ILE B 271 -5.32 -8.76 34.30
N ALA B 272 -4.71 -7.59 34.47
CA ALA B 272 -3.52 -7.25 33.69
C ALA B 272 -2.38 -8.21 34.00
N LEU B 273 -2.19 -8.55 35.28
CA LEU B 273 -1.14 -9.49 35.65
C LEU B 273 -1.40 -10.87 35.08
N LEU B 274 -2.66 -11.31 35.08
CA LEU B 274 -2.99 -12.61 34.50
C LEU B 274 -2.72 -12.62 33.00
N VAL B 275 -3.06 -11.53 32.31
CA VAL B 275 -2.76 -11.42 30.88
C VAL B 275 -1.26 -11.46 30.64
N LEU B 276 -0.49 -10.77 31.49
CA LEU B 276 0.96 -10.80 31.37
C LEU B 276 1.52 -12.20 31.55
N PHE B 277 1.03 -12.92 32.56
CA PHE B 277 1.48 -14.29 32.77
C PHE B 277 1.14 -15.18 31.58
N VAL B 278 -0.07 -15.04 31.05
CA VAL B 278 -0.49 -15.86 29.91
C VAL B 278 0.37 -15.57 28.69
N ILE B 279 0.64 -14.28 28.41
CA ILE B 279 1.43 -13.95 27.23
C ILE B 279 2.87 -14.42 27.41
N ILE B 280 3.41 -14.35 28.62
CA ILE B 280 4.76 -14.85 28.85
C ILE B 280 4.80 -16.36 28.63
N ILE B 281 3.82 -17.09 29.16
CA ILE B 281 3.78 -18.54 29.00
C ILE B 281 3.68 -18.91 27.52
N TYR B 282 2.81 -18.23 26.78
CA TYR B 282 2.65 -18.53 25.37
C TYR B 282 3.91 -18.17 24.57
N ALA B 283 4.59 -17.09 24.97
CA ALA B 283 5.86 -16.76 24.32
C ALA B 283 6.90 -17.83 24.55
N ILE B 284 6.98 -18.35 25.77
CA ILE B 284 7.94 -19.43 26.05
C ILE B 284 7.57 -20.69 25.27
N ILE B 285 6.28 -20.99 25.18
CA ILE B 285 5.83 -22.16 24.43
C ILE B 285 6.22 -22.03 22.96
N GLY B 286 5.99 -20.84 22.38
CA GLY B 286 6.36 -20.61 20.99
C GLY B 286 7.87 -20.68 20.78
N LEU B 287 8.64 -20.16 21.74
CA LEU B 287 10.09 -20.27 21.65
C LEU B 287 10.55 -21.72 21.65
N GLU B 288 9.97 -22.53 22.54
CA GLU B 288 10.34 -23.95 22.59
C GLU B 288 9.93 -24.67 21.32
N LEU B 289 8.73 -24.38 20.80
CA LEU B 289 8.22 -25.11 19.65
C LEU B 289 8.92 -24.67 18.36
N PHE B 290 9.15 -23.36 18.19
CA PHE B 290 9.79 -22.83 17.00
C PHE B 290 11.02 -22.02 17.40
N MET B 291 12.15 -22.32 16.79
CA MET B 291 13.38 -21.57 17.02
C MET B 291 13.86 -20.87 15.76
N GLY B 292 14.11 -21.61 14.68
CA GLY B 292 14.61 -21.01 13.45
C GLY B 292 14.05 -21.64 12.19
N LYS B 293 12.86 -22.22 12.30
CA LYS B 293 12.24 -22.95 11.19
C LYS B 293 11.54 -22.05 10.18
N MET B 294 11.80 -20.75 10.19
CA MET B 294 11.13 -19.80 9.30
C MET B 294 12.14 -18.94 8.58
N HIS B 295 13.19 -19.57 8.03
CA HIS B 295 14.25 -18.86 7.34
C HIS B 295 14.64 -19.59 6.05
N LYS B 296 13.65 -20.04 5.29
CA LYS B 296 13.89 -20.72 4.03
C LYS B 296 12.97 -20.15 2.95
N THR B 297 13.42 -20.23 1.71
CA THR B 297 12.65 -19.71 0.58
C THR B 297 12.98 -20.52 -0.66
N CYS B 298 12.03 -20.55 -1.60
CA CYS B 298 12.21 -21.25 -2.87
C CYS B 298 13.12 -20.43 -3.80
N TYR B 299 14.39 -20.33 -3.39
CA TYR B 299 15.37 -19.64 -4.21
C TYR B 299 15.63 -20.40 -5.50
N ASN B 300 15.78 -19.66 -6.59
CA ASN B 300 15.93 -20.27 -7.90
C ASN B 300 17.39 -20.48 -8.27
N GLN B 301 18.16 -19.39 -8.34
CA GLN B 301 19.56 -19.47 -8.74
C GLN B 301 20.52 -19.09 -7.62
N GLU B 302 20.40 -17.87 -7.08
CA GLU B 302 21.31 -17.42 -6.01
C GLU B 302 20.54 -16.47 -5.10
N GLY B 303 19.97 -17.02 -4.03
CA GLY B 303 19.37 -16.20 -2.99
C GLY B 303 18.18 -15.38 -3.43
N ILE B 304 17.59 -15.69 -4.59
CA ILE B 304 16.46 -14.93 -5.13
C ILE B 304 15.35 -15.90 -5.48
N ALA B 305 14.13 -15.60 -5.06
CA ALA B 305 12.97 -16.41 -5.34
C ALA B 305 12.06 -15.69 -6.32
N ASP B 306 11.54 -16.45 -7.30
CA ASP B 306 10.63 -15.87 -8.28
C ASP B 306 9.34 -15.38 -7.62
N VAL B 307 8.86 -16.11 -6.62
CA VAL B 307 7.67 -15.73 -5.87
C VAL B 307 8.01 -14.52 -5.00
N PRO B 308 7.02 -13.79 -4.46
CA PRO B 308 7.34 -12.64 -3.58
C PRO B 308 8.14 -13.03 -2.34
N ALA B 309 8.43 -14.31 -2.18
CA ALA B 309 9.33 -14.89 -1.18
C ALA B 309 8.73 -14.93 0.22
N GLU B 310 7.53 -14.40 0.43
CA GLU B 310 6.92 -14.47 1.75
C GLU B 310 6.50 -15.88 2.14
N ASP B 311 6.50 -16.81 1.20
CA ASP B 311 6.19 -18.21 1.52
C ASP B 311 7.31 -18.82 2.36
N ASP B 312 6.98 -19.89 3.07
CA ASP B 312 7.90 -20.60 3.94
C ASP B 312 7.96 -22.05 3.51
N PRO B 313 8.84 -22.39 2.56
CA PRO B 313 8.86 -23.76 2.01
C PRO B 313 9.27 -24.83 3.01
N SER B 314 9.27 -26.08 2.56
CA SER B 314 9.59 -27.19 3.43
C SER B 314 11.05 -27.15 3.86
N PRO B 315 11.37 -27.65 5.06
CA PRO B 315 12.76 -27.73 5.50
C PRO B 315 13.56 -28.78 4.75
N CYS B 316 13.80 -28.55 3.46
CA CYS B 316 14.65 -29.40 2.63
C CYS B 316 14.13 -30.85 2.59
N ALA B 317 12.83 -31.00 2.36
CA ALA B 317 12.19 -32.30 2.12
C ALA B 317 12.41 -33.24 3.31
N LEU B 318 11.82 -32.87 4.43
CA LEU B 318 11.91 -33.63 5.67
C LEU B 318 10.52 -34.14 6.07
N GLU B 319 10.42 -34.66 7.30
CA GLU B 319 9.19 -35.28 7.77
C GLU B 319 7.99 -34.35 7.61
N THR B 320 8.17 -33.06 7.87
CA THR B 320 7.10 -32.10 7.62
C THR B 320 6.82 -32.00 6.13
N GLY B 321 5.54 -32.11 5.76
CA GLY B 321 5.16 -32.20 4.37
C GLY B 321 4.38 -31.03 3.84
N HIS B 322 4.77 -29.81 4.21
CA HIS B 322 4.12 -28.60 3.72
C HIS B 322 5.16 -27.67 3.13
N GLY B 323 4.73 -26.87 2.15
CA GLY B 323 5.64 -26.01 1.43
C GLY B 323 6.65 -26.78 0.58
N ARG B 324 6.16 -27.78 -0.14
CA ARG B 324 7.02 -28.60 -0.99
C ARG B 324 7.73 -27.74 -2.02
N GLN B 325 9.03 -27.99 -2.19
CA GLN B 325 9.86 -27.26 -3.16
C GLN B 325 9.90 -28.00 -4.50
N CYS B 326 8.71 -28.23 -5.05
CA CYS B 326 8.55 -28.99 -6.28
C CYS B 326 8.12 -28.09 -7.44
N GLN B 327 8.68 -26.88 -7.49
CA GLN B 327 8.38 -25.92 -8.54
C GLN B 327 9.39 -25.96 -9.68
N ASN B 328 9.95 -27.14 -9.97
CA ASN B 328 10.87 -27.36 -11.08
C ASN B 328 12.09 -26.44 -10.97
N GLY B 329 12.85 -26.67 -9.90
CA GLY B 329 14.09 -25.93 -9.68
C GLY B 329 14.06 -24.99 -8.50
N THR B 330 13.40 -25.39 -7.43
CA THR B 330 13.34 -24.61 -6.20
C THR B 330 13.89 -25.46 -5.05
N VAL B 331 14.75 -24.85 -4.23
CA VAL B 331 15.39 -25.53 -3.11
C VAL B 331 15.07 -24.76 -1.83
N CYS B 332 15.25 -25.43 -0.69
CA CYS B 332 14.98 -24.81 0.60
C CYS B 332 15.89 -23.61 0.84
N LYS B 333 17.21 -23.80 0.65
CA LYS B 333 18.20 -22.74 0.76
C LYS B 333 18.06 -21.98 2.08
N PRO B 334 18.46 -22.58 3.20
CA PRO B 334 18.26 -21.91 4.50
C PRO B 334 19.16 -20.69 4.69
N GLY B 335 18.87 -19.61 3.97
CA GLY B 335 19.63 -18.38 4.09
C GLY B 335 18.76 -17.15 4.04
N TRP B 336 17.52 -17.27 4.51
CA TRP B 336 16.53 -16.20 4.41
C TRP B 336 16.48 -15.40 5.71
N ASP B 337 16.20 -14.10 5.57
CA ASP B 337 16.05 -13.24 6.74
C ASP B 337 14.85 -13.67 7.58
N GLY B 338 13.74 -14.00 6.93
CA GLY B 338 12.54 -14.40 7.62
C GLY B 338 11.30 -13.74 7.04
N PRO B 339 10.13 -14.11 7.56
CA PRO B 339 8.88 -13.53 7.04
C PRO B 339 8.80 -12.04 7.31
N LYS B 340 8.02 -11.36 6.48
CA LYS B 340 7.91 -9.90 6.50
C LYS B 340 9.28 -9.27 6.26
N HIS B 341 9.93 -8.84 7.33
CA HIS B 341 11.29 -8.30 7.26
C HIS B 341 12.13 -8.86 8.40
N GLY B 342 11.87 -10.12 8.76
CA GLY B 342 12.53 -10.71 9.91
C GLY B 342 12.03 -10.19 11.24
N ILE B 343 10.81 -9.65 11.27
CA ILE B 343 10.25 -9.07 12.48
C ILE B 343 9.31 -10.02 13.19
N THR B 344 8.53 -10.80 12.44
CA THR B 344 7.53 -11.71 13.01
C THR B 344 8.10 -13.12 12.96
N ASN B 345 8.79 -13.51 14.02
CA ASN B 345 9.35 -14.84 14.14
C ASN B 345 9.53 -15.17 15.62
N PHE B 346 9.63 -16.46 15.91
CA PHE B 346 9.70 -16.94 17.29
C PHE B 346 11.13 -17.11 17.80
N ASP B 347 12.13 -16.77 16.99
CA ASP B 347 13.49 -16.73 17.49
C ASP B 347 13.63 -15.58 18.49
N ASN B 348 14.68 -15.68 19.31
CA ASN B 348 14.92 -14.71 20.39
C ASN B 348 13.74 -14.73 21.36
N PHE B 349 13.65 -13.75 22.25
CA PHE B 349 12.56 -13.66 23.20
C PHE B 349 11.66 -12.46 22.97
N ALA B 350 12.24 -11.30 22.63
CA ALA B 350 11.42 -10.12 22.34
C ALA B 350 10.56 -10.35 21.10
N PHE B 351 11.13 -10.98 20.06
CA PHE B 351 10.37 -11.25 18.85
C PHE B 351 9.19 -12.17 19.14
N ALA B 352 9.40 -13.22 19.93
CA ALA B 352 8.32 -14.15 20.25
C ALA B 352 7.22 -13.47 21.04
N MET B 353 7.60 -12.66 22.04
CA MET B 353 6.60 -11.96 22.84
C MET B 353 5.81 -10.97 21.99
N LEU B 354 6.50 -10.26 21.10
CA LEU B 354 5.81 -9.32 20.21
C LEU B 354 4.85 -10.06 19.30
N THR B 355 5.26 -11.21 18.77
CA THR B 355 4.38 -11.99 17.89
C THR B 355 3.16 -12.50 18.65
N VAL B 356 3.36 -12.95 19.89
CA VAL B 356 2.22 -13.43 20.69
C VAL B 356 1.27 -12.27 20.99
N PHE B 357 1.81 -11.08 21.30
CA PHE B 357 0.95 -9.93 21.52
C PHE B 357 0.18 -9.57 20.25
N GLN B 358 0.84 -9.65 19.09
CA GLN B 358 0.16 -9.36 17.83
C GLN B 358 -0.94 -10.38 17.56
N CYS B 359 -0.71 -11.64 17.90
CA CYS B 359 -1.73 -12.67 17.66
C CYS B 359 -2.88 -12.56 18.64
N ILE B 360 -2.62 -12.13 19.88
CA ILE B 360 -3.65 -12.11 20.90
C ILE B 360 -4.66 -10.98 20.68
N THR B 361 -4.33 -9.99 19.85
CA THR B 361 -5.25 -8.89 19.58
C THR B 361 -6.11 -9.15 18.34
N MET B 362 -6.03 -10.36 17.77
CA MET B 362 -6.86 -10.75 16.62
C MET B 362 -6.64 -9.82 15.43
N GLU B 363 -5.37 -9.56 15.11
CA GLU B 363 -5.01 -8.73 13.96
C GLU B 363 -3.86 -9.40 13.23
N GLY B 364 -4.16 -10.02 12.09
CA GLY B 364 -3.15 -10.63 11.26
C GLY B 364 -2.62 -11.96 11.74
N TRP B 365 -3.25 -12.57 12.75
CA TRP B 365 -2.78 -13.86 13.24
C TRP B 365 -2.96 -14.97 12.22
N THR B 366 -3.89 -14.81 11.28
CA THR B 366 -4.08 -15.83 10.25
C THR B 366 -2.84 -15.97 9.37
N ASP B 367 -2.20 -14.86 9.04
CA ASP B 367 -0.97 -14.92 8.24
C ASP B 367 0.15 -15.63 9.00
N VAL B 368 0.26 -15.36 10.31
CA VAL B 368 1.26 -16.05 11.12
C VAL B 368 0.97 -17.55 11.16
N LEU B 369 -0.30 -17.92 11.33
CA LEU B 369 -0.68 -19.32 11.34
C LEU B 369 -0.35 -19.99 10.01
N TYR B 370 -0.63 -19.31 8.91
CA TYR B 370 -0.33 -19.87 7.59
C TYR B 370 1.16 -20.03 7.37
N TRP B 371 1.95 -19.04 7.81
CA TRP B 371 3.40 -19.14 7.68
C TRP B 371 3.94 -20.31 8.50
N VAL B 372 3.45 -20.48 9.74
CA VAL B 372 3.89 -21.60 10.56
C VAL B 372 3.46 -22.92 9.95
N ASN B 373 2.26 -22.95 9.36
CA ASN B 373 1.79 -24.17 8.69
C ASN B 373 2.68 -24.52 7.51
N ASP B 374 3.06 -23.53 6.71
CA ASP B 374 3.97 -23.79 5.60
C ASP B 374 5.35 -24.23 6.11
N ALA B 375 5.77 -23.72 7.26
CA ALA B 375 7.08 -24.08 7.80
C ALA B 375 7.09 -25.51 8.33
N VAL B 376 6.06 -25.90 9.09
CA VAL B 376 6.09 -27.17 9.81
C VAL B 376 4.92 -28.09 9.51
N GLY B 377 3.79 -27.59 9.01
CA GLY B 377 2.65 -28.43 8.70
C GLY B 377 1.37 -27.91 9.33
N ARG B 378 0.27 -28.49 8.88
CA ARG B 378 -1.08 -28.13 9.35
C ARG B 378 -1.66 -29.18 10.28
N ASP B 379 -0.83 -29.80 11.13
CA ASP B 379 -1.28 -30.86 12.02
C ASP B 379 -0.83 -30.60 13.46
N TRP B 380 -0.60 -29.34 13.81
CA TRP B 380 -0.07 -29.03 15.13
C TRP B 380 -0.29 -27.56 15.52
N PRO B 381 0.17 -26.58 14.75
CA PRO B 381 0.10 -25.18 15.23
C PRO B 381 -1.30 -24.67 15.46
N TRP B 382 -2.30 -25.23 14.76
CA TRP B 382 -3.66 -24.71 14.85
C TRP B 382 -4.19 -24.79 16.26
N ILE B 383 -3.83 -25.84 17.00
CA ILE B 383 -4.24 -25.95 18.40
C ILE B 383 -3.70 -24.78 19.21
N TYR B 384 -2.41 -24.47 19.02
CA TYR B 384 -1.79 -23.37 19.74
C TYR B 384 -2.48 -22.05 19.42
N PHE B 385 -2.72 -21.79 18.14
CA PHE B 385 -3.32 -20.52 17.74
C PHE B 385 -4.75 -20.39 18.27
N VAL B 386 -5.56 -21.44 18.15
CA VAL B 386 -6.95 -21.36 18.59
C VAL B 386 -7.01 -21.23 20.11
N THR B 387 -6.12 -21.92 20.83
CA THR B 387 -6.10 -21.77 22.29
C THR B 387 -5.73 -20.34 22.68
N LEU B 388 -4.75 -19.76 21.99
CA LEU B 388 -4.39 -18.38 22.28
C LEU B 388 -5.57 -17.44 22.03
N ILE B 389 -6.28 -17.64 20.92
CA ILE B 389 -7.41 -16.77 20.60
C ILE B 389 -8.53 -16.93 21.63
N ILE B 390 -8.79 -18.18 22.07
CA ILE B 390 -9.82 -18.41 23.06
C ILE B 390 -9.46 -17.75 24.39
N ILE B 391 -8.19 -17.85 24.79
CA ILE B 391 -7.76 -17.20 26.03
C ILE B 391 -7.89 -15.68 25.90
N GLY B 392 -7.57 -15.14 24.73
CA GLY B 392 -7.75 -13.71 24.53
C GLY B 392 -9.21 -13.28 24.64
N SER B 393 -10.12 -14.07 24.05
CA SER B 393 -11.53 -13.76 24.18
C SER B 393 -11.99 -13.84 25.63
N PHE B 394 -11.50 -14.84 26.37
CA PHE B 394 -11.84 -14.95 27.79
C PHE B 394 -11.35 -13.73 28.56
N PHE B 395 -10.15 -13.25 28.24
CA PHE B 395 -9.63 -12.04 28.89
C PHE B 395 -10.47 -10.82 28.54
N VAL B 396 -10.91 -10.72 27.28
CA VAL B 396 -11.79 -9.61 26.91
C VAL B 396 -13.07 -9.65 27.72
N LEU B 397 -13.65 -10.85 27.86
CA LEU B 397 -14.86 -11.00 28.67
C LEU B 397 -14.62 -10.59 30.11
N ASN B 398 -13.47 -10.99 30.68
CA ASN B 398 -13.15 -10.63 32.05
C ASN B 398 -13.00 -9.12 32.21
N LEU B 399 -12.32 -8.46 31.26
CA LEU B 399 -12.17 -7.02 31.34
C LEU B 399 -13.53 -6.31 31.26
N VAL B 400 -14.39 -6.75 30.33
CA VAL B 400 -15.70 -6.13 30.19
C VAL B 400 -16.51 -6.31 31.48
N LEU B 401 -16.47 -7.51 32.06
CA LEU B 401 -17.21 -7.74 33.30
C LEU B 401 -16.66 -6.91 34.45
N GLY B 402 -15.34 -6.77 34.54
CA GLY B 402 -14.76 -5.94 35.59
C GLY B 402 -15.16 -4.49 35.46
N VAL B 403 -15.15 -3.96 34.23
CA VAL B 403 -15.56 -2.57 34.02
C VAL B 403 -17.04 -2.40 34.34
N LEU B 404 -17.86 -3.40 33.98
CA LEU B 404 -19.28 -3.34 34.30
C LEU B 404 -19.51 -3.34 35.82
N SER B 405 -18.76 -4.18 36.54
CA SER B 405 -18.87 -4.19 38.00
C SER B 405 -18.43 -2.86 38.59
N GLY B 406 -17.38 -2.25 38.05
CA GLY B 406 -16.98 -0.93 38.50
C GLY B 406 -18.07 0.09 38.29
N GLU B 407 -18.75 0.03 37.14
CA GLU B 407 -19.86 0.94 36.89
C GLU B 407 -20.99 0.72 37.88
N PHE B 408 -21.31 -0.54 38.17
CA PHE B 408 -22.38 -0.82 39.13
C PHE B 408 -22.02 -0.32 40.52
N SER B 409 -20.76 -0.50 40.93
CA SER B 409 -20.31 0.01 42.22
C SER B 409 -20.39 1.54 42.26
N LYS B 410 -20.02 2.19 41.16
CA LYS B 410 -20.12 3.64 41.10
C LYS B 410 -21.56 4.11 41.20
N GLU B 411 -22.48 3.43 40.51
CA GLU B 411 -23.88 3.83 40.55
C GLU B 411 -24.56 3.45 41.86
N ARG B 412 -23.96 2.54 42.64
CA ARG B 412 -24.48 2.26 43.98
C ARG B 412 -24.43 3.51 44.85
N GLU B 413 -23.32 4.23 44.81
CA GLU B 413 -23.21 5.52 45.49
C GLU B 413 -23.65 6.64 44.54
N LYS B 414 -23.76 7.84 45.08
CA LYS B 414 -24.20 9.06 44.40
C LYS B 414 -25.66 9.00 43.99
N ALA B 415 -26.34 7.87 44.20
CA ALA B 415 -27.75 7.71 43.88
C ALA B 415 -28.62 7.42 45.08
N LYS B 416 -28.08 6.77 46.12
CA LYS B 416 -28.82 6.50 47.35
C LYS B 416 -28.52 7.53 48.43
N ALA B 417 -27.25 7.82 48.68
CA ALA B 417 -26.89 8.86 49.64
C ALA B 417 -27.34 10.24 49.14
N ARG B 418 -27.17 10.50 47.86
CA ARG B 418 -27.59 11.76 47.24
C ARG B 418 -28.55 11.46 46.10
N GLY B 419 -29.58 12.28 45.96
CA GLY B 419 -30.57 12.08 44.92
C GLY B 419 -30.02 12.25 43.52
N ASP B 420 -29.90 11.14 42.79
CA ASP B 420 -29.45 11.16 41.40
C ASP B 420 -30.62 10.93 40.43
N PHE B 421 -31.34 9.82 40.60
CA PHE B 421 -32.54 9.60 39.81
C PHE B 421 -33.73 10.38 40.34
N GLN B 422 -33.69 10.80 41.61
CA GLN B 422 -34.77 11.62 42.14
C GLN B 422 -34.85 12.96 41.44
N LYS B 423 -33.70 13.60 41.20
CA LYS B 423 -33.72 14.87 40.48
C LYS B 423 -34.15 14.70 39.04
N LEU B 424 -33.79 13.58 38.40
CA LEU B 424 -34.25 13.31 37.04
C LEU B 424 -35.77 13.13 37.02
N ARG B 425 -36.31 12.42 38.01
CA ARG B 425 -37.77 12.27 38.08
C ARG B 425 -38.46 13.61 38.33
N GLU B 426 -37.86 14.46 39.17
CA GLU B 426 -38.41 15.79 39.40
C GLU B 426 -38.39 16.61 38.12
N LYS B 427 -37.30 16.54 37.35
CA LYS B 427 -37.24 17.25 36.08
C LYS B 427 -38.28 16.73 35.10
N GLN B 428 -38.49 15.40 35.07
CA GLN B 428 -39.51 14.84 34.19
C GLN B 428 -40.90 15.30 34.58
N GLN B 429 -41.18 15.33 35.89
CA GLN B 429 -42.48 15.81 36.36
C GLN B 429 -42.67 17.29 36.00
N LEU B 430 -41.62 18.10 36.17
CA LEU B 430 -41.70 19.50 35.80
C LEU B 430 -41.95 19.65 34.30
N GLU B 431 -41.26 18.87 33.49
CA GLU B 431 -41.46 18.94 32.04
C GLU B 431 -42.88 18.55 31.65
N GLU B 432 -43.42 17.49 32.26
CA GLU B 432 -44.75 17.04 31.88
C GLU B 432 -45.82 18.04 32.33
N ASP B 433 -45.67 18.62 33.53
CA ASP B 433 -46.67 19.59 33.96
C ASP B 433 -46.55 20.89 33.14
N LEU B 434 -45.33 21.28 32.77
CA LEU B 434 -45.17 22.44 31.90
C LEU B 434 -45.77 22.18 30.52
N LYS B 435 -45.62 20.96 30.00
CA LYS B 435 -46.25 20.62 28.73
C LYS B 435 -47.77 20.67 28.83
N GLY B 436 -48.32 20.17 29.94
CA GLY B 436 -49.76 20.27 30.14
C GLY B 436 -50.25 21.70 30.21
N TYR B 437 -49.52 22.56 30.95
CA TYR B 437 -49.89 23.96 31.04
C TYR B 437 -49.75 24.68 29.70
N LEU B 438 -48.73 24.32 28.91
CA LEU B 438 -48.58 24.91 27.59
C LEU B 438 -49.71 24.47 26.66
N ASP B 439 -50.14 23.22 26.77
CA ASP B 439 -51.33 22.79 26.04
C ASP B 439 -52.55 23.59 26.46
N TRP B 440 -52.68 23.84 27.76
CA TRP B 440 -53.75 24.72 28.25
C TRP B 440 -53.63 26.12 27.67
N ILE B 441 -52.40 26.58 27.42
CA ILE B 441 -52.21 27.87 26.77
C ILE B 441 -52.70 27.82 25.33
N THR B 442 -52.49 26.69 24.65
CA THR B 442 -52.87 26.54 23.26
C THR B 442 -54.26 25.92 23.08
N GLN B 443 -54.47 24.73 23.61
CA GLN B 443 -55.72 24.02 23.38
C GLN B 443 -56.88 24.70 24.09
N ALA B 444 -56.70 25.05 25.37
CA ALA B 444 -57.79 25.63 26.15
C ALA B 444 -58.05 27.09 25.79
N GLU B 445 -57.04 27.80 25.29
CA GLU B 445 -57.15 29.23 25.02
C GLU B 445 -57.13 29.59 23.55
N ASP B 446 -56.25 28.99 22.76
CA ASP B 446 -56.07 29.37 21.37
C ASP B 446 -56.62 28.34 20.38
N ILE B 447 -57.31 27.31 20.86
CA ILE B 447 -57.87 26.29 19.98
C ILE B 447 -59.38 26.20 20.18
N ASP B 448 -59.79 25.81 21.39
CA ASP B 448 -61.22 25.66 21.68
C ASP B 448 -62.00 26.96 21.55
N PRO B 449 -61.56 28.10 22.13
CA PRO B 449 -62.33 29.32 21.90
C PRO B 449 -62.23 29.83 20.47
N ARG B 511 -63.06 40.79 11.03
CA ARG B 511 -63.40 39.39 10.81
C ARG B 511 -62.32 38.47 11.36
N PHE B 512 -61.81 37.59 10.50
CA PHE B 512 -60.76 36.63 10.87
C PHE B 512 -61.19 35.76 12.04
N CYS B 513 -62.43 35.28 12.00
CA CYS B 513 -62.99 34.44 13.05
C CYS B 513 -63.71 33.26 12.43
N ARG B 514 -64.04 32.29 13.28
CA ARG B 514 -64.78 31.08 12.91
C ARG B 514 -64.04 30.23 11.88
N ARG B 515 -62.71 30.38 11.80
CA ARG B 515 -61.90 29.59 10.88
C ARG B 515 -60.70 28.91 11.53
N LYS B 516 -60.20 29.43 12.65
CA LYS B 516 -59.06 28.81 13.34
C LYS B 516 -59.58 27.69 14.25
N CYS B 517 -59.97 26.59 13.61
CA CYS B 517 -60.48 25.40 14.30
C CYS B 517 -59.77 24.16 13.79
N ARG B 518 -58.43 24.24 13.71
CA ARG B 518 -57.62 23.14 13.19
C ARG B 518 -57.27 22.17 14.32
N ALA B 519 -58.31 21.53 14.85
CA ALA B 519 -58.16 20.53 15.92
C ALA B 519 -58.67 19.16 15.51
N ALA B 520 -59.88 19.09 14.96
CA ALA B 520 -60.43 17.79 14.55
C ALA B 520 -59.84 17.31 13.24
N VAL B 521 -59.37 18.23 12.38
CA VAL B 521 -58.84 17.84 11.08
C VAL B 521 -57.55 17.05 11.23
N LYS B 522 -56.69 17.46 12.16
CA LYS B 522 -55.38 16.83 12.36
C LYS B 522 -55.45 15.66 13.34
N SER B 523 -56.42 14.77 13.13
CA SER B 523 -56.58 13.64 14.03
C SER B 523 -56.63 12.29 13.32
N ASN B 524 -57.25 12.22 12.15
CA ASN B 524 -57.49 10.95 11.46
C ASN B 524 -56.75 10.82 10.14
N VAL B 525 -56.94 11.75 9.22
CA VAL B 525 -56.39 11.62 7.88
C VAL B 525 -55.24 12.59 7.61
N PHE B 526 -55.18 13.73 8.30
CA PHE B 526 -54.12 14.69 8.05
C PHE B 526 -52.75 14.09 8.34
N TYR B 527 -52.62 13.40 9.49
CA TYR B 527 -51.37 12.72 9.81
C TYR B 527 -51.05 11.62 8.79
N TRP B 528 -52.07 10.84 8.40
CA TRP B 528 -51.85 9.82 7.40
C TRP B 528 -51.50 10.43 6.05
N LEU B 529 -52.10 11.55 5.70
CA LEU B 529 -51.76 12.22 4.45
C LEU B 529 -50.32 12.70 4.44
N VAL B 530 -49.87 13.32 5.53
CA VAL B 530 -48.48 13.79 5.56
C VAL B 530 -47.52 12.60 5.60
N ILE B 531 -47.91 11.49 6.24
CA ILE B 531 -47.09 10.29 6.23
C ILE B 531 -46.95 9.75 4.81
N PHE B 532 -48.06 9.72 4.07
CA PHE B 532 -47.99 9.26 2.68
C PHE B 532 -47.12 10.19 1.83
N LEU B 533 -47.24 11.51 2.05
CA LEU B 533 -46.43 12.45 1.29
C LEU B 533 -44.95 12.27 1.57
N VAL B 534 -44.58 12.11 2.84
CA VAL B 534 -43.17 11.93 3.16
C VAL B 534 -42.67 10.55 2.72
N PHE B 535 -43.55 9.55 2.68
CA PHE B 535 -43.18 8.27 2.10
C PHE B 535 -42.87 8.40 0.61
N LEU B 536 -43.69 9.16 -0.11
CA LEU B 536 -43.40 9.44 -1.51
C LEU B 536 -42.09 10.21 -1.65
N ASN B 537 -41.83 11.14 -0.73
CA ASN B 537 -40.56 11.86 -0.74
C ASN B 537 -39.38 10.90 -0.56
N THR B 538 -39.51 9.96 0.38
CA THR B 538 -38.45 8.98 0.60
C THR B 538 -38.24 8.12 -0.63
N LEU B 539 -39.34 7.71 -1.28
CA LEU B 539 -39.22 6.93 -2.52
C LEU B 539 -38.50 7.73 -3.60
N THR B 540 -38.79 9.04 -3.68
CA THR B 540 -38.08 9.88 -4.64
C THR B 540 -36.59 9.98 -4.31
N ILE B 541 -36.27 10.09 -3.03
CA ILE B 541 -34.87 10.26 -2.62
C ILE B 541 -34.05 9.00 -2.93
N ALA B 542 -34.67 7.83 -2.82
CA ALA B 542 -33.95 6.55 -2.95
C ALA B 542 -34.03 5.98 -4.36
N SER B 543 -34.05 6.85 -5.37
CA SER B 543 -34.11 6.42 -6.78
C SER B 543 -32.97 7.05 -7.57
N GLU B 544 -31.76 6.97 -7.03
CA GLU B 544 -30.58 7.53 -7.66
C GLU B 544 -29.66 6.42 -8.15
N HIS B 545 -29.26 6.51 -9.40
CA HIS B 545 -28.38 5.53 -10.03
C HIS B 545 -27.11 6.24 -10.52
N TYR B 546 -26.16 5.42 -10.99
CA TYR B 546 -24.96 6.00 -11.60
C TYR B 546 -25.31 6.75 -12.88
N ASN B 547 -26.17 6.18 -13.72
CA ASN B 547 -26.66 6.82 -14.93
C ASN B 547 -28.19 6.82 -14.86
N GLN B 548 -28.76 7.91 -14.38
CA GLN B 548 -30.20 8.03 -14.31
C GLN B 548 -30.79 7.99 -15.72
N PRO B 549 -31.78 7.14 -15.98
CA PRO B 549 -32.44 7.17 -17.29
C PRO B 549 -33.08 8.53 -17.54
N ASN B 550 -33.06 8.95 -18.80
CA ASN B 550 -33.59 10.27 -19.14
C ASN B 550 -35.10 10.21 -19.26
N TRP B 551 -35.75 9.67 -18.23
CA TRP B 551 -37.21 9.60 -18.17
C TRP B 551 -37.79 9.99 -16.82
N LEU B 552 -37.03 9.94 -15.73
CA LEU B 552 -37.59 10.18 -14.40
C LEU B 552 -36.82 11.20 -13.57
N THR B 553 -35.69 11.71 -14.04
CA THR B 553 -34.99 12.76 -13.30
C THR B 553 -35.85 14.03 -13.24
N GLU B 554 -36.49 14.38 -14.36
CA GLU B 554 -37.45 15.48 -14.33
C GLU B 554 -38.64 15.16 -13.44
N VAL B 555 -39.02 13.89 -13.35
CA VAL B 555 -40.08 13.49 -12.43
C VAL B 555 -39.64 13.75 -10.99
N GLN B 556 -38.39 13.43 -10.67
CA GLN B 556 -37.87 13.73 -9.34
C GLN B 556 -37.84 15.23 -9.07
N ASP B 557 -37.46 16.02 -10.08
CA ASP B 557 -37.44 17.47 -9.92
C ASP B 557 -38.83 18.00 -9.61
N THR B 558 -39.83 17.60 -10.41
CA THR B 558 -41.19 18.06 -10.17
C THR B 558 -41.71 17.55 -8.83
N ALA B 559 -41.36 16.32 -8.46
CA ALA B 559 -41.83 15.76 -7.19
C ALA B 559 -41.30 16.56 -6.01
N ASN B 560 -40.01 16.87 -6.01
CA ASN B 560 -39.47 17.65 -4.89
C ASN B 560 -39.98 19.09 -4.92
N LYS B 561 -40.20 19.65 -6.11
CA LYS B 561 -40.78 20.99 -6.18
C LYS B 561 -42.17 21.03 -5.58
N ALA B 562 -42.99 20.00 -5.83
CA ALA B 562 -44.30 19.94 -5.21
C ALA B 562 -44.20 19.67 -3.71
N LEU B 563 -43.27 18.80 -3.31
CA LEU B 563 -43.17 18.40 -1.90
C LEU B 563 -42.69 19.55 -1.02
N LEU B 564 -41.80 20.39 -1.54
CA LEU B 564 -41.36 21.54 -0.75
C LEU B 564 -42.51 22.51 -0.50
N ALA B 565 -43.35 22.73 -1.53
CA ALA B 565 -44.52 23.59 -1.34
C ALA B 565 -45.50 22.97 -0.35
N LEU B 566 -45.71 21.65 -0.43
CA LEU B 566 -46.60 20.98 0.51
C LEU B 566 -46.07 21.08 1.93
N PHE B 567 -44.76 20.92 2.11
CA PHE B 567 -44.16 21.05 3.43
C PHE B 567 -44.29 22.47 3.97
N THR B 568 -44.09 23.48 3.10
CA THR B 568 -44.26 24.86 3.53
C THR B 568 -45.71 25.13 3.94
N ALA B 569 -46.67 24.60 3.18
CA ALA B 569 -48.07 24.77 3.53
C ALA B 569 -48.39 24.11 4.87
N GLU B 570 -47.87 22.91 5.10
CA GLU B 570 -48.07 22.24 6.37
C GLU B 570 -47.46 23.02 7.52
N MET B 571 -46.25 23.55 7.31
CA MET B 571 -45.59 24.32 8.35
C MET B 571 -46.38 25.58 8.70
N LEU B 572 -46.84 26.31 7.68
CA LEU B 572 -47.60 27.52 7.95
C LEU B 572 -48.95 27.21 8.61
N LEU B 573 -49.58 26.10 8.21
CA LEU B 573 -50.83 25.70 8.86
C LEU B 573 -50.59 25.36 10.33
N LYS B 574 -49.51 24.65 10.62
CA LYS B 574 -49.19 24.31 12.01
C LYS B 574 -48.90 25.56 12.82
N MET B 575 -48.15 26.51 12.24
CA MET B 575 -47.84 27.75 12.94
C MET B 575 -49.11 28.56 13.22
N TYR B 576 -50.02 28.61 12.25
CA TYR B 576 -51.26 29.36 12.45
C TYR B 576 -52.16 28.70 13.47
N SER B 577 -52.25 27.37 13.44
CA SER B 577 -53.19 26.66 14.31
C SER B 577 -52.79 26.80 15.78
N LEU B 578 -51.54 26.51 16.11
CA LEU B 578 -51.06 26.54 17.48
C LEU B 578 -50.26 27.81 17.75
N GLY B 579 -49.73 27.91 18.96
CA GLY B 579 -48.92 29.05 19.33
C GLY B 579 -47.55 29.02 18.71
N LEU B 580 -47.02 30.22 18.42
CA LEU B 580 -45.69 30.32 17.83
C LEU B 580 -44.62 29.88 18.82
N GLN B 581 -44.71 30.33 20.07
CA GLN B 581 -43.70 29.99 21.06
C GLN B 581 -43.84 28.55 21.53
N ALA B 582 -45.08 28.09 21.72
CA ALA B 582 -45.29 26.74 22.25
C ALA B 582 -44.76 25.68 21.29
N TYR B 583 -45.02 25.84 20.00
CA TYR B 583 -44.53 24.86 19.02
C TYR B 583 -43.01 24.94 18.86
N PHE B 584 -42.43 26.13 19.01
CA PHE B 584 -40.99 26.26 18.85
C PHE B 584 -40.23 25.66 20.02
N VAL B 585 -40.83 25.60 21.20
CA VAL B 585 -40.21 25.03 22.39
C VAL B 585 -41.19 24.02 22.98
N SER B 586 -41.02 22.75 22.61
CA SER B 586 -41.87 21.68 23.12
C SER B 586 -41.10 20.35 22.98
N LEU B 587 -41.82 19.24 23.10
CA LEU B 587 -41.21 17.92 23.07
C LEU B 587 -41.40 17.29 21.69
N PHE B 588 -40.28 17.00 21.03
CA PHE B 588 -40.16 16.28 19.76
C PHE B 588 -40.71 17.06 18.57
N ASN B 589 -41.29 18.24 18.78
CA ASN B 589 -41.56 19.17 17.69
C ASN B 589 -40.62 20.36 17.68
N ARG B 590 -40.09 20.74 18.85
CA ARG B 590 -39.02 21.71 18.90
C ARG B 590 -37.74 21.18 18.26
N PHE B 591 -37.49 19.88 18.39
CA PHE B 591 -36.26 19.30 17.85
C PHE B 591 -36.17 19.48 16.34
N ASP B 592 -37.29 19.25 15.64
CA ASP B 592 -37.31 19.45 14.20
C ASP B 592 -37.37 20.93 13.82
N CYS B 593 -37.79 21.81 14.74
CA CYS B 593 -37.85 23.23 14.43
C CYS B 593 -36.48 23.78 14.02
N PHE B 594 -35.40 23.21 14.55
CA PHE B 594 -34.07 23.62 14.15
C PHE B 594 -33.70 23.14 12.76
N VAL B 595 -34.39 22.13 12.23
CA VAL B 595 -34.10 21.60 10.92
C VAL B 595 -35.22 21.87 9.91
N VAL B 596 -36.49 21.86 10.33
CA VAL B 596 -37.56 22.12 9.37
C VAL B 596 -37.52 23.56 8.88
N CYS B 597 -37.14 24.50 9.75
CA CYS B 597 -36.97 25.88 9.30
C CYS B 597 -35.83 26.00 8.30
N GLY B 598 -34.71 25.33 8.57
CA GLY B 598 -33.60 25.36 7.63
C GLY B 598 -33.96 24.75 6.30
N GLY B 599 -34.68 23.62 6.31
CA GLY B 599 -35.12 23.02 5.06
C GLY B 599 -36.12 23.88 4.32
N ILE B 600 -37.05 24.52 5.05
CA ILE B 600 -38.05 25.35 4.42
C ILE B 600 -37.41 26.59 3.79
N LEU B 601 -36.36 27.13 4.40
CA LEU B 601 -35.67 28.25 3.78
C LEU B 601 -34.77 27.80 2.63
N GLU B 602 -34.16 26.62 2.74
CA GLU B 602 -33.32 26.12 1.65
C GLU B 602 -34.15 25.78 0.41
N THR B 603 -35.38 25.29 0.60
CA THR B 603 -36.25 25.00 -0.52
C THR B 603 -36.68 26.25 -1.29
N ILE B 604 -36.49 27.43 -0.71
CA ILE B 604 -36.77 28.68 -1.40
C ILE B 604 -35.47 29.24 -1.94
N LEU B 605 -34.37 28.99 -1.22
CA LEU B 605 -33.05 29.42 -1.69
C LEU B 605 -32.67 28.71 -2.99
N VAL B 606 -33.01 27.42 -3.10
CA VAL B 606 -32.68 26.66 -4.30
C VAL B 606 -33.40 27.16 -5.54
N GLU B 607 -34.42 28.01 -5.38
CA GLU B 607 -35.08 28.60 -6.54
C GLU B 607 -34.14 29.46 -7.36
N THR B 608 -33.08 29.99 -6.75
CA THR B 608 -32.06 30.70 -7.51
C THR B 608 -31.33 29.77 -8.47
N LYS B 609 -31.31 28.47 -8.16
CA LYS B 609 -30.75 27.40 -9.02
C LYS B 609 -29.35 27.74 -9.52
N ILE B 610 -28.63 28.59 -8.79
CA ILE B 610 -27.22 28.88 -9.07
C ILE B 610 -26.49 28.67 -7.74
N MET B 611 -25.99 27.45 -7.53
CA MET B 611 -25.37 27.10 -6.26
C MET B 611 -24.53 25.84 -6.48
N SER B 612 -23.65 25.58 -5.50
CA SER B 612 -22.84 24.37 -5.52
C SER B 612 -23.71 23.15 -5.24
N PRO B 613 -23.25 21.96 -5.62
CA PRO B 613 -24.01 20.74 -5.30
C PRO B 613 -24.17 20.52 -3.79
N LEU B 614 -23.32 21.13 -2.97
CA LEU B 614 -23.51 21.06 -1.52
C LEU B 614 -24.84 21.67 -1.11
N GLY B 615 -25.31 22.70 -1.82
CA GLY B 615 -26.58 23.32 -1.50
C GLY B 615 -27.78 22.44 -1.77
N ILE B 616 -27.62 21.39 -2.57
CA ILE B 616 -28.70 20.45 -2.83
C ILE B 616 -28.51 19.24 -1.93
N SER B 617 -27.24 18.91 -1.65
CA SER B 617 -26.97 17.81 -0.73
C SER B 617 -27.48 18.13 0.68
N VAL B 618 -27.34 19.38 1.10
CA VAL B 618 -27.86 19.77 2.42
C VAL B 618 -29.38 19.69 2.43
N LEU B 619 -30.03 20.04 1.32
CA LEU B 619 -31.47 19.90 1.22
C LEU B 619 -31.88 18.44 1.33
N ARG B 620 -31.15 17.55 0.65
CA ARG B 620 -31.43 16.12 0.76
C ARG B 620 -31.24 15.62 2.18
N CYS B 621 -30.18 16.09 2.86
CA CYS B 621 -29.95 15.70 4.24
C CYS B 621 -31.08 16.17 5.15
N VAL B 622 -31.58 17.39 4.92
CA VAL B 622 -32.69 17.88 5.73
C VAL B 622 -33.96 17.07 5.45
N ARG B 623 -34.15 16.66 4.20
CA ARG B 623 -35.29 15.79 3.89
C ARG B 623 -35.16 14.45 4.61
N LEU B 624 -33.94 13.91 4.69
CA LEU B 624 -33.72 12.69 5.46
C LEU B 624 -34.02 12.92 6.94
N LEU B 625 -33.62 14.07 7.47
CA LEU B 625 -33.98 14.40 8.85
C LEU B 625 -35.50 14.50 9.02
N ARG B 626 -36.21 14.98 7.99
CA ARG B 626 -37.66 15.05 8.07
C ARG B 626 -38.30 13.67 8.04
N ILE B 627 -37.73 12.74 7.28
CA ILE B 627 -38.27 11.37 7.34
C ILE B 627 -37.95 10.75 8.69
N PHE B 628 -36.81 11.10 9.29
CA PHE B 628 -36.53 10.68 10.66
C PHE B 628 -37.54 11.26 11.63
N LYS B 629 -38.01 12.49 11.38
CA LYS B 629 -39.05 13.09 12.21
C LYS B 629 -40.39 12.38 12.03
N ILE B 630 -40.75 12.04 10.79
CA ILE B 630 -42.05 11.42 10.56
C ILE B 630 -42.08 10.00 11.10
N THR B 631 -40.93 9.31 11.13
CA THR B 631 -40.99 7.95 11.68
C THR B 631 -41.12 7.93 13.21
N ARG B 632 -41.41 9.10 13.80
CA ARG B 632 -41.62 9.25 15.24
C ARG B 632 -43.09 9.09 15.64
N TYR B 633 -43.87 8.30 14.88
CA TYR B 633 -45.27 8.12 15.22
C TYR B 633 -45.44 7.42 16.56
N TRP B 634 -44.46 6.62 16.97
CA TRP B 634 -44.46 6.04 18.30
C TRP B 634 -43.66 6.90 19.27
N ASN B 635 -43.93 6.73 20.55
CA ASN B 635 -43.22 7.43 21.62
C ASN B 635 -42.66 6.45 22.63
N SER B 636 -42.06 5.36 22.15
CA SER B 636 -41.43 4.37 23.00
C SER B 636 -39.96 4.68 23.27
N LEU B 637 -39.45 5.81 22.76
CA LEU B 637 -38.06 6.18 22.92
C LEU B 637 -37.89 7.63 23.38
N SER B 638 -38.98 8.30 23.77
CA SER B 638 -38.90 9.72 24.10
C SER B 638 -37.98 9.95 25.29
N ASN B 639 -38.20 9.20 26.38
CA ASN B 639 -37.30 9.29 27.52
C ASN B 639 -35.88 8.90 27.14
N LEU B 640 -35.75 7.87 26.29
CA LEU B 640 -34.42 7.44 25.86
C LEU B 640 -33.74 8.51 25.03
N VAL B 641 -34.48 9.17 24.12
CA VAL B 641 -33.88 10.23 23.30
C VAL B 641 -33.47 11.42 24.17
N ALA B 642 -34.32 11.80 25.12
CA ALA B 642 -33.96 12.89 26.02
C ALA B 642 -32.74 12.54 26.85
N SER B 643 -32.66 11.30 27.33
CA SER B 643 -31.50 10.86 28.07
C SER B 643 -30.25 10.86 27.21
N LEU B 644 -30.38 10.48 25.94
CA LEU B 644 -29.24 10.53 25.02
C LEU B 644 -28.75 11.96 24.83
N LEU B 645 -29.66 12.91 24.64
CA LEU B 645 -29.27 14.30 24.48
C LEU B 645 -28.57 14.83 25.72
N ASN B 646 -29.14 14.55 26.90
CA ASN B 646 -28.53 15.00 28.14
C ASN B 646 -27.17 14.33 28.36
N SER B 647 -27.07 13.05 28.00
CA SER B 647 -25.81 12.33 28.13
C SER B 647 -24.73 12.91 27.22
N VAL B 648 -25.10 13.29 26.01
CA VAL B 648 -24.13 13.95 25.12
C VAL B 648 -23.69 15.27 25.72
N ARG B 649 -24.66 16.06 26.22
CA ARG B 649 -24.31 17.34 26.82
C ARG B 649 -23.44 17.18 28.05
N SER B 650 -23.53 16.03 28.73
CA SER B 650 -22.72 15.78 29.92
C SER B 650 -21.35 15.21 29.59
N ILE B 651 -21.26 14.28 28.64
CA ILE B 651 -20.01 13.62 28.29
C ILE B 651 -19.30 14.32 27.14
N ALA B 652 -19.72 15.54 26.78
CA ALA B 652 -18.88 16.37 25.94
C ALA B 652 -17.50 16.54 26.54
N SER B 653 -17.38 16.53 27.87
CA SER B 653 -16.07 16.57 28.51
C SER B 653 -15.25 15.34 28.17
N LEU B 654 -15.86 14.15 28.23
CA LEU B 654 -15.16 12.93 27.85
C LEU B 654 -14.76 12.97 26.39
N LEU B 655 -15.65 13.46 25.53
CA LEU B 655 -15.34 13.54 24.10
C LEU B 655 -14.17 14.47 23.84
N LEU B 656 -14.14 15.63 24.50
CA LEU B 656 -13.03 16.55 24.30
C LEU B 656 -11.74 16.01 24.90
N LEU B 657 -11.82 15.26 26.00
CA LEU B 657 -10.63 14.63 26.56
C LEU B 657 -10.07 13.59 25.59
N LEU B 658 -10.95 12.79 24.98
CA LEU B 658 -10.50 11.82 23.98
C LEU B 658 -9.89 12.53 22.78
N PHE B 659 -10.50 13.63 22.35
CA PHE B 659 -9.94 14.40 21.23
C PHE B 659 -8.58 14.95 21.58
N LEU B 660 -8.41 15.45 22.81
CA LEU B 660 -7.12 15.96 23.24
C LEU B 660 -6.06 14.86 23.28
N PHE B 661 -6.44 13.67 23.76
CA PHE B 661 -5.52 12.53 23.74
C PHE B 661 -5.11 12.18 22.32
N ILE B 662 -6.08 12.17 21.40
CA ILE B 662 -5.76 11.87 20.00
C ILE B 662 -4.84 12.94 19.43
N ILE B 663 -5.08 14.21 19.75
CA ILE B 663 -4.22 15.29 19.26
C ILE B 663 -2.80 15.13 19.79
N ILE B 664 -2.67 14.83 21.09
CA ILE B 664 -1.34 14.67 21.68
C ILE B 664 -0.59 13.52 21.01
N PHE B 665 -1.25 12.37 20.85
CA PHE B 665 -0.57 11.23 20.26
C PHE B 665 -0.27 11.46 18.78
N SER B 666 -1.14 12.18 18.08
CA SER B 666 -0.87 12.51 16.68
C SER B 666 0.34 13.42 16.55
N LEU B 667 0.44 14.43 17.42
CA LEU B 667 1.61 15.30 17.40
C LEU B 667 2.88 14.52 17.72
N LEU B 668 2.81 13.62 18.71
CA LEU B 668 3.98 12.82 19.06
C LEU B 668 4.39 11.93 17.90
N GLY B 669 3.41 11.32 17.21
CA GLY B 669 3.74 10.48 16.07
C GLY B 669 4.32 11.28 14.91
N MET B 670 3.78 12.47 14.67
CA MET B 670 4.30 13.30 13.59
C MET B 670 5.72 13.75 13.88
N GLN B 671 6.00 14.12 15.12
CA GLN B 671 7.36 14.56 15.47
C GLN B 671 8.34 13.39 15.45
N LEU B 672 7.92 12.23 15.97
CA LEU B 672 8.86 11.12 16.12
C LEU B 672 9.16 10.45 14.79
N PHE B 673 8.15 10.29 13.94
CA PHE B 673 8.30 9.61 12.65
C PHE B 673 8.46 10.60 11.50
N GLY B 674 7.47 11.47 11.31
CA GLY B 674 7.55 12.46 10.24
C GLY B 674 7.66 11.80 8.88
N GLY B 675 8.54 12.37 8.05
CA GLY B 675 8.71 11.89 6.69
C GLY B 675 9.79 10.86 6.52
N LYS B 676 9.80 9.83 7.38
CA LYS B 676 10.77 8.75 7.29
C LYS B 676 10.18 7.50 6.66
N PHE B 677 8.97 7.57 6.11
CA PHE B 677 8.29 6.43 5.53
C PHE B 677 8.41 6.37 4.02
N ASN B 678 9.55 6.79 3.48
CA ASN B 678 9.81 6.72 2.05
C ASN B 678 11.09 5.95 1.74
N PHE B 679 11.42 4.96 2.59
CA PHE B 679 12.60 4.15 2.35
C PHE B 679 12.48 3.34 1.07
N ASP B 680 11.29 2.77 0.82
CA ASP B 680 11.09 1.95 -0.36
C ASP B 680 10.83 2.82 -1.58
N GLU B 681 11.58 2.58 -2.64
CA GLU B 681 11.39 3.29 -3.91
C GLU B 681 10.44 2.54 -4.84
N MET B 682 9.30 2.11 -4.30
CA MET B 682 8.30 1.37 -5.05
C MET B 682 6.98 2.12 -5.14
N GLN B 683 6.43 2.56 -4.01
CA GLN B 683 5.11 3.19 -4.00
C GLN B 683 4.94 3.92 -2.66
N THR B 684 4.42 5.14 -2.74
CA THR B 684 4.20 5.92 -1.53
C THR B 684 3.03 5.35 -0.72
N ARG B 685 3.26 5.16 0.57
CA ARG B 685 2.22 4.64 1.45
C ARG B 685 1.25 5.74 1.84
N ARG B 686 -0.04 5.41 1.88
CA ARG B 686 -1.05 6.41 2.20
C ARG B 686 -1.05 6.74 3.68
N SER B 687 -0.83 5.75 4.54
CA SER B 687 -0.85 5.94 5.99
C SER B 687 0.55 6.37 6.43
N THR B 688 0.74 7.68 6.58
CA THR B 688 2.01 8.26 6.98
C THR B 688 1.78 9.29 8.08
N PHE B 689 2.85 9.97 8.47
CA PHE B 689 2.81 11.01 9.49
C PHE B 689 3.37 12.33 8.95
N ASP B 690 3.19 12.58 7.64
CA ASP B 690 3.74 13.78 7.03
C ASP B 690 3.02 15.03 7.52
N ASN B 691 1.72 15.11 7.25
CA ASN B 691 0.93 16.28 7.64
C ASN B 691 0.25 16.03 8.98
N PHE B 692 -0.47 17.05 9.45
CA PHE B 692 -1.24 16.92 10.67
C PHE B 692 -2.55 16.18 10.44
N PRO B 693 -3.36 16.52 9.42
CA PRO B 693 -4.53 15.69 9.15
C PRO B 693 -4.20 14.26 8.80
N GLN B 694 -3.11 14.03 8.08
CA GLN B 694 -2.70 12.66 7.77
C GLN B 694 -2.31 11.91 9.03
N SER B 695 -1.60 12.58 9.95
CA SER B 695 -1.27 11.95 11.23
C SER B 695 -2.53 11.64 12.02
N LEU B 696 -3.50 12.55 12.02
CA LEU B 696 -4.76 12.30 12.71
C LEU B 696 -5.48 11.09 12.12
N LEU B 697 -5.51 10.99 10.79
CA LEU B 697 -6.16 9.84 10.16
C LEU B 697 -5.46 8.55 10.50
N THR B 698 -4.12 8.55 10.49
CA THR B 698 -3.37 7.35 10.85
C THR B 698 -3.61 6.95 12.30
N VAL B 699 -3.63 7.94 13.21
CA VAL B 699 -3.88 7.66 14.61
C VAL B 699 -5.29 7.10 14.80
N PHE B 700 -6.27 7.66 14.09
CA PHE B 700 -7.63 7.13 14.16
C PHE B 700 -7.70 5.70 13.66
N GLN B 701 -7.01 5.40 12.55
CA GLN B 701 -6.99 4.05 12.02
C GLN B 701 -6.37 3.08 13.03
N ILE B 702 -5.27 3.48 13.67
CA ILE B 702 -4.65 2.63 14.68
C ILE B 702 -5.57 2.44 15.88
N LEU B 703 -6.27 3.51 16.28
CA LEU B 703 -7.18 3.43 17.42
C LEU B 703 -8.32 2.47 17.13
N THR B 704 -8.84 2.49 15.91
CA THR B 704 -9.87 1.52 15.53
C THR B 704 -9.35 0.09 15.49
N GLY B 705 -8.03 -0.10 15.49
CA GLY B 705 -7.44 -1.42 15.50
C GLY B 705 -7.34 -2.09 14.14
N GLU B 706 -7.75 -1.42 13.06
CA GLU B 706 -7.72 -2.00 11.72
C GLU B 706 -6.33 -1.80 11.13
N ASP B 707 -5.59 -2.90 10.96
CA ASP B 707 -4.31 -2.93 10.27
C ASP B 707 -3.31 -1.96 10.90
N TRP B 708 -3.00 -2.21 12.16
CA TRP B 708 -1.94 -1.47 12.84
C TRP B 708 -0.60 -2.16 12.76
N ASN B 709 -0.58 -3.45 12.45
CA ASN B 709 0.67 -4.19 12.35
C ASN B 709 1.52 -3.65 11.20
N SER B 710 0.90 -3.31 10.07
CA SER B 710 1.65 -2.76 8.95
C SER B 710 2.28 -1.42 9.32
N VAL B 711 1.55 -0.58 10.04
CA VAL B 711 2.09 0.71 10.47
C VAL B 711 3.24 0.49 11.45
N MET B 712 3.10 -0.49 12.34
CA MET B 712 4.20 -0.81 13.26
C MET B 712 5.44 -1.27 12.50
N TYR B 713 5.25 -2.12 11.48
CA TYR B 713 6.37 -2.60 10.69
C TYR B 713 7.04 -1.45 9.96
N ASP B 714 6.26 -0.54 9.39
CA ASP B 714 6.84 0.62 8.72
C ASP B 714 7.62 1.50 9.70
N GLY B 715 7.06 1.71 10.90
CA GLY B 715 7.77 2.50 11.89
C GLY B 715 9.07 1.85 12.33
N ILE B 716 9.07 0.53 12.49
CA ILE B 716 10.28 -0.17 12.88
C ILE B 716 11.32 -0.10 11.76
N MET B 717 10.90 -0.31 10.51
CA MET B 717 11.83 -0.23 9.39
C MET B 717 12.34 1.18 9.14
N ALA B 718 11.61 2.20 9.61
CA ALA B 718 12.09 3.57 9.47
C ALA B 718 13.37 3.78 10.26
N TYR B 719 13.44 3.24 11.47
CA TYR B 719 14.63 3.35 12.31
C TYR B 719 15.63 2.22 12.04
N GLY B 720 15.97 2.04 10.77
CA GLY B 720 16.91 0.99 10.39
C GLY B 720 16.22 -0.34 10.16
N GLY B 721 16.25 -1.21 11.16
CA GLY B 721 15.63 -2.51 11.07
C GLY B 721 15.50 -3.16 12.43
N PRO B 722 15.30 -4.48 12.45
CA PRO B 722 15.18 -5.18 13.74
C PRO B 722 16.51 -5.24 14.48
N SER B 723 16.64 -4.43 15.53
CA SER B 723 17.85 -4.36 16.32
C SER B 723 17.52 -3.72 17.66
N PHE B 724 18.50 -3.77 18.58
CA PHE B 724 18.26 -3.25 19.92
C PHE B 724 17.85 -1.79 19.95
N PRO B 725 18.52 -0.84 19.25
CA PRO B 725 18.06 0.55 19.30
C PRO B 725 16.88 0.82 18.40
N GLY B 726 16.72 0.03 17.33
CA GLY B 726 15.69 0.24 16.35
C GLY B 726 14.39 -0.46 16.58
N MET B 727 14.20 -1.11 17.74
CA MET B 727 12.97 -1.84 18.02
C MET B 727 12.17 -1.24 19.17
N LEU B 728 12.78 -0.39 20.01
CA LEU B 728 12.05 0.17 21.14
C LEU B 728 10.94 1.13 20.71
N VAL B 729 11.02 1.69 19.49
CA VAL B 729 10.02 2.65 19.05
C VAL B 729 8.64 2.02 19.00
N CYS B 730 8.56 0.71 18.76
CA CYS B 730 7.28 0.02 18.73
C CYS B 730 6.51 0.18 20.04
N ILE B 731 7.23 0.43 21.15
CA ILE B 731 6.56 0.69 22.42
C ILE B 731 5.48 1.75 22.24
N TYR B 732 5.80 2.82 21.50
CA TYR B 732 4.82 3.85 21.17
C TYR B 732 3.52 3.22 20.71
N PHE B 733 3.58 2.43 19.64
CA PHE B 733 2.38 1.78 19.11
C PHE B 733 1.64 1.04 20.20
N ILE B 734 2.37 0.29 21.02
CA ILE B 734 1.75 -0.50 22.07
C ILE B 734 0.90 0.39 22.96
N ILE B 735 1.47 1.51 23.41
CA ILE B 735 0.72 2.43 24.25
C ILE B 735 -0.51 2.94 23.49
N LEU B 736 -0.30 3.33 22.23
CA LEU B 736 -1.39 3.84 21.42
C LEU B 736 -2.49 2.81 21.25
N PHE B 737 -2.18 1.53 21.39
CA PHE B 737 -3.20 0.51 21.24
C PHE B 737 -3.86 0.13 22.56
N ILE B 738 -3.26 0.46 23.69
CA ILE B 738 -3.84 0.00 24.95
C ILE B 738 -4.56 1.15 25.67
N CYS B 739 -3.78 2.13 26.13
CA CYS B 739 -4.34 3.14 27.03
C CYS B 739 -5.49 3.87 26.38
N GLY B 740 -5.27 4.42 25.19
CA GLY B 740 -6.35 5.09 24.48
C GLY B 740 -7.54 4.18 24.28
N ASN B 741 -7.29 2.93 23.89
CA ASN B 741 -8.38 1.99 23.70
C ASN B 741 -9.16 1.81 24.99
N TYR B 742 -8.45 1.71 26.11
CA TYR B 742 -9.11 1.64 27.41
C TYR B 742 -10.05 2.84 27.58
N ILE B 743 -9.56 4.03 27.26
CA ILE B 743 -10.40 5.22 27.35
C ILE B 743 -11.66 5.04 26.52
N LEU B 744 -11.50 4.53 25.30
CA LEU B 744 -12.66 4.30 24.44
C LEU B 744 -13.66 3.39 25.14
N LEU B 745 -13.17 2.31 25.74
CA LEU B 745 -14.06 1.41 26.47
C LEU B 745 -14.80 2.14 27.57
N ASN B 746 -14.09 3.00 28.30
CA ASN B 746 -14.74 3.74 29.38
C ASN B 746 -15.87 4.61 28.85
N VAL B 747 -15.74 5.10 27.61
CA VAL B 747 -16.83 5.88 27.00
C VAL B 747 -18.10 5.05 26.97
N PHE B 748 -18.00 3.80 26.50
CA PHE B 748 -19.15 2.90 26.49
C PHE B 748 -19.76 2.78 27.88
N LEU B 749 -18.92 2.81 28.92
CA LEU B 749 -19.44 2.69 30.28
C LEU B 749 -20.44 3.79 30.59
N ALA B 750 -20.15 5.02 30.15
CA ALA B 750 -21.07 6.12 30.39
C ALA B 750 -22.45 5.80 29.83
N ILE B 751 -22.50 5.13 28.67
CA ILE B 751 -23.77 4.79 28.05
C ILE B 751 -24.62 3.97 29.01
N ALA B 752 -23.99 3.04 29.73
CA ALA B 752 -24.72 2.25 30.72
C ALA B 752 -25.46 3.16 31.69
N VAL B 753 -24.75 4.14 32.26
CA VAL B 753 -25.38 5.05 33.21
C VAL B 753 -26.55 5.76 32.55
N ASP B 754 -26.41 6.13 31.29
CA ASP B 754 -27.49 6.79 30.58
C ASP B 754 -28.73 5.89 30.53
N ASN B 755 -28.53 4.61 30.22
CA ASN B 755 -29.68 3.70 30.21
C ASN B 755 -30.19 3.47 31.62
N LEU B 756 -29.34 3.61 32.64
CA LEU B 756 -29.83 3.56 34.01
C LEU B 756 -30.80 4.70 34.29
N ALA B 757 -30.68 5.81 33.56
CA ALA B 757 -31.65 6.89 33.69
C ALA B 757 -32.94 6.62 32.93
N ASP B 758 -32.95 5.61 32.06
CA ASP B 758 -34.16 5.29 31.29
C ASP B 758 -34.99 4.21 31.97
N ALA B 759 -34.38 3.09 32.31
CA ALA B 759 -35.12 1.99 32.94
C ALA B 759 -35.72 2.44 34.26
N GLU B 760 -34.96 3.17 35.07
CA GLU B 760 -35.51 3.71 36.31
C GLU B 760 -36.66 4.66 36.03
N SER B 761 -36.62 5.37 34.90
CA SER B 761 -37.72 6.23 34.51
C SER B 761 -38.87 5.47 33.86
N LEU B 762 -38.69 4.18 33.57
CA LEU B 762 -39.77 3.40 32.97
C LEU B 762 -40.93 3.25 33.95
N THR B 763 -40.65 3.00 35.22
CA THR B 763 -41.68 2.82 36.23
C THR B 763 -42.29 4.14 36.70
N SER B 764 -41.70 5.27 36.33
CA SER B 764 -42.19 6.60 36.74
C SER B 764 -42.34 6.70 38.25
N PHE B 889 -54.41 -52.80 24.59
CA PHE B 889 -53.98 -52.52 23.23
C PHE B 889 -53.28 -51.17 23.17
N ARG B 890 -53.43 -50.38 24.22
CA ARG B 890 -52.80 -49.07 24.32
C ARG B 890 -51.44 -49.11 25.01
N LEU B 891 -50.95 -50.31 25.36
CA LEU B 891 -49.63 -50.42 25.97
C LEU B 891 -48.51 -50.07 25.00
N GLN B 892 -48.80 -50.00 23.70
CA GLN B 892 -47.78 -49.64 22.73
C GLN B 892 -47.27 -48.22 22.96
N CYS B 893 -48.17 -47.30 23.29
CA CYS B 893 -47.76 -45.93 23.60
C CYS B 893 -46.87 -45.90 24.83
N HIS B 894 -47.21 -46.70 25.86
CA HIS B 894 -46.38 -46.77 27.05
C HIS B 894 -45.00 -47.32 26.72
N ARG B 895 -44.93 -48.34 25.86
CA ARG B 895 -43.63 -48.86 25.45
C ARG B 895 -42.84 -47.82 24.67
N ILE B 896 -43.52 -47.01 23.86
CA ILE B 896 -42.85 -45.98 23.07
C ILE B 896 -42.26 -44.92 24.00
N VAL B 897 -43.04 -44.45 24.97
CA VAL B 897 -42.53 -43.41 25.86
C VAL B 897 -41.50 -43.98 26.83
N ASN B 898 -41.66 -45.24 27.24
CA ASN B 898 -40.72 -45.87 28.16
C ASN B 898 -39.63 -46.59 27.37
N ASP B 899 -38.87 -47.46 28.05
CA ASP B 899 -37.81 -48.27 27.45
C ASP B 899 -36.66 -47.41 26.92
N THR B 900 -36.50 -46.21 27.48
CA THR B 900 -35.39 -45.31 27.16
C THR B 900 -35.30 -45.05 25.65
N ILE B 901 -36.46 -44.86 25.02
CA ILE B 901 -36.48 -44.56 23.59
C ILE B 901 -35.86 -43.19 23.32
N PHE B 902 -36.05 -42.25 24.24
CA PHE B 902 -35.51 -40.90 24.04
C PHE B 902 -33.99 -40.92 23.95
N THR B 903 -33.33 -41.68 24.82
CA THR B 903 -31.87 -41.70 24.84
C THR B 903 -31.29 -42.28 23.55
N ASN B 904 -31.82 -43.41 23.09
CA ASN B 904 -31.31 -44.00 21.86
C ASN B 904 -31.68 -43.17 20.65
N LEU B 905 -32.83 -42.51 20.67
CA LEU B 905 -33.17 -41.59 19.58
C LEU B 905 -32.18 -40.43 19.52
N ILE B 906 -31.83 -39.88 20.69
CA ILE B 906 -30.85 -38.80 20.73
C ILE B 906 -29.50 -39.28 20.20
N LEU B 907 -29.08 -40.47 20.62
CA LEU B 907 -27.80 -40.99 20.16
C LEU B 907 -27.80 -41.21 18.65
N PHE B 908 -28.90 -41.77 18.11
CA PHE B 908 -28.99 -42.00 16.68
C PHE B 908 -28.98 -40.69 15.91
N PHE B 909 -29.72 -39.68 16.40
CA PHE B 909 -29.75 -38.39 15.73
C PHE B 909 -28.36 -37.75 15.73
N ILE B 910 -27.66 -37.80 16.86
CA ILE B 910 -26.33 -37.21 16.94
C ILE B 910 -25.38 -37.92 16.00
N LEU B 911 -25.42 -39.26 15.97
CA LEU B 911 -24.49 -39.99 15.10
C LEU B 911 -24.78 -39.75 13.63
N LEU B 912 -26.07 -39.69 13.25
CA LEU B 912 -26.39 -39.43 11.85
C LEU B 912 -25.99 -38.01 11.46
N SER B 913 -26.19 -37.04 12.35
CA SER B 913 -25.75 -35.68 12.06
C SER B 913 -24.24 -35.60 11.92
N SER B 914 -23.51 -36.34 12.75
CA SER B 914 -22.06 -36.30 12.70
C SER B 914 -21.51 -37.00 11.45
N ILE B 915 -22.11 -38.12 11.06
CA ILE B 915 -21.56 -38.93 9.98
C ILE B 915 -22.06 -38.47 8.62
N SER B 916 -23.38 -38.38 8.44
CA SER B 916 -23.95 -38.12 7.12
C SER B 916 -23.74 -36.69 6.66
N LEU B 917 -23.27 -35.79 7.51
CA LEU B 917 -23.08 -34.38 7.15
C LEU B 917 -21.64 -33.96 7.16
N ALA B 918 -20.92 -34.18 8.27
CA ALA B 918 -19.52 -33.76 8.34
C ALA B 918 -18.66 -34.50 7.34
N ALA B 919 -18.85 -35.82 7.22
CA ALA B 919 -18.11 -36.63 6.25
C ALA B 919 -18.89 -36.64 4.94
N GLU B 920 -18.77 -35.53 4.21
CA GLU B 920 -19.52 -35.33 2.98
C GLU B 920 -18.67 -35.38 1.73
N ASP B 921 -17.40 -34.95 1.79
CA ASP B 921 -16.50 -34.90 0.64
C ASP B 921 -17.15 -34.13 -0.50
N PRO B 922 -17.26 -32.80 -0.39
CA PRO B 922 -18.02 -32.03 -1.38
C PRO B 922 -17.47 -32.11 -2.80
N VAL B 923 -16.20 -31.75 -2.99
CA VAL B 923 -15.61 -31.67 -4.32
C VAL B 923 -14.87 -32.99 -4.57
N GLN B 924 -15.54 -33.92 -5.24
CA GLN B 924 -14.96 -35.20 -5.59
C GLN B 924 -15.69 -35.77 -6.78
N HIS B 925 -15.03 -36.70 -7.48
CA HIS B 925 -15.68 -37.45 -8.54
C HIS B 925 -16.43 -38.63 -7.93
N THR B 926 -16.87 -39.57 -8.77
CA THR B 926 -17.58 -40.75 -8.26
C THR B 926 -16.69 -41.56 -7.33
N SER B 927 -15.44 -41.79 -7.73
CA SER B 927 -14.46 -42.51 -6.93
C SER B 927 -14.92 -43.92 -6.58
N PHE B 928 -14.16 -44.61 -5.73
CA PHE B 928 -14.51 -45.93 -5.24
C PHE B 928 -14.79 -45.93 -3.74
N ARG B 929 -13.80 -45.50 -2.94
CA ARG B 929 -14.02 -45.39 -1.50
C ARG B 929 -15.08 -44.33 -1.19
N ASN B 930 -15.00 -43.18 -1.86
CA ASN B 930 -16.01 -42.15 -1.67
C ASN B 930 -17.38 -42.63 -2.15
N HIS B 931 -17.42 -43.39 -3.24
CA HIS B 931 -18.69 -43.91 -3.74
C HIS B 931 -19.33 -44.85 -2.74
N ILE B 932 -18.55 -45.79 -2.19
CA ILE B 932 -19.12 -46.72 -1.23
C ILE B 932 -19.48 -46.01 0.07
N LEU B 933 -18.71 -45.00 0.46
CA LEU B 933 -19.09 -44.20 1.63
C LEU B 933 -20.41 -43.48 1.41
N GLY B 934 -20.61 -42.90 0.23
CA GLY B 934 -21.88 -42.25 -0.07
C GLY B 934 -23.04 -43.22 -0.09
N ASN B 935 -22.83 -44.41 -0.66
CA ASN B 935 -23.88 -45.43 -0.65
C ASN B 935 -24.23 -45.85 0.77
N ALA B 936 -23.21 -46.05 1.62
CA ALA B 936 -23.47 -46.41 3.00
C ALA B 936 -24.21 -45.30 3.73
N ASP B 937 -23.83 -44.04 3.48
CA ASP B 937 -24.53 -42.91 4.09
C ASP B 937 -25.99 -42.87 3.65
N TYR B 938 -26.25 -43.12 2.36
CA TYR B 938 -27.63 -43.15 1.88
C TYR B 938 -28.42 -44.26 2.54
N VAL B 939 -27.83 -45.45 2.67
CA VAL B 939 -28.51 -46.57 3.31
C VAL B 939 -28.82 -46.25 4.77
N PHE B 940 -27.84 -45.66 5.46
CA PHE B 940 -28.05 -45.31 6.86
C PHE B 940 -29.13 -44.25 7.01
N THR B 941 -29.15 -43.25 6.12
CA THR B 941 -30.21 -42.25 6.16
C THR B 941 -31.57 -42.88 5.92
N SER B 942 -31.66 -43.82 4.97
CA SER B 942 -32.92 -44.48 4.69
C SER B 942 -33.41 -45.27 5.90
N ILE B 943 -32.51 -46.04 6.53
CA ILE B 943 -32.94 -46.84 7.68
C ILE B 943 -33.29 -45.95 8.86
N PHE B 944 -32.59 -44.81 9.02
CA PHE B 944 -32.96 -43.88 10.08
C PHE B 944 -34.32 -43.26 9.85
N THR B 945 -34.63 -42.90 8.59
CA THR B 945 -35.97 -42.41 8.28
C THR B 945 -37.02 -43.48 8.57
N LEU B 946 -36.72 -44.73 8.23
CA LEU B 946 -37.66 -45.82 8.49
C LEU B 946 -37.90 -45.98 9.99
N GLU B 947 -36.83 -45.93 10.79
CA GLU B 947 -37.00 -46.10 12.23
C GLU B 947 -37.76 -44.93 12.83
N ILE B 948 -37.52 -43.71 12.33
CA ILE B 948 -38.25 -42.55 12.83
C ILE B 948 -39.72 -42.66 12.51
N ILE B 949 -40.06 -43.05 11.27
CA ILE B 949 -41.47 -43.12 10.89
C ILE B 949 -42.16 -44.29 11.61
N LEU B 950 -41.44 -45.37 11.88
CA LEU B 950 -42.08 -46.47 12.61
C LEU B 950 -42.17 -46.19 14.11
N LYS B 951 -41.38 -45.26 14.64
CA LYS B 951 -41.48 -44.84 16.03
C LYS B 951 -42.46 -43.68 16.23
N MET B 952 -43.27 -43.38 15.23
CA MET B 952 -44.22 -42.28 15.32
C MET B 952 -45.57 -42.80 15.84
N THR B 953 -46.60 -41.95 15.75
CA THR B 953 -47.97 -42.30 16.16
C THR B 953 -48.02 -42.73 17.62
N ALA B 954 -47.47 -41.88 18.50
CA ALA B 954 -47.52 -42.16 19.93
C ALA B 954 -48.90 -41.89 20.50
N TYR B 955 -49.37 -40.66 20.40
CA TYR B 955 -50.71 -40.29 20.85
C TYR B 955 -51.79 -40.62 19.84
N GLY B 956 -51.43 -40.91 18.60
CA GLY B 956 -52.42 -41.19 17.58
C GLY B 956 -52.75 -39.97 16.74
N ALA B 957 -54.04 -39.74 16.50
CA ALA B 957 -54.48 -38.60 15.69
C ALA B 957 -54.84 -37.41 16.59
N PHE B 958 -53.85 -36.99 17.38
CA PHE B 958 -54.00 -35.81 18.24
C PHE B 958 -52.81 -34.86 18.20
N LEU B 959 -51.64 -35.29 17.73
CA LEU B 959 -50.48 -34.42 17.69
C LEU B 959 -50.50 -33.45 16.51
N HIS B 960 -51.43 -33.61 15.58
CA HIS B 960 -51.50 -32.71 14.43
C HIS B 960 -52.05 -31.34 14.83
N LYS B 961 -53.02 -31.31 15.74
CA LYS B 961 -53.59 -30.04 16.18
C LYS B 961 -52.76 -29.42 17.31
N GLY B 962 -52.51 -30.18 18.36
CA GLY B 962 -51.70 -29.69 19.47
C GLY B 962 -50.22 -29.90 19.22
N SER B 963 -49.64 -29.09 18.33
CA SER B 963 -48.23 -29.24 17.94
C SER B 963 -47.55 -27.87 18.08
N PHE B 964 -46.98 -27.61 19.26
CA PHE B 964 -46.17 -26.42 19.43
C PHE B 964 -44.86 -26.54 18.67
N CYS B 965 -44.21 -27.71 18.76
CA CYS B 965 -42.97 -27.94 18.02
C CYS B 965 -42.91 -29.32 17.36
N ARG B 966 -43.93 -30.17 17.53
CA ARG B 966 -43.94 -31.47 16.86
C ARG B 966 -44.11 -31.34 15.35
N ASN B 967 -44.53 -30.17 14.86
CA ASN B 967 -44.65 -29.94 13.42
C ASN B 967 -43.33 -30.18 12.68
N TYR B 968 -42.21 -30.28 13.40
CA TYR B 968 -40.95 -30.65 12.77
C TYR B 968 -41.07 -31.97 12.02
N PHE B 969 -41.96 -32.86 12.48
CA PHE B 969 -42.15 -34.13 11.80
C PHE B 969 -42.51 -33.92 10.33
N ASN B 970 -43.20 -32.82 10.01
CA ASN B 970 -43.54 -32.51 8.63
C ASN B 970 -42.29 -32.41 7.76
N ILE B 971 -41.25 -31.74 8.27
CA ILE B 971 -40.02 -31.62 7.51
C ILE B 971 -39.39 -32.99 7.26
N LEU B 972 -39.69 -33.98 8.11
CA LEU B 972 -39.21 -35.33 7.88
C LEU B 972 -39.66 -35.84 6.52
N ASP B 973 -40.89 -35.49 6.12
CA ASP B 973 -41.38 -35.88 4.80
C ASP B 973 -40.45 -35.37 3.71
N LEU B 974 -39.98 -34.12 3.85
CA LEU B 974 -39.01 -33.60 2.90
C LEU B 974 -37.75 -34.45 2.88
N LEU B 975 -37.28 -34.86 4.06
CA LEU B 975 -36.13 -35.76 4.11
C LEU B 975 -36.38 -37.03 3.33
N VAL B 976 -37.64 -37.51 3.32
CA VAL B 976 -37.97 -38.70 2.54
C VAL B 976 -37.68 -38.46 1.06
N VAL B 977 -38.10 -37.29 0.55
CA VAL B 977 -37.83 -36.98 -0.84
C VAL B 977 -36.34 -36.81 -1.09
N SER B 978 -35.57 -36.53 -0.04
CA SER B 978 -34.11 -36.53 -0.16
C SER B 978 -33.55 -37.95 -0.20
N VAL B 979 -34.19 -38.88 0.53
CA VAL B 979 -33.70 -40.25 0.53
C VAL B 979 -33.97 -40.93 -0.82
N SER B 980 -35.17 -40.72 -1.36
CA SER B 980 -35.53 -41.35 -2.62
C SER B 980 -34.68 -40.81 -3.76
N LEU B 981 -34.31 -41.69 -4.69
CA LEU B 981 -33.51 -41.29 -5.84
C LEU B 981 -34.36 -40.52 -6.83
N ILE B 982 -34.34 -39.19 -6.73
CA ILE B 982 -35.17 -38.33 -7.56
C ILE B 982 -34.45 -38.08 -8.87
N SER B 983 -35.13 -38.37 -9.99
CA SER B 983 -34.59 -38.13 -11.34
C SER B 983 -35.73 -37.57 -12.18
N PHE B 984 -35.88 -36.24 -12.16
CA PHE B 984 -36.89 -35.54 -12.93
C PHE B 984 -36.25 -34.91 -14.17
N GLY B 985 -37.04 -34.11 -14.90
CA GLY B 985 -36.53 -33.46 -16.09
C GLY B 985 -35.41 -32.49 -15.79
N ILE B 986 -35.47 -31.82 -14.64
CA ILE B 986 -34.42 -30.89 -14.24
C ILE B 986 -33.17 -31.69 -13.91
N GLN B 987 -32.04 -31.28 -14.50
CA GLN B 987 -30.78 -31.98 -14.26
C GLN B 987 -30.33 -31.85 -12.81
N SER B 988 -30.64 -30.73 -12.16
CA SER B 988 -30.28 -30.53 -10.75
C SER B 988 -31.37 -31.09 -9.84
N SER B 989 -31.61 -32.39 -9.99
CA SER B 989 -32.62 -33.10 -9.21
C SER B 989 -31.92 -33.87 -8.09
N ALA B 990 -32.34 -33.63 -6.84
CA ALA B 990 -31.77 -34.27 -5.66
C ALA B 990 -30.26 -34.05 -5.60
N ILE B 991 -29.82 -32.84 -5.97
CA ILE B 991 -28.41 -32.47 -5.96
C ILE B 991 -28.18 -31.20 -5.14
N ASN B 992 -28.90 -30.13 -5.47
CA ASN B 992 -28.77 -28.87 -4.75
C ASN B 992 -30.10 -28.23 -4.38
N VAL B 993 -31.19 -28.55 -5.06
CA VAL B 993 -32.48 -27.94 -4.73
C VAL B 993 -32.99 -28.44 -3.37
N VAL B 994 -32.76 -29.71 -3.06
CA VAL B 994 -33.25 -30.28 -1.81
C VAL B 994 -32.12 -30.76 -0.90
N LYS B 995 -30.92 -31.04 -1.41
CA LYS B 995 -29.83 -31.48 -0.55
C LYS B 995 -29.31 -30.35 0.33
N ILE B 996 -29.65 -29.09 0.03
CA ILE B 996 -29.31 -28.01 0.94
C ILE B 996 -30.40 -27.78 1.99
N LEU B 997 -31.61 -28.29 1.77
CA LEU B 997 -32.68 -28.20 2.75
C LEU B 997 -32.67 -29.37 3.74
N ARG B 998 -31.81 -30.35 3.55
CA ARG B 998 -31.72 -31.48 4.46
C ARG B 998 -30.76 -31.22 5.62
N VAL B 999 -30.22 -30.01 5.73
CA VAL B 999 -29.30 -29.67 6.80
C VAL B 999 -30.08 -29.50 8.11
N LEU B 1000 -31.41 -29.57 8.02
CA LEU B 1000 -32.25 -29.45 9.21
C LEU B 1000 -32.34 -30.78 9.95
N ARG B 1001 -31.18 -31.36 10.28
CA ARG B 1001 -31.12 -32.58 11.05
C ARG B 1001 -30.56 -32.38 12.45
N VAL B 1002 -30.01 -31.21 12.75
CA VAL B 1002 -29.51 -30.92 14.08
C VAL B 1002 -30.58 -30.35 15.00
N LEU B 1003 -31.70 -29.89 14.44
CA LEU B 1003 -32.81 -29.40 15.26
C LEU B 1003 -33.63 -30.52 15.87
N ARG B 1004 -33.52 -31.74 15.34
CA ARG B 1004 -34.24 -32.87 15.92
C ARG B 1004 -33.78 -33.17 17.35
N PRO B 1005 -32.48 -33.21 17.69
CA PRO B 1005 -32.13 -33.34 19.11
C PRO B 1005 -32.68 -32.21 19.96
N LEU B 1006 -32.73 -30.98 19.42
CA LEU B 1006 -33.29 -29.86 20.18
C LEU B 1006 -34.77 -30.10 20.48
N ARG B 1007 -35.52 -30.57 19.48
CA ARG B 1007 -36.93 -30.90 19.72
C ARG B 1007 -37.07 -32.03 20.73
N ALA B 1008 -36.20 -33.04 20.64
CA ALA B 1008 -36.27 -34.16 21.58
C ALA B 1008 -36.00 -33.71 23.01
N ILE B 1009 -35.04 -32.80 23.20
CA ILE B 1009 -34.67 -32.34 24.53
C ILE B 1009 -35.44 -31.08 24.89
N ASN B 1010 -36.45 -30.72 24.09
CA ASN B 1010 -37.26 -29.56 24.40
C ASN B 1010 -37.93 -29.67 25.76
N ARG B 1011 -38.25 -30.89 26.18
CA ARG B 1011 -38.83 -31.13 27.50
C ARG B 1011 -37.72 -31.01 28.54
N ALA B 1012 -37.68 -29.89 29.25
CA ALA B 1012 -36.64 -29.56 30.23
C ALA B 1012 -35.30 -29.55 29.48
N LYS B 1013 -34.24 -30.13 30.05
CA LYS B 1013 -32.91 -30.22 29.42
C LYS B 1013 -32.45 -28.79 29.14
N GLY B 1014 -32.05 -28.46 27.91
CA GLY B 1014 -31.53 -27.14 27.62
C GLY B 1014 -32.40 -26.31 26.71
N LEU B 1015 -33.72 -26.36 26.94
CA LEU B 1015 -34.67 -25.57 26.18
C LEU B 1015 -35.68 -24.81 27.03
N LYS B 1016 -35.85 -25.18 28.31
CA LYS B 1016 -36.85 -24.54 29.15
C LYS B 1016 -36.58 -23.05 29.31
N HIS B 1017 -35.31 -22.65 29.35
CA HIS B 1017 -34.96 -21.25 29.49
C HIS B 1017 -33.91 -20.76 28.50
N VAL B 1018 -33.22 -21.67 27.78
CA VAL B 1018 -32.16 -21.24 26.88
C VAL B 1018 -32.75 -20.54 25.66
N VAL B 1019 -33.59 -21.24 24.90
CA VAL B 1019 -34.18 -20.65 23.70
C VAL B 1019 -35.13 -19.52 24.07
N GLN B 1020 -35.84 -19.66 25.19
CA GLN B 1020 -36.80 -18.63 25.60
C GLN B 1020 -36.09 -17.32 25.89
N CYS B 1021 -34.97 -17.37 26.62
CA CYS B 1021 -34.24 -16.15 26.94
C CYS B 1021 -33.68 -15.48 25.70
N VAL B 1022 -33.18 -16.28 24.75
CA VAL B 1022 -32.65 -15.71 23.52
C VAL B 1022 -33.75 -15.00 22.74
N PHE B 1023 -34.92 -15.63 22.64
CA PHE B 1023 -36.04 -15.03 21.92
C PHE B 1023 -36.50 -13.74 22.61
N VAL B 1024 -36.59 -13.76 23.93
CA VAL B 1024 -36.99 -12.56 24.66
C VAL B 1024 -35.98 -11.44 24.45
N ALA B 1025 -34.69 -11.77 24.51
CA ALA B 1025 -33.64 -10.77 24.33
C ALA B 1025 -33.68 -10.16 22.92
N ILE B 1026 -33.84 -11.02 21.90
CA ILE B 1026 -33.87 -10.50 20.53
C ILE B 1026 -35.15 -9.70 20.30
N ARG B 1027 -36.24 -10.03 20.99
CA ARG B 1027 -37.46 -9.24 20.85
C ARG B 1027 -37.33 -7.88 21.53
N THR B 1028 -36.65 -7.83 22.69
CA THR B 1028 -36.63 -6.61 23.48
C THR B 1028 -35.79 -5.49 22.89
N ILE B 1029 -35.01 -5.75 21.83
CA ILE B 1029 -34.16 -4.70 21.29
C ILE B 1029 -34.95 -3.79 20.38
N GLY B 1030 -35.46 -4.32 19.26
CA GLY B 1030 -36.45 -3.61 18.47
C GLY B 1030 -36.06 -2.25 17.93
N ASN B 1031 -36.60 -1.22 18.59
CA ASN B 1031 -36.47 0.16 18.11
C ASN B 1031 -35.01 0.56 17.92
N ILE B 1032 -34.10 0.04 18.75
CA ILE B 1032 -32.69 0.38 18.57
C ILE B 1032 -32.19 -0.13 17.23
N VAL B 1033 -32.51 -1.38 16.90
CA VAL B 1033 -32.09 -1.93 15.61
C VAL B 1033 -32.74 -1.18 14.46
N ILE B 1034 -34.03 -0.84 14.60
CA ILE B 1034 -34.71 -0.20 13.48
C ILE B 1034 -34.17 1.22 13.25
N VAL B 1035 -33.84 1.94 14.33
CA VAL B 1035 -33.29 3.27 14.15
C VAL B 1035 -31.85 3.21 13.63
N THR B 1036 -31.09 2.17 14.02
CA THR B 1036 -29.78 1.97 13.44
C THR B 1036 -29.88 1.72 11.93
N THR B 1037 -30.85 0.90 11.52
CA THR B 1037 -31.06 0.66 10.10
C THR B 1037 -31.47 1.94 9.37
N LEU B 1038 -32.32 2.75 10.01
CA LEU B 1038 -32.72 4.02 9.41
C LEU B 1038 -31.53 4.94 9.21
N LEU B 1039 -30.66 5.04 10.22
CA LEU B 1039 -29.46 5.87 10.08
C LEU B 1039 -28.53 5.30 9.01
N GLN B 1040 -28.45 3.98 8.91
CA GLN B 1040 -27.66 3.36 7.84
C GLN B 1040 -28.20 3.75 6.47
N PHE B 1041 -29.53 3.73 6.31
CA PHE B 1041 -30.14 4.13 5.05
C PHE B 1041 -29.86 5.61 4.75
N MET B 1042 -29.97 6.47 5.77
CA MET B 1042 -29.71 7.89 5.57
C MET B 1042 -28.26 8.13 5.14
N PHE B 1043 -27.31 7.48 5.81
CA PHE B 1043 -25.91 7.63 5.44
C PHE B 1043 -25.63 7.05 4.06
N ALA B 1044 -26.32 5.96 3.69
CA ALA B 1044 -26.17 5.42 2.35
C ALA B 1044 -26.65 6.41 1.30
N CYS B 1045 -27.79 7.07 1.56
CA CYS B 1045 -28.28 8.08 0.62
C CYS B 1045 -27.32 9.26 0.53
N ILE B 1046 -26.77 9.69 1.67
CA ILE B 1046 -25.83 10.80 1.66
C ILE B 1046 -24.58 10.43 0.86
N GLY B 1047 -24.06 9.21 1.06
CA GLY B 1047 -22.90 8.77 0.31
C GLY B 1047 -23.18 8.63 -1.18
N VAL B 1048 -24.39 8.17 -1.53
CA VAL B 1048 -24.77 8.09 -2.93
C VAL B 1048 -24.78 9.48 -3.56
N GLN B 1049 -25.33 10.47 -2.84
CA GLN B 1049 -25.31 11.83 -3.35
C GLN B 1049 -23.89 12.39 -3.42
N LEU B 1050 -23.00 11.93 -2.53
CA LEU B 1050 -21.61 12.39 -2.56
C LEU B 1050 -20.81 11.66 -3.63
N PHE B 1051 -20.71 10.34 -3.52
CA PHE B 1051 -19.95 9.51 -4.45
C PHE B 1051 -20.95 8.70 -5.27
N LYS B 1052 -21.42 9.27 -6.39
CA LYS B 1052 -22.37 8.59 -7.25
C LYS B 1052 -21.72 7.85 -8.40
N GLY B 1053 -20.68 8.44 -9.00
CA GLY B 1053 -19.95 7.78 -10.06
C GLY B 1053 -18.47 8.07 -10.03
N LYS B 1054 -18.04 8.83 -9.01
CA LYS B 1054 -16.67 9.29 -8.94
C LYS B 1054 -15.68 8.14 -8.75
N LEU B 1055 -16.08 7.09 -8.03
CA LEU B 1055 -15.19 5.99 -7.69
C LEU B 1055 -15.00 5.09 -8.91
N TYR B 1056 -14.05 5.49 -9.76
CA TYR B 1056 -13.67 4.72 -10.93
C TYR B 1056 -12.20 4.99 -11.22
N THR B 1057 -11.57 4.07 -11.96
CA THR B 1057 -10.16 4.23 -12.29
C THR B 1057 -9.84 3.38 -13.52
N CYS B 1058 -8.63 3.56 -14.03
CA CYS B 1058 -8.09 2.74 -15.10
C CYS B 1058 -6.78 2.11 -14.64
N SER B 1059 -6.22 1.26 -15.50
CA SER B 1059 -5.05 0.48 -15.11
C SER B 1059 -3.80 1.36 -14.99
N ASP B 1060 -3.55 2.21 -16.00
CA ASP B 1060 -2.32 3.00 -16.02
C ASP B 1060 -2.43 4.28 -15.21
N SER B 1061 -3.63 4.70 -14.83
CA SER B 1061 -3.86 5.85 -13.96
C SER B 1061 -3.42 7.17 -14.62
N SER B 1062 -2.96 7.11 -15.86
CA SER B 1062 -2.57 8.30 -16.61
C SER B 1062 -3.68 8.80 -17.52
N LYS B 1063 -4.82 8.11 -17.55
CA LYS B 1063 -5.95 8.49 -18.38
C LYS B 1063 -7.15 8.77 -17.48
N GLN B 1064 -8.02 9.67 -17.92
CA GLN B 1064 -9.15 10.12 -17.11
C GLN B 1064 -10.48 9.62 -17.63
N THR B 1065 -10.80 9.87 -18.89
CA THR B 1065 -12.07 9.43 -19.44
C THR B 1065 -12.04 7.93 -19.76
N GLU B 1066 -13.23 7.34 -19.81
CA GLU B 1066 -13.34 5.93 -20.16
C GLU B 1066 -13.12 5.69 -21.65
N ALA B 1067 -13.31 6.71 -22.49
CA ALA B 1067 -13.17 6.55 -23.93
C ALA B 1067 -11.72 6.49 -24.39
N GLU B 1068 -10.76 6.75 -23.50
CA GLU B 1068 -9.35 6.76 -23.88
C GLU B 1068 -8.56 5.59 -23.30
N CYS B 1069 -9.10 4.87 -22.34
CA CYS B 1069 -8.41 3.72 -21.74
C CYS B 1069 -8.90 2.42 -22.37
N LYS B 1070 -8.62 2.26 -23.65
CA LYS B 1070 -9.05 1.08 -24.41
C LYS B 1070 -7.91 0.56 -25.30
N GLY B 1071 -6.72 0.44 -24.72
CA GLY B 1071 -5.57 -0.08 -25.42
C GLY B 1071 -4.63 -0.79 -24.48
N ASN B 1072 -3.35 -0.74 -24.79
CA ASN B 1072 -2.32 -1.41 -24.01
C ASN B 1072 -1.33 -0.38 -23.47
N TYR B 1073 -0.68 -0.74 -22.38
CA TYR B 1073 0.26 0.17 -21.73
C TYR B 1073 1.40 -0.62 -21.11
N ILE B 1074 2.49 0.08 -20.83
CA ILE B 1074 3.72 -0.52 -20.32
C ILE B 1074 3.79 -0.28 -18.82
N THR B 1075 3.93 -1.35 -18.04
CA THR B 1075 4.19 -1.28 -16.61
C THR B 1075 5.50 -1.99 -16.33
N TYR B 1076 6.33 -1.37 -15.49
CA TYR B 1076 7.71 -1.84 -15.27
C TYR B 1076 7.79 -2.71 -14.03
N LYS B 1077 7.09 -3.85 -14.07
CA LYS B 1077 7.10 -4.84 -13.00
C LYS B 1077 6.80 -4.17 -11.66
N ASP B 1078 7.85 -3.98 -10.85
CA ASP B 1078 7.76 -3.20 -9.63
C ASP B 1078 8.53 -1.89 -9.69
N GLY B 1079 9.42 -1.74 -10.66
CA GLY B 1079 10.21 -0.54 -10.80
C GLY B 1079 11.57 -0.87 -11.41
N GLU B 1080 12.55 -0.03 -11.06
CA GLU B 1080 13.94 -0.24 -11.43
C GLU B 1080 14.17 -0.17 -12.94
N VAL B 1081 13.12 0.13 -13.70
CA VAL B 1081 13.13 0.27 -15.16
C VAL B 1081 13.77 -0.94 -15.83
N ASP B 1082 13.96 -0.89 -17.15
CA ASP B 1082 14.59 -1.92 -17.96
C ASP B 1082 13.84 -3.25 -17.91
N HIS B 1083 12.62 -3.28 -17.37
CA HIS B 1083 11.80 -4.49 -17.33
C HIS B 1083 10.39 -4.15 -17.76
N PRO B 1084 10.20 -3.84 -19.04
CA PRO B 1084 8.85 -3.50 -19.51
C PRO B 1084 7.92 -4.71 -19.50
N ILE B 1085 6.64 -4.44 -19.27
CA ILE B 1085 5.60 -5.46 -19.33
C ILE B 1085 4.37 -4.83 -19.96
N ILE B 1086 3.91 -5.37 -21.08
CA ILE B 1086 2.75 -4.84 -21.79
C ILE B 1086 1.50 -5.48 -21.21
N GLN B 1087 0.54 -4.65 -20.79
CA GLN B 1087 -0.70 -5.13 -20.21
C GLN B 1087 -1.86 -4.32 -20.77
N PRO B 1088 -3.02 -4.94 -20.92
CA PRO B 1088 -4.18 -4.21 -21.45
C PRO B 1088 -4.71 -3.19 -20.45
N ARG B 1089 -5.34 -2.14 -20.99
CA ARG B 1089 -5.98 -1.13 -20.16
C ARG B 1089 -7.42 -1.54 -19.87
N SER B 1090 -7.83 -1.37 -18.61
CA SER B 1090 -9.16 -1.74 -18.17
C SER B 1090 -9.73 -0.62 -17.29
N TRP B 1091 -11.02 -0.35 -17.47
CA TRP B 1091 -11.73 0.64 -16.68
C TRP B 1091 -12.55 -0.08 -15.62
N GLU B 1092 -12.23 0.17 -14.35
CA GLU B 1092 -12.80 -0.59 -13.25
C GLU B 1092 -13.32 0.32 -12.15
N ASN B 1093 -14.37 -0.16 -11.48
CA ASN B 1093 -14.94 0.52 -10.33
C ASN B 1093 -14.10 0.18 -9.08
N SER B 1094 -14.39 0.90 -8.00
CA SER B 1094 -13.62 0.79 -6.76
C SER B 1094 -14.13 -0.35 -5.87
N LYS B 1095 -14.22 -1.56 -6.42
CA LYS B 1095 -14.62 -2.75 -5.68
C LYS B 1095 -15.99 -2.55 -5.03
N PHE B 1096 -16.01 -1.89 -3.87
CA PHE B 1096 -17.26 -1.60 -3.17
C PHE B 1096 -17.92 -0.40 -3.85
N ASP B 1097 -18.95 -0.67 -4.64
CA ASP B 1097 -19.62 0.38 -5.40
C ASP B 1097 -20.40 1.32 -4.49
N PHE B 1098 -20.62 2.53 -4.98
CA PHE B 1098 -21.35 3.56 -4.24
C PHE B 1098 -22.43 4.23 -5.07
N ASP B 1099 -22.82 3.65 -6.20
CA ASP B 1099 -23.72 4.34 -7.13
C ASP B 1099 -25.16 4.30 -6.65
N ASN B 1100 -25.72 3.11 -6.50
CA ASN B 1100 -27.13 2.96 -6.15
C ASN B 1100 -27.32 2.89 -4.64
N VAL B 1101 -28.52 3.27 -4.20
CA VAL B 1101 -28.84 3.20 -2.78
C VAL B 1101 -29.08 1.75 -2.35
N LEU B 1102 -29.51 0.89 -3.27
CA LEU B 1102 -29.55 -0.54 -2.97
C LEU B 1102 -28.15 -1.07 -2.68
N ALA B 1103 -27.18 -0.64 -3.46
CA ALA B 1103 -25.78 -0.86 -3.14
C ALA B 1103 -25.34 0.22 -2.15
N ALA B 1104 -24.03 0.33 -1.93
CA ALA B 1104 -23.42 1.32 -1.04
C ALA B 1104 -23.89 1.19 0.40
N MET B 1105 -24.69 0.17 0.71
CA MET B 1105 -25.06 -0.16 2.09
C MET B 1105 -24.20 -1.28 2.65
N MET B 1106 -23.89 -2.29 1.84
CA MET B 1106 -22.90 -3.28 2.25
C MET B 1106 -21.52 -2.65 2.42
N ALA B 1107 -21.22 -1.62 1.64
CA ALA B 1107 -19.95 -0.90 1.80
C ALA B 1107 -19.89 -0.23 3.16
N LEU B 1108 -20.97 0.46 3.56
CA LEU B 1108 -21.00 1.08 4.88
C LEU B 1108 -21.04 0.03 5.98
N PHE B 1109 -21.65 -1.12 5.72
CA PHE B 1109 -21.63 -2.20 6.69
C PHE B 1109 -20.21 -2.71 6.91
N THR B 1110 -19.45 -2.87 5.83
CA THR B 1110 -18.05 -3.27 5.95
C THR B 1110 -17.24 -2.20 6.66
N VAL B 1111 -17.52 -0.93 6.38
CA VAL B 1111 -16.82 0.16 7.07
C VAL B 1111 -17.13 0.12 8.57
N SER B 1112 -18.37 -0.19 8.94
CA SER B 1112 -18.75 -0.23 10.34
C SER B 1112 -18.19 -1.45 11.05
N THR B 1113 -17.70 -2.44 10.32
CA THR B 1113 -17.08 -3.62 10.91
C THR B 1113 -15.57 -3.48 11.07
N PHE B 1114 -15.01 -2.33 10.69
CA PHE B 1114 -13.57 -2.06 10.79
C PHE B 1114 -12.77 -3.11 10.01
N GLU B 1115 -13.09 -3.24 8.73
CA GLU B 1115 -12.43 -4.21 7.86
C GLU B 1115 -12.29 -3.60 6.47
N GLY B 1116 -11.06 -3.23 6.11
CA GLY B 1116 -10.80 -2.68 4.79
C GLY B 1116 -11.27 -1.26 4.60
N TRP B 1117 -11.69 -0.58 5.66
CA TRP B 1117 -12.19 0.78 5.53
C TRP B 1117 -11.11 1.82 5.22
N PRO B 1118 -9.85 1.65 5.65
CA PRO B 1118 -8.82 2.60 5.18
C PRO B 1118 -8.64 2.62 3.67
N GLU B 1119 -8.75 1.46 3.01
CA GLU B 1119 -8.59 1.41 1.57
C GLU B 1119 -9.71 2.18 0.88
N LEU B 1120 -10.96 1.94 1.30
CA LEU B 1120 -12.09 2.69 0.74
C LEU B 1120 -11.95 4.18 1.06
N LEU B 1121 -11.47 4.51 2.26
CA LEU B 1121 -11.31 5.90 2.64
C LEU B 1121 -10.33 6.62 1.72
N TYR B 1122 -9.16 6.01 1.49
CA TYR B 1122 -8.17 6.65 0.62
C TYR B 1122 -8.54 6.55 -0.85
N ARG B 1123 -9.44 5.63 -1.22
CA ARG B 1123 -9.94 5.59 -2.58
C ARG B 1123 -10.97 6.68 -2.84
N SER B 1124 -11.81 6.97 -1.84
CA SER B 1124 -12.88 7.94 -2.00
C SER B 1124 -12.48 9.36 -1.62
N ILE B 1125 -11.36 9.53 -0.92
CA ILE B 1125 -10.89 10.87 -0.59
C ILE B 1125 -10.58 11.65 -1.87
N ASP B 1126 -9.87 11.01 -2.80
CA ASP B 1126 -9.30 11.69 -3.96
C ASP B 1126 -10.11 11.46 -5.22
N SER B 1127 -11.44 11.38 -5.11
CA SER B 1127 -12.32 11.27 -6.25
C SER B 1127 -12.92 12.64 -6.58
N HIS B 1128 -13.26 12.83 -7.86
CA HIS B 1128 -13.74 14.13 -8.31
C HIS B 1128 -14.56 13.93 -9.58
N THR B 1129 -15.30 14.97 -9.93
CA THR B 1129 -16.14 15.04 -11.15
C THR B 1129 -17.10 13.84 -11.15
N GLU B 1130 -17.43 13.34 -12.33
CA GLU B 1130 -18.41 12.26 -12.45
C GLU B 1130 -17.82 11.00 -13.08
N ASP B 1131 -17.11 11.12 -14.20
CA ASP B 1131 -16.60 9.97 -14.93
C ASP B 1131 -15.12 10.15 -15.25
N LYS B 1132 -14.32 10.57 -14.26
CA LYS B 1132 -12.90 10.78 -14.45
C LYS B 1132 -12.12 10.03 -13.38
N GLY B 1133 -10.83 9.83 -13.67
CA GLY B 1133 -9.97 9.15 -12.74
C GLY B 1133 -9.60 10.04 -11.56
N PRO B 1134 -8.89 9.46 -10.60
CA PRO B 1134 -8.59 10.18 -9.36
C PRO B 1134 -7.36 11.07 -9.46
N ILE B 1135 -7.23 11.96 -8.48
CA ILE B 1135 -6.04 12.74 -8.26
C ILE B 1135 -5.34 12.14 -7.04
N TYR B 1136 -4.15 12.66 -6.73
CA TYR B 1136 -3.42 12.14 -5.57
C TYR B 1136 -4.16 12.44 -4.27
N ASN B 1137 -4.35 13.72 -3.96
CA ASN B 1137 -4.95 14.11 -2.68
C ASN B 1137 -5.95 15.23 -2.87
N TYR B 1138 -6.76 15.15 -3.93
CA TYR B 1138 -7.87 16.08 -4.10
C TYR B 1138 -8.94 15.81 -3.03
N ARG B 1139 -9.44 16.87 -2.41
CA ARG B 1139 -10.56 16.81 -1.46
C ARG B 1139 -10.22 15.88 -0.29
N VAL B 1140 -9.22 16.31 0.49
CA VAL B 1140 -8.82 15.55 1.68
C VAL B 1140 -9.88 15.65 2.76
N GLU B 1141 -10.60 16.78 2.84
CA GLU B 1141 -11.48 17.03 3.97
C GLU B 1141 -12.66 16.07 4.02
N ILE B 1142 -13.09 15.54 2.86
CA ILE B 1142 -14.27 14.67 2.81
C ILE B 1142 -14.14 13.47 3.74
N SER B 1143 -12.92 13.10 4.10
CA SER B 1143 -12.70 11.98 5.01
C SER B 1143 -13.46 12.14 6.31
N ILE B 1144 -13.66 13.39 6.75
CA ILE B 1144 -14.35 13.62 8.02
C ILE B 1144 -15.72 12.96 8.00
N PHE B 1145 -16.38 12.96 6.83
CA PHE B 1145 -17.66 12.27 6.68
C PHE B 1145 -17.57 10.86 7.24
N PHE B 1146 -16.65 10.06 6.72
CA PHE B 1146 -16.47 8.69 7.21
C PHE B 1146 -16.31 8.69 8.72
N ILE B 1147 -15.45 9.57 9.23
CA ILE B 1147 -15.20 9.60 10.67
C ILE B 1147 -16.51 9.77 11.43
N ILE B 1148 -17.32 10.73 11.00
CA ILE B 1148 -18.60 10.97 11.68
C ILE B 1148 -19.42 9.70 11.70
N TYR B 1149 -19.55 9.06 10.53
CA TYR B 1149 -20.31 7.82 10.45
C TYR B 1149 -19.81 6.82 11.48
N ILE B 1150 -18.48 6.62 11.53
CA ILE B 1150 -17.93 5.65 12.46
C ILE B 1150 -18.37 5.97 13.87
N ILE B 1151 -18.22 7.23 14.28
CA ILE B 1151 -18.59 7.62 15.64
C ILE B 1151 -20.05 7.28 15.89
N ILE B 1152 -20.91 7.65 14.94
CA ILE B 1152 -22.34 7.38 15.10
C ILE B 1152 -22.56 5.89 15.31
N ILE B 1153 -21.92 5.06 14.47
CA ILE B 1153 -22.08 3.62 14.60
C ILE B 1153 -21.62 3.16 15.96
N ALA B 1154 -20.47 3.69 16.41
CA ALA B 1154 -20.00 3.35 17.76
C ALA B 1154 -21.05 3.70 18.80
N PHE B 1155 -21.64 4.90 18.67
CA PHE B 1155 -22.61 5.36 19.65
C PHE B 1155 -23.81 4.42 19.74
N PHE B 1156 -24.04 3.62 18.70
CA PHE B 1156 -25.07 2.58 18.77
C PHE B 1156 -24.50 1.21 19.09
N MET B 1157 -23.31 0.89 18.59
CA MET B 1157 -22.75 -0.43 18.83
C MET B 1157 -22.48 -0.64 20.32
N MET B 1158 -21.93 0.37 20.98
CA MET B 1158 -21.78 0.31 22.43
C MET B 1158 -23.11 0.45 23.16
N ASN B 1159 -24.12 1.04 22.50
CA ASN B 1159 -25.42 1.19 23.13
C ASN B 1159 -26.15 -0.15 23.22
N ILE B 1160 -26.14 -0.93 22.14
CA ILE B 1160 -26.89 -2.17 22.09
C ILE B 1160 -26.45 -3.11 23.22
N PHE B 1161 -25.14 -3.28 23.36
CA PHE B 1161 -24.61 -4.08 24.47
C PHE B 1161 -25.19 -3.62 25.79
N VAL B 1162 -25.19 -2.30 26.01
CA VAL B 1162 -25.72 -1.74 27.25
C VAL B 1162 -27.16 -2.19 27.46
N GLY B 1163 -27.97 -2.17 26.40
CA GLY B 1163 -29.35 -2.62 26.52
C GLY B 1163 -29.42 -4.05 27.03
N PHE B 1164 -28.59 -4.93 26.46
CA PHE B 1164 -28.56 -6.32 26.93
C PHE B 1164 -28.18 -6.37 28.40
N VAL B 1165 -27.24 -5.51 28.81
CA VAL B 1165 -26.88 -5.45 30.23
C VAL B 1165 -28.11 -5.15 31.08
N ILE B 1166 -28.94 -4.22 30.62
CA ILE B 1166 -30.16 -3.91 31.36
C ILE B 1166 -31.04 -5.15 31.48
N VAL B 1167 -31.09 -5.95 30.41
CA VAL B 1167 -31.84 -7.20 30.47
C VAL B 1167 -31.28 -8.08 31.58
N THR B 1168 -29.95 -8.19 31.66
CA THR B 1168 -29.34 -8.96 32.73
C THR B 1168 -29.70 -8.39 34.10
N PHE B 1169 -29.91 -7.07 34.18
CA PHE B 1169 -30.34 -6.48 35.44
C PHE B 1169 -31.79 -6.80 35.76
N GLN B 1170 -32.64 -6.95 34.74
CA GLN B 1170 -34.04 -7.26 34.96
C GLN B 1170 -34.33 -8.75 34.93
N GLU B 1171 -33.33 -9.57 34.64
CA GLU B 1171 -33.45 -11.03 34.74
C GLU B 1171 -32.70 -11.59 35.95
N GLN B 1172 -32.15 -10.73 36.79
CA GLN B 1172 -31.41 -11.14 37.99
C GLN B 1172 -31.97 -10.54 39.27
N GLY B 1173 -32.38 -9.27 39.24
CA GLY B 1173 -32.86 -8.61 40.45
C GLY B 1173 -34.24 -9.05 40.89
N GLU B 1174 -35.03 -9.61 39.98
CA GLU B 1174 -36.40 -9.99 40.31
C GLU B 1174 -36.49 -11.36 40.99
N GLN B 1175 -35.39 -12.11 41.06
CA GLN B 1175 -35.41 -13.36 41.79
C GLN B 1175 -35.68 -13.14 43.27
N GLU B 1176 -35.04 -12.13 43.86
CA GLU B 1176 -35.22 -11.80 45.26
C GLU B 1176 -35.36 -10.29 45.43
N TYR B 1177 -36.19 -9.67 44.59
CA TYR B 1177 -36.45 -8.24 44.73
C TYR B 1177 -37.12 -7.92 46.05
N LYS B 1178 -38.06 -8.76 46.47
CA LYS B 1178 -38.68 -8.66 47.79
C LYS B 1178 -37.94 -9.62 48.71
N ASN B 1179 -37.04 -9.09 49.53
CA ASN B 1179 -36.20 -9.92 50.37
C ASN B 1179 -37.03 -10.68 51.41
N CYS B 1180 -37.91 -9.97 52.12
CA CYS B 1180 -38.71 -10.52 53.21
C CYS B 1180 -37.85 -11.17 54.29
N GLU B 1181 -36.59 -10.79 54.36
CA GLU B 1181 -35.64 -11.37 55.30
C GLU B 1181 -34.74 -10.25 55.82
N LEU B 1182 -33.63 -10.64 56.47
CA LEU B 1182 -32.71 -9.65 57.02
C LEU B 1182 -32.11 -8.78 55.93
N ASP B 1183 -31.32 -9.38 55.04
CA ASP B 1183 -30.69 -8.69 53.93
C ASP B 1183 -30.07 -9.74 53.01
N LYS B 1184 -29.91 -9.38 51.74
CA LYS B 1184 -29.39 -10.32 50.75
C LYS B 1184 -28.03 -10.87 51.17
N ASN B 1185 -27.09 -9.97 51.45
CA ASN B 1185 -25.78 -10.40 51.94
C ASN B 1185 -25.91 -11.12 53.29
N GLN B 1186 -26.74 -10.57 54.17
CA GLN B 1186 -26.92 -11.18 55.49
C GLN B 1186 -27.57 -12.55 55.39
N ARG B 1187 -28.62 -12.68 54.56
CA ARG B 1187 -29.27 -13.98 54.42
C ARG B 1187 -28.33 -15.00 53.78
N GLN B 1188 -27.57 -14.59 52.77
CA GLN B 1188 -26.62 -15.52 52.15
C GLN B 1188 -25.56 -15.96 53.16
N CYS B 1189 -25.02 -15.02 53.93
CA CYS B 1189 -24.02 -15.39 54.94
C CYS B 1189 -24.60 -16.32 55.99
N VAL B 1190 -25.81 -16.03 56.48
CA VAL B 1190 -26.38 -16.82 57.56
C VAL B 1190 -26.86 -18.19 57.07
N GLU B 1191 -27.12 -18.34 55.77
CA GLU B 1191 -27.55 -19.63 55.25
C GLU B 1191 -26.42 -20.42 54.59
N TYR B 1192 -25.25 -19.83 54.39
CA TYR B 1192 -24.12 -20.54 53.81
C TYR B 1192 -22.97 -20.78 54.78
N ALA B 1193 -22.79 -19.91 55.77
CA ALA B 1193 -21.67 -20.05 56.71
C ALA B 1193 -21.98 -20.99 57.87
N LEU B 1194 -23.24 -21.39 58.06
CA LEU B 1194 -23.57 -22.30 59.15
C LEU B 1194 -23.12 -23.73 58.83
N LYS B 1195 -23.03 -24.08 57.54
CA LYS B 1195 -22.59 -25.41 57.13
C LYS B 1195 -21.05 -25.45 57.07
N ALA B 1196 -20.44 -25.24 58.23
CA ALA B 1196 -18.99 -25.22 58.36
C ALA B 1196 -18.53 -26.43 59.16
N ARG B 1197 -17.59 -27.19 58.60
CA ARG B 1197 -17.05 -28.39 59.24
C ARG B 1197 -15.57 -28.19 59.49
N PRO B 1198 -15.16 -27.88 60.71
CA PRO B 1198 -13.74 -27.69 61.00
C PRO B 1198 -12.95 -28.98 60.85
N LEU B 1199 -11.69 -28.83 60.47
CA LEU B 1199 -10.80 -29.97 60.29
C LEU B 1199 -9.97 -30.19 61.57
N ARG B 1200 -9.79 -31.46 61.92
CA ARG B 1200 -9.05 -31.79 63.14
C ARG B 1200 -7.57 -31.49 62.97
N ARG B 1201 -6.91 -32.18 62.05
CA ARG B 1201 -5.51 -31.93 61.74
C ARG B 1201 -5.15 -32.70 60.47
N TYR B 1202 -3.97 -32.40 59.94
CA TYR B 1202 -3.45 -33.07 58.76
C TYR B 1202 -2.00 -33.51 58.95
N ILE B 1203 -1.47 -33.42 60.16
CA ILE B 1203 -0.06 -33.67 60.44
C ILE B 1203 0.04 -34.80 61.45
N PRO B 1204 0.63 -35.94 61.09
CA PRO B 1204 0.97 -36.94 62.10
C PRO B 1204 2.07 -36.43 63.01
N LYS B 1205 2.08 -36.91 64.24
CA LYS B 1205 3.04 -36.39 65.22
C LYS B 1205 4.44 -36.95 64.95
N ASN B 1206 4.63 -38.25 65.17
CA ASN B 1206 5.78 -39.04 64.72
C ASN B 1206 7.10 -38.27 64.75
N GLN B 1207 7.33 -37.49 65.81
CA GLN B 1207 8.42 -36.52 65.78
C GLN B 1207 9.80 -37.16 65.85
N HIS B 1208 9.89 -38.47 66.10
CA HIS B 1208 11.20 -39.13 66.11
C HIS B 1208 11.84 -39.10 64.73
N GLN B 1209 11.04 -39.13 63.65
CA GLN B 1209 11.59 -39.13 62.31
C GLN B 1209 10.80 -38.24 61.35
N TYR B 1210 9.98 -37.32 61.86
CA TYR B 1210 9.17 -36.46 61.00
C TYR B 1210 9.48 -34.99 61.22
N LYS B 1211 10.77 -34.65 61.25
CA LYS B 1211 11.19 -33.27 61.43
C LYS B 1211 10.82 -32.38 60.25
N VAL B 1212 10.45 -32.96 59.11
CA VAL B 1212 10.19 -32.17 57.91
C VAL B 1212 8.93 -31.31 58.06
N TRP B 1213 7.94 -31.80 58.81
CA TRP B 1213 6.63 -31.14 58.82
C TRP B 1213 6.71 -29.71 59.33
N TYR B 1214 7.45 -29.48 60.42
CA TYR B 1214 7.52 -28.13 60.98
C TYR B 1214 8.42 -27.19 60.19
N VAL B 1215 9.15 -27.71 59.19
CA VAL B 1215 10.00 -26.87 58.36
C VAL B 1215 9.15 -26.16 57.33
N VAL B 1216 8.69 -24.96 57.65
CA VAL B 1216 7.87 -24.17 56.75
C VAL B 1216 8.57 -22.84 56.47
N ASN B 1217 7.95 -22.01 55.64
CA ASN B 1217 8.44 -20.70 55.20
C ASN B 1217 9.66 -20.82 54.30
N SER B 1218 10.19 -22.02 54.08
CA SER B 1218 11.30 -22.21 53.15
C SER B 1218 10.83 -22.11 51.69
N THR B 1219 9.59 -22.51 51.42
CA THR B 1219 9.07 -22.41 50.06
C THR B 1219 9.06 -20.97 49.58
N TYR B 1220 8.77 -20.03 50.49
CA TYR B 1220 8.84 -18.61 50.15
C TYR B 1220 10.20 -18.24 49.58
N PHE B 1221 11.26 -18.89 50.06
CA PHE B 1221 12.57 -18.73 49.44
C PHE B 1221 12.64 -19.49 48.12
N GLU B 1222 12.23 -20.76 48.13
CA GLU B 1222 12.27 -21.57 46.92
C GLU B 1222 11.32 -21.06 45.86
N TYR B 1223 10.36 -20.21 46.22
CA TYR B 1223 9.55 -19.53 45.22
C TYR B 1223 10.41 -18.73 44.26
N LEU B 1224 11.46 -18.09 44.79
CA LEU B 1224 12.44 -17.44 43.91
C LEU B 1224 13.05 -18.44 42.96
N MET B 1225 13.33 -19.65 43.45
CA MET B 1225 13.79 -20.73 42.57
C MET B 1225 12.85 -20.92 41.39
N PHE B 1226 11.54 -20.87 41.64
CA PHE B 1226 10.56 -21.07 40.57
C PHE B 1226 10.67 -20.02 39.47
N VAL B 1227 11.28 -18.87 39.77
CA VAL B 1227 11.50 -17.88 38.70
C VAL B 1227 12.87 -18.07 38.05
N LEU B 1228 13.84 -18.62 38.77
CA LEU B 1228 15.18 -18.77 38.21
C LEU B 1228 15.15 -19.65 36.97
N ILE B 1229 14.50 -20.81 37.07
CA ILE B 1229 14.34 -21.68 35.91
C ILE B 1229 13.66 -20.93 34.78
N LEU B 1230 12.71 -20.06 35.12
CA LEU B 1230 12.05 -19.24 34.11
C LEU B 1230 13.08 -18.46 33.30
N LEU B 1231 14.03 -17.82 33.99
CA LEU B 1231 15.09 -17.11 33.28
C LEU B 1231 15.86 -18.05 32.37
N ASN B 1232 16.14 -19.27 32.86
CA ASN B 1232 16.80 -20.26 32.02
C ASN B 1232 15.97 -20.55 30.78
N THR B 1233 14.65 -20.63 30.93
CA THR B 1233 13.78 -20.90 29.79
C THR B 1233 13.76 -19.76 28.78
N ILE B 1234 14.30 -18.58 29.13
CA ILE B 1234 14.46 -17.51 28.14
C ILE B 1234 15.90 -17.39 27.65
N CYS B 1235 16.84 -18.11 28.27
CA CYS B 1235 18.23 -18.08 27.81
C CYS B 1235 18.37 -18.63 26.40
N LEU B 1236 17.45 -19.49 25.96
CA LEU B 1236 17.46 -19.97 24.58
C LEU B 1236 17.16 -18.86 23.59
N ALA B 1237 16.82 -17.66 24.06
CA ALA B 1237 16.77 -16.50 23.16
C ALA B 1237 18.15 -16.21 22.57
N MET B 1238 19.21 -16.59 23.29
CA MET B 1238 20.56 -16.53 22.74
C MET B 1238 20.76 -17.49 21.57
N GLN B 1239 19.83 -18.44 21.38
CA GLN B 1239 19.88 -19.37 20.26
C GLN B 1239 19.12 -18.86 19.04
N HIS B 1240 19.03 -17.55 18.87
CA HIS B 1240 18.29 -16.93 17.78
C HIS B 1240 18.98 -17.26 16.46
N TYR B 1241 18.39 -18.20 15.71
CA TYR B 1241 18.91 -18.64 14.41
C TYR B 1241 20.41 -18.95 14.46
N GLY B 1242 20.88 -19.44 15.60
CA GLY B 1242 22.30 -19.74 15.76
C GLY B 1242 22.66 -19.94 17.22
N GLN B 1243 23.52 -20.92 17.49
CA GLN B 1243 23.83 -21.31 18.86
C GLN B 1243 25.33 -21.44 19.05
N SER B 1244 25.77 -21.24 20.29
CA SER B 1244 27.13 -21.53 20.72
C SER B 1244 27.09 -22.77 21.60
N CYS B 1245 28.00 -23.71 21.32
CA CYS B 1245 27.92 -25.02 21.97
C CYS B 1245 28.08 -24.91 23.48
N LEU B 1246 29.00 -24.06 23.94
CA LEU B 1246 29.21 -23.92 25.38
C LEU B 1246 27.96 -23.37 26.07
N PHE B 1247 27.31 -22.37 25.47
CA PHE B 1247 26.10 -21.82 26.06
C PHE B 1247 24.99 -22.87 26.11
N LYS B 1248 24.84 -23.65 25.04
CA LYS B 1248 23.79 -24.65 25.00
C LYS B 1248 24.03 -25.76 26.03
N ILE B 1249 25.29 -26.21 26.17
CA ILE B 1249 25.56 -27.25 27.16
C ILE B 1249 25.41 -26.69 28.58
N ALA B 1250 25.77 -25.42 28.79
CA ALA B 1250 25.52 -24.81 30.09
C ALA B 1250 24.03 -24.73 30.40
N MET B 1251 23.22 -24.41 29.39
CA MET B 1251 21.77 -24.40 29.57
C MET B 1251 21.26 -25.79 29.91
N ASN B 1252 21.79 -26.82 29.24
CA ASN B 1252 21.39 -28.19 29.55
C ASN B 1252 21.75 -28.56 30.98
N ILE B 1253 22.95 -28.16 31.42
CA ILE B 1253 23.37 -28.45 32.80
C ILE B 1253 22.47 -27.73 33.79
N LEU B 1254 22.12 -26.47 33.51
CA LEU B 1254 21.23 -25.73 34.39
C LEU B 1254 19.85 -26.39 34.46
N ASN B 1255 19.33 -26.83 33.32
CA ASN B 1255 18.04 -27.52 33.32
C ASN B 1255 18.12 -28.81 34.14
N MET B 1256 19.19 -29.58 33.96
CA MET B 1256 19.33 -30.84 34.69
C MET B 1256 19.40 -30.59 36.20
N LEU B 1257 20.18 -29.59 36.62
CA LEU B 1257 20.31 -29.33 38.05
C LEU B 1257 19.02 -28.79 38.64
N PHE B 1258 18.28 -27.96 37.88
CA PHE B 1258 16.99 -27.47 38.37
C PHE B 1258 15.99 -28.62 38.51
N THR B 1259 15.98 -29.53 37.54
CA THR B 1259 15.09 -30.68 37.64
C THR B 1259 15.47 -31.56 38.83
N GLY B 1260 16.77 -31.76 39.06
CA GLY B 1260 17.20 -32.52 40.21
C GLY B 1260 16.81 -31.87 41.53
N LEU B 1261 16.94 -30.54 41.60
CA LEU B 1261 16.54 -29.83 42.81
C LEU B 1261 15.04 -29.96 43.05
N PHE B 1262 14.24 -29.82 42.00
CA PHE B 1262 12.80 -29.99 42.16
C PHE B 1262 12.46 -31.41 42.61
N THR B 1263 13.12 -32.41 42.03
CA THR B 1263 12.85 -33.79 42.39
C THR B 1263 13.22 -34.06 43.86
N VAL B 1264 14.38 -33.59 44.28
CA VAL B 1264 14.80 -33.83 45.66
C VAL B 1264 13.91 -33.08 46.63
N GLU B 1265 13.49 -31.87 46.27
CA GLU B 1265 12.60 -31.11 47.15
C GLU B 1265 11.26 -31.80 47.31
N MET B 1266 10.67 -32.27 46.20
CA MET B 1266 9.39 -32.96 46.31
C MET B 1266 9.52 -34.29 47.04
N ILE B 1267 10.65 -34.99 46.86
CA ILE B 1267 10.86 -36.25 47.57
C ILE B 1267 10.96 -35.99 49.07
N LEU B 1268 11.75 -34.99 49.47
CA LEU B 1268 11.90 -34.71 50.90
C LEU B 1268 10.63 -34.17 51.51
N LYS B 1269 9.82 -33.45 50.74
CA LYS B 1269 8.56 -32.93 51.25
C LYS B 1269 7.41 -33.93 51.14
N LEU B 1270 7.63 -35.08 50.50
CA LEU B 1270 6.62 -36.12 50.42
C LEU B 1270 7.03 -37.45 51.04
N ILE B 1271 8.28 -37.58 51.50
CA ILE B 1271 8.72 -38.85 52.07
C ILE B 1271 8.02 -39.10 53.41
N ALA B 1272 7.85 -38.07 54.22
CA ALA B 1272 7.25 -38.16 55.54
C ALA B 1272 6.10 -37.18 55.68
N PHE B 1273 5.23 -37.15 54.67
CA PHE B 1273 4.08 -36.26 54.64
C PHE B 1273 2.81 -37.04 54.35
N LYS B 1274 2.69 -38.25 54.90
CA LYS B 1274 1.52 -39.10 54.73
C LYS B 1274 1.17 -39.30 53.27
N PRO B 1275 1.93 -40.13 52.54
CA PRO B 1275 1.61 -40.35 51.11
C PRO B 1275 0.22 -40.90 50.88
N LYS B 1276 -0.44 -41.42 51.90
CA LYS B 1276 -1.85 -41.81 51.77
C LYS B 1276 -2.71 -40.60 51.43
N HIS B 1277 -2.46 -39.46 52.08
CA HIS B 1277 -3.21 -38.24 51.85
C HIS B 1277 -2.48 -37.29 50.89
N TYR B 1278 -1.37 -37.73 50.30
CA TYR B 1278 -0.62 -36.87 49.39
C TYR B 1278 -1.43 -36.55 48.14
N PHE B 1279 -2.18 -37.53 47.62
CA PHE B 1279 -2.93 -37.32 46.39
C PHE B 1279 -4.12 -36.38 46.55
N CYS B 1280 -4.47 -36.02 47.79
CA CYS B 1280 -5.59 -35.10 48.00
C CYS B 1280 -5.33 -33.74 47.37
N ASP B 1281 -4.10 -33.25 47.48
CA ASP B 1281 -3.72 -31.97 46.90
C ASP B 1281 -3.32 -32.17 45.45
N ALA B 1282 -4.08 -31.57 44.53
CA ALA B 1282 -3.79 -31.70 43.11
C ALA B 1282 -2.47 -31.04 42.71
N TRP B 1283 -2.02 -30.04 43.47
CA TRP B 1283 -0.74 -29.40 43.17
C TRP B 1283 0.41 -30.39 43.30
N ASN B 1284 0.33 -31.29 44.30
CA ASN B 1284 1.35 -32.33 44.43
C ASN B 1284 1.34 -33.26 43.23
N THR B 1285 0.15 -33.59 42.72
CA THR B 1285 0.06 -34.42 41.52
C THR B 1285 0.67 -33.70 40.32
N PHE B 1286 0.41 -32.40 40.20
CA PHE B 1286 1.01 -31.63 39.11
C PHE B 1286 2.54 -31.61 39.23
N ASP B 1287 3.05 -31.46 40.45
CA ASP B 1287 4.49 -31.50 40.67
C ASP B 1287 5.06 -32.87 40.28
N ALA B 1288 4.36 -33.94 40.64
CA ALA B 1288 4.80 -35.28 40.26
C ALA B 1288 4.82 -35.42 38.74
N LEU B 1289 3.80 -34.89 38.06
CA LEU B 1289 3.76 -34.96 36.60
C LEU B 1289 4.93 -34.20 35.98
N ILE B 1290 5.22 -33.00 36.48
CA ILE B 1290 6.28 -32.21 35.87
C ILE B 1290 7.65 -32.84 36.14
N VAL B 1291 7.86 -33.40 37.35
CA VAL B 1291 9.15 -34.00 37.64
C VAL B 1291 9.33 -35.30 36.83
N VAL B 1292 8.26 -36.07 36.65
CA VAL B 1292 8.40 -37.29 35.84
C VAL B 1292 8.62 -36.94 34.38
N GLY B 1293 7.99 -35.86 33.89
CA GLY B 1293 8.30 -35.39 32.54
C GLY B 1293 9.74 -34.96 32.38
N SER B 1294 10.27 -34.27 33.40
CA SER B 1294 11.68 -33.88 33.37
C SER B 1294 12.59 -35.10 33.38
N ILE B 1295 12.23 -36.12 34.16
CA ILE B 1295 13.02 -37.35 34.20
C ILE B 1295 13.00 -38.04 32.85
N VAL B 1296 11.83 -38.05 32.19
CA VAL B 1296 11.74 -38.62 30.85
C VAL B 1296 12.63 -37.84 29.87
N ASP B 1297 12.60 -36.51 29.98
CA ASP B 1297 13.44 -35.68 29.12
C ASP B 1297 14.92 -35.99 29.32
N ILE B 1298 15.34 -36.14 30.58
CA ILE B 1298 16.74 -36.46 30.86
C ILE B 1298 17.09 -37.84 30.32
N ALA B 1299 16.22 -38.83 30.54
CA ALA B 1299 16.52 -40.20 30.14
C ALA B 1299 16.58 -40.35 28.63
N ILE B 1300 15.67 -39.70 27.90
CA ILE B 1300 15.63 -39.88 26.45
C ILE B 1300 16.89 -39.31 25.79
N THR B 1301 17.51 -38.32 26.41
CA THR B 1301 18.73 -37.74 25.87
C THR B 1301 19.95 -38.58 26.23
N SER B 1324 12.47 -36.85 17.51
CA SER B 1324 11.25 -36.38 16.88
C SER B 1324 10.17 -36.10 17.92
N ILE B 1325 10.45 -36.45 19.17
CA ILE B 1325 9.52 -36.26 20.28
C ILE B 1325 10.10 -35.19 21.20
N THR B 1326 9.40 -34.06 21.30
CA THR B 1326 9.81 -32.97 22.18
C THR B 1326 8.67 -32.49 23.06
N PHE B 1327 7.57 -33.23 23.15
CA PHE B 1327 6.41 -32.82 23.92
C PHE B 1327 6.68 -32.74 25.42
N PHE B 1328 7.67 -33.48 25.91
CA PHE B 1328 7.91 -33.52 27.35
C PHE B 1328 8.54 -32.22 27.84
N ARG B 1329 9.40 -31.60 27.04
CA ARG B 1329 10.06 -30.37 27.47
C ARG B 1329 9.05 -29.26 27.72
N LEU B 1330 7.92 -29.27 27.02
CA LEU B 1330 6.87 -28.28 27.25
C LEU B 1330 6.33 -28.34 28.66
N PHE B 1331 6.56 -29.45 29.38
CA PHE B 1331 6.15 -29.54 30.78
C PHE B 1331 6.90 -28.53 31.64
N ARG B 1332 8.15 -28.22 31.30
CA ARG B 1332 8.98 -27.38 32.18
C ARG B 1332 8.34 -26.02 32.43
N VAL B 1333 7.92 -25.34 31.36
CA VAL B 1333 7.30 -24.02 31.51
C VAL B 1333 6.02 -24.11 32.34
N MET B 1334 5.38 -25.28 32.37
CA MET B 1334 4.18 -25.45 33.18
C MET B 1334 4.44 -25.22 34.66
N ARG B 1335 5.69 -25.36 35.10
CA ARG B 1335 6.02 -25.06 36.49
C ARG B 1335 5.69 -23.61 36.82
N LEU B 1336 5.81 -22.71 35.84
CA LEU B 1336 5.48 -21.30 36.04
C LEU B 1336 4.01 -21.13 36.45
N VAL B 1337 3.15 -22.07 36.05
CA VAL B 1337 1.74 -21.99 36.44
C VAL B 1337 1.60 -22.04 37.95
N LYS B 1338 2.55 -22.69 38.64
CA LYS B 1338 2.53 -22.70 40.10
C LYS B 1338 2.54 -21.29 40.67
N LEU B 1339 3.22 -20.36 40.00
CA LEU B 1339 3.26 -18.97 40.45
C LEU B 1339 1.88 -18.34 40.49
N LEU B 1340 0.93 -18.85 39.70
CA LEU B 1340 -0.43 -18.34 39.76
C LEU B 1340 -1.10 -18.65 41.10
N SER B 1341 -0.70 -19.74 41.75
CA SER B 1341 -1.28 -20.09 43.04
C SER B 1341 -0.82 -19.16 44.16
N ARG B 1342 0.29 -18.44 43.96
CA ARG B 1342 0.77 -17.53 44.99
C ARG B 1342 -0.21 -16.38 45.22
N GLY B 1343 -0.80 -15.85 44.15
CA GLY B 1343 -1.74 -14.75 44.30
C GLY B 1343 -3.03 -15.19 44.97
N GLU B 1344 -3.74 -14.21 45.52
CA GLU B 1344 -4.97 -14.44 46.25
C GLU B 1344 -6.20 -13.94 45.51
N GLY B 1345 -6.22 -12.67 45.12
CA GLY B 1345 -7.36 -12.14 44.38
C GLY B 1345 -7.49 -12.77 43.00
N ILE B 1346 -6.36 -12.93 42.30
CA ILE B 1346 -6.40 -13.55 40.98
C ILE B 1346 -6.86 -15.00 41.08
N ARG B 1347 -6.40 -15.71 42.12
CA ARG B 1347 -6.77 -17.11 42.29
C ARG B 1347 -8.29 -17.26 42.45
N THR B 1348 -8.87 -16.51 43.38
CA THR B 1348 -10.31 -16.62 43.60
C THR B 1348 -11.10 -16.09 42.41
N LEU B 1349 -10.58 -15.06 41.71
CA LEU B 1349 -11.26 -14.56 40.53
C LEU B 1349 -11.34 -15.63 39.45
N LEU B 1350 -10.22 -16.28 39.14
CA LEU B 1350 -10.25 -17.34 38.14
C LEU B 1350 -11.06 -18.54 38.62
N TRP B 1351 -11.03 -18.83 39.92
CA TRP B 1351 -11.80 -19.95 40.45
C TRP B 1351 -13.30 -19.72 40.29
N THR B 1352 -13.77 -18.51 40.60
CA THR B 1352 -15.19 -18.22 40.46
C THR B 1352 -15.60 -18.02 39.01
N PHE B 1353 -14.69 -17.59 38.15
CA PHE B 1353 -15.03 -17.46 36.74
C PHE B 1353 -15.11 -18.82 36.05
N ILE B 1354 -14.17 -19.72 36.36
CA ILE B 1354 -14.23 -21.07 35.80
C ILE B 1354 -15.40 -21.84 36.40
N LYS B 1355 -15.87 -21.45 37.58
CA LYS B 1355 -17.06 -22.07 38.17
C LYS B 1355 -18.33 -21.69 37.42
N SER B 1356 -18.26 -20.70 36.52
CA SER B 1356 -19.43 -20.29 35.75
C SER B 1356 -19.66 -21.22 34.56
N PHE B 1357 -19.75 -22.52 34.82
CA PHE B 1357 -20.03 -23.51 33.79
C PHE B 1357 -21.41 -24.13 33.99
N GLN B 1358 -22.32 -23.41 34.63
CA GLN B 1358 -23.68 -23.89 34.83
C GLN B 1358 -24.53 -23.70 33.58
N ALA B 1359 -24.69 -22.44 33.15
CA ALA B 1359 -25.37 -22.14 31.90
C ALA B 1359 -24.43 -22.12 30.70
N LEU B 1360 -23.13 -22.25 30.94
CA LEU B 1360 -22.17 -22.28 29.84
C LEU B 1360 -22.40 -23.42 28.85
N PRO B 1361 -22.62 -24.67 29.26
CA PRO B 1361 -22.72 -25.75 28.26
C PRO B 1361 -23.83 -25.56 27.25
N TYR B 1362 -24.98 -25.03 27.66
CA TYR B 1362 -26.09 -24.88 26.71
C TYR B 1362 -25.76 -23.83 25.64
N VAL B 1363 -25.22 -22.69 26.06
CA VAL B 1363 -24.85 -21.66 25.11
C VAL B 1363 -23.72 -22.13 24.21
N ALA B 1364 -22.77 -22.87 24.77
CA ALA B 1364 -21.67 -23.41 23.97
C ALA B 1364 -22.19 -24.40 22.94
N LEU B 1365 -23.15 -25.25 23.33
CA LEU B 1365 -23.75 -26.19 22.39
C LEU B 1365 -24.51 -25.45 21.29
N LEU B 1366 -25.21 -24.37 21.64
CA LEU B 1366 -25.89 -23.57 20.62
C LEU B 1366 -24.89 -22.97 19.64
N ILE B 1367 -23.78 -22.42 20.14
CA ILE B 1367 -22.79 -21.80 19.27
C ILE B 1367 -22.15 -22.84 18.36
N VAL B 1368 -21.79 -24.01 18.91
CA VAL B 1368 -21.15 -25.01 18.08
C VAL B 1368 -22.15 -25.60 17.09
N MET B 1369 -23.43 -25.66 17.44
CA MET B 1369 -24.44 -26.09 16.47
C MET B 1369 -24.55 -25.10 15.32
N LEU B 1370 -24.54 -23.79 15.63
CA LEU B 1370 -24.56 -22.79 14.58
C LEU B 1370 -23.34 -22.92 13.68
N PHE B 1371 -22.17 -23.11 14.27
CA PHE B 1371 -20.95 -23.28 13.48
C PHE B 1371 -21.04 -24.53 12.61
N PHE B 1372 -21.56 -25.62 13.17
CA PHE B 1372 -21.68 -26.87 12.43
C PHE B 1372 -22.60 -26.71 11.22
N ILE B 1373 -23.78 -26.14 11.43
CA ILE B 1373 -24.74 -26.02 10.34
C ILE B 1373 -24.23 -25.06 9.28
N TYR B 1374 -23.61 -23.94 9.70
CA TYR B 1374 -23.08 -23.00 8.73
C TYR B 1374 -21.94 -23.61 7.93
N ALA B 1375 -21.05 -24.36 8.59
CA ALA B 1375 -19.97 -25.01 7.87
C ALA B 1375 -20.51 -26.04 6.88
N VAL B 1376 -21.52 -26.81 7.27
CA VAL B 1376 -22.07 -27.82 6.38
C VAL B 1376 -22.70 -27.16 5.15
N ILE B 1377 -23.53 -26.14 5.38
CA ILE B 1377 -24.20 -25.51 4.23
C ILE B 1377 -23.17 -24.78 3.35
N GLY B 1378 -22.13 -24.20 3.96
CA GLY B 1378 -21.11 -23.54 3.16
C GLY B 1378 -20.32 -24.52 2.31
N MET B 1379 -19.91 -25.66 2.88
CA MET B 1379 -19.21 -26.65 2.08
C MET B 1379 -20.11 -27.27 1.04
N GLN B 1380 -21.43 -27.27 1.28
CA GLN B 1380 -22.36 -27.78 0.27
C GLN B 1380 -22.48 -26.80 -0.90
N VAL B 1381 -22.62 -25.52 -0.62
CA VAL B 1381 -22.81 -24.54 -1.69
C VAL B 1381 -21.48 -24.04 -2.24
N PHE B 1382 -20.50 -23.78 -1.38
CA PHE B 1382 -19.19 -23.31 -1.82
C PHE B 1382 -18.22 -24.47 -2.02
N GLY B 1383 -18.64 -25.47 -2.78
CA GLY B 1383 -17.80 -26.59 -3.12
C GLY B 1383 -16.92 -26.28 -4.31
N LYS B 1384 -16.42 -27.34 -4.94
CA LYS B 1384 -15.56 -27.23 -6.12
C LYS B 1384 -14.37 -26.31 -5.83
N ILE B 1385 -13.53 -26.79 -4.91
CA ILE B 1385 -12.44 -25.98 -4.39
C ILE B 1385 -11.51 -25.55 -5.52
N ALA B 1386 -11.00 -24.33 -5.42
CA ALA B 1386 -10.07 -23.76 -6.39
C ALA B 1386 -8.75 -23.47 -5.67
N LEU B 1387 -7.79 -24.39 -5.80
CA LEU B 1387 -6.47 -24.19 -5.21
C LEU B 1387 -5.75 -23.08 -5.96
N ASN B 1388 -5.65 -21.90 -5.34
CA ASN B 1388 -5.05 -20.75 -5.99
C ASN B 1388 -4.47 -19.83 -4.93
N ASP B 1389 -3.61 -18.92 -5.37
CA ASP B 1389 -2.93 -17.99 -4.49
C ASP B 1389 -3.39 -16.56 -4.79
N THR B 1390 -3.31 -15.71 -3.76
CA THR B 1390 -3.73 -14.31 -3.85
C THR B 1390 -5.18 -14.18 -4.31
N THR B 1391 -6.02 -15.12 -3.86
CA THR B 1391 -7.44 -15.11 -4.20
C THR B 1391 -8.32 -15.43 -3.00
N GLU B 1392 -7.78 -15.36 -1.78
CA GLU B 1392 -8.46 -15.63 -0.53
C GLU B 1392 -8.96 -17.07 -0.42
N ILE B 1393 -8.61 -17.92 -1.38
CA ILE B 1393 -8.95 -19.33 -1.33
C ILE B 1393 -7.71 -20.14 -1.67
N ASN B 1394 -7.00 -20.63 -0.66
CA ASN B 1394 -5.73 -21.31 -0.86
C ASN B 1394 -5.74 -22.69 -0.23
N ARG B 1395 -4.57 -23.35 -0.19
CA ARG B 1395 -4.49 -24.66 0.44
C ARG B 1395 -4.82 -24.59 1.92
N ASN B 1396 -4.42 -23.50 2.58
CA ASN B 1396 -4.74 -23.30 3.99
C ASN B 1396 -6.10 -22.65 4.20
N ASN B 1397 -6.75 -22.19 3.13
CA ASN B 1397 -8.09 -21.58 3.21
C ASN B 1397 -8.97 -22.26 2.17
N ASN B 1398 -9.56 -23.39 2.55
CA ASN B 1398 -10.41 -24.18 1.67
C ASN B 1398 -11.84 -24.16 2.19
N PHE B 1399 -12.75 -24.75 1.41
CA PHE B 1399 -14.17 -24.74 1.75
C PHE B 1399 -14.83 -26.08 1.48
N GLN B 1400 -14.08 -27.18 1.54
CA GLN B 1400 -14.64 -28.52 1.36
C GLN B 1400 -14.45 -29.40 2.59
N THR B 1401 -13.25 -29.44 3.15
CA THR B 1401 -13.00 -30.23 4.34
C THR B 1401 -13.66 -29.58 5.54
N PHE B 1402 -14.26 -30.42 6.41
CA PHE B 1402 -14.99 -29.88 7.55
C PHE B 1402 -14.10 -29.09 8.51
N PRO B 1403 -12.94 -29.59 8.95
CA PRO B 1403 -12.08 -28.74 9.79
C PRO B 1403 -11.64 -27.46 9.11
N GLN B 1404 -11.37 -27.51 7.80
CA GLN B 1404 -10.98 -26.29 7.09
C GLN B 1404 -12.14 -25.31 7.00
N ALA B 1405 -13.36 -25.81 6.79
CA ALA B 1405 -14.53 -24.93 6.77
C ALA B 1405 -14.76 -24.30 8.14
N VAL B 1406 -14.58 -25.07 9.21
CA VAL B 1406 -14.73 -24.54 10.56
C VAL B 1406 -13.67 -23.48 10.83
N LEU B 1407 -12.43 -23.73 10.37
CA LEU B 1407 -11.37 -22.75 10.53
C LEU B 1407 -11.68 -21.47 9.76
N LEU B 1408 -12.23 -21.60 8.56
CA LEU B 1408 -12.60 -20.42 7.78
C LEU B 1408 -13.70 -19.63 8.48
N LEU B 1409 -14.70 -20.33 9.03
CA LEU B 1409 -15.77 -19.64 9.75
C LEU B 1409 -15.22 -18.95 11.00
N PHE B 1410 -14.29 -19.60 11.71
CA PHE B 1410 -13.68 -18.98 12.87
C PHE B 1410 -12.91 -17.73 12.48
N ARG B 1411 -12.17 -17.79 11.37
CA ARG B 1411 -11.45 -16.63 10.88
C ARG B 1411 -12.41 -15.50 10.53
N CYS B 1412 -13.53 -15.83 9.86
CA CYS B 1412 -14.51 -14.82 9.52
C CYS B 1412 -15.13 -14.19 10.77
N ALA B 1413 -15.40 -15.01 11.78
CA ALA B 1413 -15.93 -14.50 13.04
C ALA B 1413 -14.94 -13.56 13.72
N THR B 1414 -13.66 -13.92 13.69
CA THR B 1414 -12.63 -13.03 14.25
C THR B 1414 -12.48 -11.75 13.45
N GLY B 1415 -12.94 -11.72 12.20
CA GLY B 1415 -12.88 -10.52 11.39
C GLY B 1415 -11.56 -10.33 10.67
N GLU B 1416 -11.19 -11.28 9.83
CA GLU B 1416 -9.94 -11.23 9.06
C GLU B 1416 -10.27 -11.20 7.58
N ALA B 1417 -10.52 -9.99 7.06
CA ALA B 1417 -10.76 -9.77 5.63
C ALA B 1417 -11.89 -10.64 5.10
N TRP B 1418 -13.00 -10.66 5.83
CA TRP B 1418 -14.14 -11.48 5.43
C TRP B 1418 -14.80 -10.95 4.17
N GLN B 1419 -14.73 -9.64 3.93
CA GLN B 1419 -15.32 -9.08 2.72
C GLN B 1419 -14.57 -9.56 1.48
N ASP B 1420 -13.26 -9.73 1.58
CA ASP B 1420 -12.51 -10.30 0.47
C ASP B 1420 -12.92 -11.75 0.21
N ILE B 1421 -13.21 -12.49 1.29
CA ILE B 1421 -13.71 -13.86 1.13
C ILE B 1421 -15.07 -13.84 0.42
N MET B 1422 -15.94 -12.90 0.80
CA MET B 1422 -17.22 -12.77 0.14
C MET B 1422 -17.05 -12.45 -1.35
N LEU B 1423 -16.14 -11.53 -1.67
CA LEU B 1423 -15.88 -11.19 -3.07
C LEU B 1423 -15.29 -12.37 -3.83
N ALA B 1424 -14.56 -13.25 -3.14
CA ALA B 1424 -13.99 -14.43 -3.78
C ALA B 1424 -15.05 -15.44 -4.21
N CYS B 1425 -16.26 -15.32 -3.66
CA CYS B 1425 -17.37 -16.23 -4.00
C CYS B 1425 -18.41 -15.40 -4.75
N MET B 1426 -18.27 -15.34 -6.07
CA MET B 1426 -19.12 -14.58 -6.96
C MET B 1426 -19.48 -15.45 -8.16
N PRO B 1427 -20.55 -15.10 -8.88
CA PRO B 1427 -20.98 -15.96 -10.01
C PRO B 1427 -19.90 -16.24 -11.03
N GLY B 1428 -19.06 -15.26 -11.35
CA GLY B 1428 -17.92 -15.53 -12.19
C GLY B 1428 -16.66 -15.81 -11.39
N LYS B 1429 -16.37 -17.09 -11.14
CA LYS B 1429 -15.20 -17.49 -10.35
C LYS B 1429 -14.77 -18.85 -10.84
N LYS B 1430 -13.75 -18.89 -11.69
CA LYS B 1430 -13.23 -20.15 -12.19
C LYS B 1430 -12.69 -20.99 -11.04
N CYS B 1431 -13.02 -22.28 -11.06
CA CYS B 1431 -12.65 -23.19 -9.98
C CYS B 1431 -12.06 -24.46 -10.57
N ALA B 1432 -11.28 -25.16 -9.75
CA ALA B 1432 -10.45 -26.26 -10.23
C ALA B 1432 -11.31 -27.43 -10.71
N PRO B 1433 -10.81 -28.20 -11.68
CA PRO B 1433 -11.57 -29.36 -12.19
C PRO B 1433 -11.42 -30.61 -11.33
N GLU B 1434 -10.99 -30.43 -10.07
CA GLU B 1434 -10.77 -31.57 -9.18
C GLU B 1434 -12.04 -32.36 -8.93
N SER B 1435 -13.21 -31.80 -9.20
CA SER B 1435 -14.49 -32.48 -9.00
C SER B 1435 -14.76 -33.44 -10.15
N GLU B 1436 -16.00 -33.89 -10.25
CA GLU B 1436 -16.39 -34.80 -11.32
C GLU B 1436 -16.07 -34.28 -12.71
N PRO B 1437 -16.30 -32.98 -13.06
CA PRO B 1437 -15.80 -32.49 -14.35
C PRO B 1437 -14.30 -32.35 -14.35
N SER B 1438 -13.60 -33.48 -14.54
CA SER B 1438 -12.14 -33.49 -14.47
C SER B 1438 -11.49 -32.64 -15.55
N ASN B 1439 -12.21 -32.35 -16.64
CA ASN B 1439 -11.68 -31.53 -17.72
C ASN B 1439 -12.40 -30.20 -17.84
N SER B 1440 -13.25 -29.86 -16.87
CA SER B 1440 -14.03 -28.62 -16.88
C SER B 1440 -14.85 -28.48 -18.16
N THR B 1441 -15.45 -29.59 -18.59
CA THR B 1441 -16.27 -29.59 -19.81
C THR B 1441 -17.70 -29.17 -19.49
N GLU B 1442 -17.84 -27.96 -18.94
CA GLU B 1442 -19.13 -27.40 -18.59
C GLU B 1442 -19.34 -25.97 -19.06
N GLY B 1443 -18.28 -25.21 -19.32
CA GLY B 1443 -18.43 -23.85 -19.80
C GLY B 1443 -18.66 -22.83 -18.71
N GLU B 1444 -19.44 -23.21 -17.71
CA GLU B 1444 -19.77 -22.32 -16.59
C GLU B 1444 -18.93 -22.67 -15.38
N THR B 1445 -18.41 -21.64 -14.71
CA THR B 1445 -17.52 -21.87 -13.58
C THR B 1445 -18.31 -22.49 -12.43
N PRO B 1446 -17.86 -23.62 -11.87
CA PRO B 1446 -18.65 -24.31 -10.85
C PRO B 1446 -18.48 -23.69 -9.47
N CYS B 1447 -18.52 -22.36 -9.39
CA CYS B 1447 -18.40 -21.66 -8.12
C CYS B 1447 -19.31 -20.43 -8.08
N GLY B 1448 -20.47 -20.51 -8.73
CA GLY B 1448 -21.36 -19.37 -8.85
C GLY B 1448 -21.73 -18.72 -7.53
N SER B 1449 -22.53 -19.41 -6.72
CA SER B 1449 -22.93 -18.93 -5.39
C SER B 1449 -23.46 -17.50 -5.46
N SER B 1450 -24.59 -17.34 -6.16
CA SER B 1450 -25.14 -16.01 -6.38
C SER B 1450 -25.56 -15.34 -5.08
N PHE B 1451 -25.92 -16.13 -4.06
CA PHE B 1451 -26.39 -15.59 -2.78
C PHE B 1451 -25.27 -15.53 -1.74
N ALA B 1452 -24.04 -15.83 -2.13
CA ALA B 1452 -22.94 -15.98 -1.17
C ALA B 1452 -22.81 -14.76 -0.26
N VAL B 1453 -23.00 -13.56 -0.81
CA VAL B 1453 -22.95 -12.33 -0.02
C VAL B 1453 -23.82 -12.47 1.21
N PHE B 1454 -25.10 -12.76 1.00
CA PHE B 1454 -26.03 -12.96 2.12
C PHE B 1454 -25.46 -13.96 3.12
N TYR B 1455 -24.96 -15.08 2.62
CA TYR B 1455 -24.45 -16.14 3.49
C TYR B 1455 -23.45 -15.62 4.48
N PHE B 1456 -22.64 -14.64 4.09
CA PHE B 1456 -21.69 -14.08 5.03
C PHE B 1456 -22.37 -13.11 5.99
N ILE B 1457 -23.11 -12.14 5.44
CA ILE B 1457 -23.49 -10.94 6.19
C ILE B 1457 -24.22 -11.32 7.46
N SER B 1458 -25.41 -11.92 7.31
CA SER B 1458 -26.20 -12.33 8.46
C SER B 1458 -25.36 -13.18 9.41
N PHE B 1459 -24.59 -14.11 8.84
CA PHE B 1459 -23.77 -14.99 9.66
C PHE B 1459 -22.93 -14.20 10.65
N TYR B 1460 -22.21 -13.19 10.14
CA TYR B 1460 -21.42 -12.33 11.00
C TYR B 1460 -22.26 -11.83 12.16
N MET B 1461 -23.35 -11.12 11.86
CA MET B 1461 -24.20 -10.58 12.89
C MET B 1461 -24.63 -11.68 13.85
N LEU B 1462 -25.09 -12.81 13.31
CA LEU B 1462 -25.56 -13.90 14.14
C LEU B 1462 -24.51 -14.26 15.18
N CYS B 1463 -23.26 -14.49 14.72
CA CYS B 1463 -22.20 -14.86 15.65
C CYS B 1463 -22.12 -13.84 16.77
N ALA B 1464 -22.00 -12.57 16.41
CA ALA B 1464 -21.88 -11.51 17.41
C ALA B 1464 -23.01 -11.64 18.43
N PHE B 1465 -24.25 -11.75 17.94
CA PHE B 1465 -25.39 -11.88 18.83
C PHE B 1465 -25.14 -13.00 19.84
N LEU B 1466 -24.93 -14.22 19.33
CA LEU B 1466 -24.76 -15.35 20.23
C LEU B 1466 -23.62 -15.09 21.20
N ILE B 1467 -22.51 -14.51 20.70
CA ILE B 1467 -21.36 -14.26 21.55
C ILE B 1467 -21.77 -13.42 22.75
N ILE B 1468 -22.45 -12.30 22.48
CA ILE B 1468 -22.79 -11.40 23.59
C ILE B 1468 -23.73 -12.12 24.55
N ASN B 1469 -24.63 -12.96 24.00
CA ASN B 1469 -25.50 -13.74 24.86
C ASN B 1469 -24.68 -14.57 25.84
N LEU B 1470 -23.69 -15.30 25.31
CA LEU B 1470 -22.81 -16.06 26.18
C LEU B 1470 -22.26 -15.15 27.27
N PHE B 1471 -21.73 -14.00 26.87
CA PHE B 1471 -21.15 -13.07 27.83
C PHE B 1471 -22.16 -12.69 28.89
N VAL B 1472 -23.37 -12.30 28.47
CA VAL B 1472 -24.33 -11.85 29.48
C VAL B 1472 -24.70 -13.00 30.40
N ALA B 1473 -24.73 -14.23 29.88
CA ALA B 1473 -24.97 -15.38 30.74
C ALA B 1473 -23.93 -15.43 31.85
N VAL B 1474 -22.66 -15.30 31.47
CA VAL B 1474 -21.59 -15.31 32.46
C VAL B 1474 -21.83 -14.22 33.49
N ILE B 1475 -22.33 -13.06 33.05
CA ILE B 1475 -22.58 -11.96 33.97
C ILE B 1475 -23.44 -12.44 35.12
N MET B 1476 -24.55 -13.11 34.79
CA MET B 1476 -25.43 -13.62 35.83
C MET B 1476 -24.67 -14.52 36.79
N ASP B 1477 -23.90 -15.47 36.25
CA ASP B 1477 -23.19 -16.43 37.07
C ASP B 1477 -22.11 -15.79 37.94
N ASN B 1478 -21.74 -14.54 37.66
CA ASN B 1478 -20.81 -13.84 38.53
C ASN B 1478 -21.40 -12.59 39.14
N PHE B 1479 -22.67 -12.29 38.90
CA PHE B 1479 -23.24 -11.04 39.39
C PHE B 1479 -23.09 -10.93 40.90
N ASP B 1480 -23.56 -11.93 41.64
CA ASP B 1480 -23.48 -11.92 43.09
C ASP B 1480 -22.05 -11.85 43.59
N TYR B 1481 -21.08 -12.21 42.76
CA TYR B 1481 -19.68 -12.06 43.12
C TYR B 1481 -19.09 -10.73 42.65
N LEU B 1482 -19.53 -10.22 41.51
CA LEU B 1482 -18.82 -9.11 40.89
C LEU B 1482 -19.37 -7.76 41.31
N THR B 1483 -20.67 -7.55 41.16
CA THR B 1483 -21.29 -6.30 41.60
C THR B 1483 -21.22 -6.13 43.11
N ARG B 1484 -21.12 -7.23 43.86
CA ARG B 1484 -20.98 -7.16 45.30
C ARG B 1484 -19.65 -6.55 45.70
N ASP B 1485 -19.67 -5.68 46.71
CA ASP B 1485 -18.45 -5.07 47.21
C ASP B 1485 -17.64 -6.12 47.98
N TRP B 1486 -16.44 -6.41 47.49
CA TRP B 1486 -15.59 -7.43 48.07
C TRP B 1486 -14.58 -6.88 49.08
N SER B 1487 -14.21 -5.61 48.95
CA SER B 1487 -13.16 -5.05 49.81
C SER B 1487 -13.59 -5.01 51.28
N ILE B 1488 -14.85 -4.68 51.54
CA ILE B 1488 -15.28 -4.41 52.91
C ILE B 1488 -15.60 -5.70 53.65
N LEU B 1489 -16.59 -6.45 53.18
CA LEU B 1489 -17.15 -7.58 53.92
C LEU B 1489 -17.31 -8.80 53.03
N GLY B 1490 -16.23 -9.15 52.32
CA GLY B 1490 -16.24 -10.32 51.47
C GLY B 1490 -16.58 -11.59 52.23
N PRO B 1491 -17.54 -12.35 51.73
CA PRO B 1491 -17.96 -13.58 52.43
C PRO B 1491 -16.86 -14.60 52.60
N HIS B 1492 -15.94 -14.71 51.64
CA HIS B 1492 -14.86 -15.68 51.73
C HIS B 1492 -13.93 -15.39 52.90
N HIS B 1493 -13.91 -14.15 53.40
CA HIS B 1493 -13.10 -13.83 54.57
C HIS B 1493 -13.58 -14.61 55.79
N LEU B 1494 -14.90 -14.81 55.90
CA LEU B 1494 -15.43 -15.57 57.02
C LEU B 1494 -14.97 -17.03 56.97
N ASP B 1495 -14.99 -17.64 55.78
CA ASP B 1495 -14.47 -19.00 55.65
C ASP B 1495 -12.98 -19.05 55.93
N GLU B 1496 -12.24 -18.03 55.51
CA GLU B 1496 -10.81 -17.97 55.81
C GLU B 1496 -10.58 -17.91 57.32
N PHE B 1497 -11.38 -17.11 58.03
CA PHE B 1497 -11.24 -17.02 59.48
C PHE B 1497 -11.64 -18.33 60.15
N LYS B 1498 -12.66 -19.00 59.62
CA LYS B 1498 -13.03 -20.31 60.14
C LYS B 1498 -11.89 -21.31 59.97
N ARG B 1499 -11.21 -21.29 58.83
CA ARG B 1499 -10.05 -22.15 58.64
C ARG B 1499 -8.92 -21.76 59.58
N ILE B 1500 -8.73 -20.46 59.82
CA ILE B 1500 -7.71 -19.99 60.76
C ILE B 1500 -8.00 -20.53 62.15
N TRP B 1501 -9.28 -20.60 62.53
CA TRP B 1501 -9.66 -21.11 63.84
C TRP B 1501 -9.10 -22.51 64.06
N ALA B 1502 -9.14 -23.36 63.04
CA ALA B 1502 -8.56 -24.70 63.13
C ALA B 1502 -7.09 -24.71 62.75
N GLU B 1503 -6.54 -23.60 62.24
CA GLU B 1503 -5.14 -23.55 61.84
C GLU B 1503 -4.23 -23.07 62.96
N TYR B 1504 -4.63 -22.01 63.67
CA TYR B 1504 -3.80 -21.48 64.74
C TYR B 1504 -3.67 -22.45 65.91
N ASP B 1505 -4.62 -23.39 66.06
CA ASP B 1505 -4.52 -24.43 67.06
C ASP B 1505 -4.04 -25.71 66.39
N PRO B 1506 -2.84 -26.21 66.70
CA PRO B 1506 -2.40 -27.46 66.07
C PRO B 1506 -3.32 -28.63 66.35
N GLU B 1507 -3.88 -28.71 67.57
CA GLU B 1507 -4.81 -29.78 67.87
C GLU B 1507 -6.14 -29.58 67.13
N ALA B 1508 -6.69 -28.37 67.20
CA ALA B 1508 -7.95 -28.02 66.54
C ALA B 1508 -9.06 -29.02 66.89
N LYS B 1509 -9.14 -29.37 68.18
CA LYS B 1509 -10.11 -30.35 68.64
C LYS B 1509 -11.55 -29.84 68.60
N GLY B 1510 -11.75 -28.56 68.33
CA GLY B 1510 -13.07 -27.96 68.43
C GLY B 1510 -13.37 -27.33 69.77
N ARG B 1511 -12.52 -27.55 70.77
CA ARG B 1511 -12.64 -26.93 72.08
C ARG B 1511 -11.53 -25.90 72.21
N ILE B 1512 -11.91 -24.62 72.20
CA ILE B 1512 -10.97 -23.51 72.23
C ILE B 1512 -11.18 -22.74 73.52
N LYS B 1513 -10.13 -22.64 74.34
CA LYS B 1513 -10.23 -21.98 75.63
C LYS B 1513 -10.32 -20.47 75.45
N HIS B 1514 -10.93 -19.80 76.45
CA HIS B 1514 -11.09 -18.35 76.39
C HIS B 1514 -9.74 -17.65 76.36
N LEU B 1515 -8.82 -18.07 77.23
CA LEU B 1515 -7.48 -17.51 77.23
C LEU B 1515 -6.71 -17.89 75.98
N ASP B 1516 -7.09 -18.97 75.30
CA ASP B 1516 -6.47 -19.38 74.05
C ASP B 1516 -7.08 -18.67 72.83
N VAL B 1517 -8.20 -17.96 73.01
CA VAL B 1517 -8.82 -17.23 71.90
C VAL B 1517 -8.74 -15.73 72.07
N VAL B 1518 -8.48 -15.22 73.28
CA VAL B 1518 -8.32 -13.78 73.45
C VAL B 1518 -7.12 -13.29 72.66
N THR B 1519 -6.08 -14.11 72.52
CA THR B 1519 -4.95 -13.75 71.69
C THR B 1519 -5.35 -13.64 70.22
N LEU B 1520 -6.24 -14.52 69.75
CA LEU B 1520 -6.69 -14.46 68.37
C LEU B 1520 -7.63 -13.29 68.15
N LEU B 1521 -8.41 -12.89 69.17
CA LEU B 1521 -9.36 -11.82 69.03
C LEU B 1521 -8.70 -10.45 68.79
N ARG B 1522 -7.38 -10.34 69.00
CA ARG B 1522 -6.71 -9.07 68.77
C ARG B 1522 -6.77 -8.67 67.30
N ARG B 1523 -6.54 -9.64 66.39
CA ARG B 1523 -6.66 -9.40 64.96
C ARG B 1523 -7.59 -10.45 64.37
N ILE B 1524 -8.63 -10.00 63.69
CA ILE B 1524 -9.59 -10.90 63.05
C ILE B 1524 -9.67 -10.57 61.57
N GLN B 1525 -10.08 -9.33 61.27
CA GLN B 1525 -10.18 -8.83 59.91
C GLN B 1525 -9.44 -7.51 59.82
N PRO B 1526 -8.76 -7.23 58.71
CA PRO B 1526 -7.96 -6.00 58.60
C PRO B 1526 -8.79 -4.74 58.86
N PRO B 1527 -10.07 -4.67 58.40
CA PRO B 1527 -10.90 -3.54 58.82
C PRO B 1527 -11.42 -3.70 60.24
N LEU B 1528 -11.61 -4.94 60.69
CA LEU B 1528 -12.18 -5.22 62.00
C LEU B 1528 -11.13 -5.50 63.07
N GLY B 1529 -9.85 -5.35 62.74
CA GLY B 1529 -8.80 -5.58 63.71
C GLY B 1529 -8.88 -4.65 64.90
N PHE B 1530 -9.24 -5.20 66.06
CA PHE B 1530 -9.42 -4.39 67.26
C PHE B 1530 -8.08 -4.13 67.93
N GLY B 1531 -8.10 -3.22 68.90
CA GLY B 1531 -6.92 -2.83 69.63
C GLY B 1531 -6.68 -3.67 70.87
N LYS B 1532 -6.04 -3.06 71.87
CA LYS B 1532 -5.69 -3.75 73.10
C LYS B 1532 -6.81 -3.78 74.12
N LEU B 1533 -7.95 -3.15 73.82
CA LEU B 1533 -9.10 -3.15 74.74
C LEU B 1533 -9.80 -4.50 74.63
N CYS B 1534 -9.20 -5.50 75.26
CA CYS B 1534 -9.73 -6.86 75.19
C CYS B 1534 -11.06 -6.95 75.94
N PRO B 1535 -12.07 -7.60 75.36
CA PRO B 1535 -12.09 -8.19 74.01
C PRO B 1535 -12.69 -7.25 72.97
N HIS B 1536 -13.47 -6.25 73.39
CA HIS B 1536 -14.12 -5.33 72.48
C HIS B 1536 -14.26 -3.99 73.19
N ARG B 1537 -15.11 -3.11 72.66
CA ARG B 1537 -15.34 -1.82 73.29
C ARG B 1537 -15.89 -1.98 74.70
N VAL B 1538 -16.84 -2.90 74.88
CA VAL B 1538 -17.37 -3.26 76.19
C VAL B 1538 -16.88 -4.66 76.52
N ALA B 1539 -16.22 -4.79 77.68
CA ALA B 1539 -15.63 -6.08 78.04
C ALA B 1539 -16.70 -7.15 78.21
N CYS B 1540 -17.81 -6.81 78.86
CA CYS B 1540 -18.88 -7.77 79.08
C CYS B 1540 -19.70 -8.04 77.82
N LYS B 1541 -19.60 -7.18 76.80
CA LYS B 1541 -20.39 -7.36 75.59
C LYS B 1541 -20.06 -8.68 74.90
N ARG B 1542 -18.81 -9.10 74.94
CA ARG B 1542 -18.40 -10.39 74.39
C ARG B 1542 -18.48 -11.51 75.42
N LEU B 1543 -19.17 -11.28 76.53
CA LEU B 1543 -19.33 -12.30 77.57
C LEU B 1543 -20.78 -12.68 77.83
N VAL B 1544 -21.70 -11.71 77.84
CA VAL B 1544 -23.12 -11.99 78.03
C VAL B 1544 -23.85 -12.07 76.69
N SER B 1545 -23.62 -11.11 75.79
CA SER B 1545 -24.19 -11.20 74.46
C SER B 1545 -23.50 -12.29 73.66
N MET B 1546 -22.16 -12.32 73.69
CA MET B 1546 -21.38 -13.43 73.13
C MET B 1546 -21.08 -14.39 74.28
N ASN B 1547 -22.09 -15.16 74.64
CA ASN B 1547 -21.99 -16.06 75.78
C ASN B 1547 -21.07 -17.24 75.46
N MET B 1548 -20.54 -17.84 76.53
CA MET B 1548 -19.67 -19.01 76.44
C MET B 1548 -20.32 -20.12 77.26
N PRO B 1549 -21.20 -20.92 76.65
CA PRO B 1549 -21.86 -21.99 77.40
C PRO B 1549 -20.85 -23.00 77.93
N LEU B 1550 -21.09 -23.46 79.16
CA LEU B 1550 -20.16 -24.34 79.86
C LEU B 1550 -20.55 -25.81 79.71
N ASN B 1551 -21.12 -26.19 78.56
CA ASN B 1551 -21.48 -27.58 78.33
C ASN B 1551 -20.24 -28.47 78.31
N SER B 1552 -19.17 -28.02 77.66
CA SER B 1552 -17.89 -28.74 77.64
C SER B 1552 -16.78 -27.72 77.90
N ASP B 1553 -16.49 -27.48 79.18
CA ASP B 1553 -15.40 -26.60 79.62
C ASP B 1553 -15.51 -25.20 79.02
N GLY B 1554 -16.69 -24.80 78.55
CA GLY B 1554 -16.85 -23.49 77.95
C GLY B 1554 -16.52 -23.46 76.46
N THR B 1555 -17.08 -24.39 75.70
CA THR B 1555 -16.78 -24.50 74.28
C THR B 1555 -17.23 -23.25 73.54
N VAL B 1556 -16.36 -22.72 72.68
CA VAL B 1556 -16.65 -21.54 71.86
C VAL B 1556 -16.81 -21.99 70.42
N MET B 1557 -17.93 -21.61 69.81
CA MET B 1557 -18.26 -22.01 68.45
C MET B 1557 -18.12 -20.84 67.50
N PHE B 1558 -17.54 -21.11 66.32
CA PHE B 1558 -17.42 -20.06 65.30
C PHE B 1558 -18.77 -19.56 64.85
N ASN B 1559 -19.80 -20.41 64.90
CA ASN B 1559 -21.15 -19.96 64.57
C ASN B 1559 -21.63 -18.92 65.57
N ALA B 1560 -21.27 -19.06 66.84
CA ALA B 1560 -21.60 -18.04 67.83
C ALA B 1560 -20.90 -16.73 67.51
N THR B 1561 -19.64 -16.81 67.06
CA THR B 1561 -18.93 -15.60 66.65
C THR B 1561 -19.62 -14.94 65.46
N LEU B 1562 -20.08 -15.75 64.51
CA LEU B 1562 -20.83 -15.21 63.36
C LEU B 1562 -22.11 -14.53 63.82
N PHE B 1563 -22.83 -15.15 64.76
CA PHE B 1563 -24.05 -14.55 65.28
C PHE B 1563 -23.76 -13.23 65.98
N ALA B 1564 -22.67 -13.18 66.76
CA ALA B 1564 -22.29 -11.93 67.41
C ALA B 1564 -21.93 -10.86 66.38
N LEU B 1565 -21.23 -11.24 65.31
CA LEU B 1565 -20.91 -10.28 64.26
C LEU B 1565 -22.18 -9.75 63.60
N VAL B 1566 -23.15 -10.64 63.34
CA VAL B 1566 -24.42 -10.21 62.76
C VAL B 1566 -25.14 -9.25 63.70
N ARG B 1567 -25.14 -9.57 65.00
CA ARG B 1567 -25.80 -8.70 65.97
C ARG B 1567 -25.13 -7.33 66.03
N THR B 1568 -23.81 -7.29 65.93
CA THR B 1568 -23.11 -6.00 65.87
C THR B 1568 -23.46 -5.24 64.59
N ALA B 1569 -23.54 -5.94 63.47
CA ALA B 1569 -23.85 -5.28 62.20
C ALA B 1569 -25.35 -5.01 62.07
N LEU B 1570 -26.15 -6.06 62.08
CA LEU B 1570 -27.60 -5.92 61.99
C LEU B 1570 -28.18 -5.74 63.39
N ARG B 1571 -29.10 -4.77 63.51
CA ARG B 1571 -29.66 -4.45 64.82
C ARG B 1571 -30.47 -5.62 65.38
N ILE B 1572 -29.92 -6.30 66.38
CA ILE B 1572 -30.57 -7.44 67.02
C ILE B 1572 -30.55 -7.20 68.53
N LYS B 1573 -31.72 -7.31 69.15
CA LYS B 1573 -31.84 -7.06 70.58
C LYS B 1573 -31.24 -8.22 71.37
N THR B 1574 -31.14 -8.03 72.68
CA THR B 1574 -30.58 -9.02 73.58
C THR B 1574 -31.62 -10.09 73.87
N GLU B 1575 -31.38 -10.93 74.88
CA GLU B 1575 -32.29 -11.99 75.24
C GLU B 1575 -33.68 -11.43 75.54
N GLY B 1576 -34.70 -12.08 75.01
CA GLY B 1576 -36.05 -11.56 75.03
C GLY B 1576 -36.50 -10.92 73.74
N ASN B 1577 -35.80 -11.16 72.63
CA ASN B 1577 -36.08 -10.57 71.33
C ASN B 1577 -36.85 -11.53 70.43
N LEU B 1578 -37.77 -12.31 71.00
CA LEU B 1578 -38.45 -13.36 70.24
C LEU B 1578 -39.13 -12.84 68.99
N GLU B 1579 -39.60 -11.59 69.02
CA GLU B 1579 -40.31 -11.03 67.87
C GLU B 1579 -39.47 -11.09 66.60
N GLN B 1580 -38.15 -10.99 66.72
CA GLN B 1580 -37.25 -11.23 65.61
C GLN B 1580 -36.32 -12.42 65.82
N ALA B 1581 -36.15 -12.89 67.04
CA ALA B 1581 -35.38 -14.10 67.28
C ALA B 1581 -36.04 -15.31 66.62
N ASN B 1582 -37.37 -15.38 66.69
CA ASN B 1582 -38.07 -16.46 66.02
C ASN B 1582 -37.85 -16.41 64.51
N GLU B 1583 -37.86 -15.22 63.92
CA GLU B 1583 -37.60 -15.08 62.50
C GLU B 1583 -36.18 -15.50 62.15
N GLU B 1584 -35.22 -15.10 62.98
CA GLU B 1584 -33.81 -15.36 62.67
C GLU B 1584 -33.33 -16.73 63.11
N LEU B 1585 -34.07 -17.45 63.95
CA LEU B 1585 -33.63 -18.75 64.44
C LEU B 1585 -34.58 -19.88 64.04
N ARG B 1586 -35.87 -19.76 64.34
CA ARG B 1586 -36.82 -20.84 64.12
C ARG B 1586 -37.58 -20.72 62.80
N ALA B 1587 -38.00 -19.50 62.44
CA ALA B 1587 -38.64 -19.32 61.14
C ALA B 1587 -37.69 -19.57 59.99
N ILE B 1588 -36.38 -19.53 60.24
CA ILE B 1588 -35.41 -19.96 59.24
C ILE B 1588 -35.64 -21.42 58.90
N ILE B 1589 -35.73 -22.27 59.93
CA ILE B 1589 -36.03 -23.68 59.72
C ILE B 1589 -37.42 -23.86 59.11
N LYS B 1590 -38.40 -23.12 59.63
CA LYS B 1590 -39.78 -23.33 59.21
C LYS B 1590 -40.03 -22.81 57.80
N LYS B 1591 -39.52 -21.63 57.47
CA LYS B 1591 -39.86 -20.98 56.21
C LYS B 1591 -38.67 -20.63 55.34
N ILE B 1592 -37.56 -20.17 55.91
CA ILE B 1592 -36.47 -19.63 55.10
C ILE B 1592 -35.57 -20.75 54.61
N TRP B 1593 -34.92 -21.46 55.52
CA TRP B 1593 -33.97 -22.51 55.17
C TRP B 1593 -34.41 -23.79 55.89
N LYS B 1594 -35.13 -24.65 55.17
CA LYS B 1594 -35.63 -25.90 55.75
C LYS B 1594 -34.46 -26.82 56.06
N ARG B 1595 -34.12 -26.94 57.33
CA ARG B 1595 -33.01 -27.79 57.75
C ARG B 1595 -33.47 -28.85 58.72
N THR B 1596 -34.58 -29.53 58.39
CA THR B 1596 -35.09 -30.60 59.23
C THR B 1596 -34.07 -31.72 59.44
N SER B 1597 -33.15 -31.90 58.50
CA SER B 1597 -32.04 -32.81 58.68
C SER B 1597 -30.85 -32.08 59.29
N MET B 1598 -30.03 -32.83 60.04
CA MET B 1598 -28.86 -32.30 60.73
C MET B 1598 -29.28 -31.18 61.69
N LYS B 1599 -30.05 -31.58 62.70
CA LYS B 1599 -30.65 -30.66 63.66
C LYS B 1599 -29.68 -30.18 64.74
N LEU B 1600 -28.36 -30.35 64.54
CA LEU B 1600 -27.40 -29.92 65.56
C LEU B 1600 -27.48 -28.43 65.83
N LEU B 1601 -28.11 -27.66 64.93
CA LEU B 1601 -28.29 -26.24 65.15
C LEU B 1601 -29.21 -25.93 66.33
N ASP B 1602 -30.02 -26.88 66.79
CA ASP B 1602 -30.80 -26.66 68.00
C ASP B 1602 -30.07 -27.14 69.25
N GLN B 1603 -28.77 -27.44 69.14
CA GLN B 1603 -27.95 -27.81 70.27
C GLN B 1603 -26.83 -26.81 70.56
N VAL B 1604 -26.38 -26.06 69.57
CA VAL B 1604 -25.32 -25.08 69.77
C VAL B 1604 -25.84 -23.64 69.76
N VAL B 1605 -26.85 -23.33 68.95
CA VAL B 1605 -27.39 -21.98 68.85
C VAL B 1605 -28.23 -21.63 70.07
N PRO B 1606 -29.09 -22.51 70.59
CA PRO B 1606 -29.84 -22.17 71.82
C PRO B 1606 -28.93 -21.80 72.99
N PRO B 1607 -27.76 -22.45 73.14
CA PRO B 1607 -26.79 -21.89 74.10
C PRO B 1607 -26.35 -20.48 73.76
N ALA B 1608 -26.37 -20.09 72.48
CA ALA B 1608 -25.91 -18.77 72.07
C ALA B 1608 -27.05 -17.76 71.97
N GLY B 1609 -28.16 -18.13 71.33
CA GLY B 1609 -29.21 -17.16 71.07
C GLY B 1609 -30.54 -17.42 71.76
N ASP B 1610 -30.88 -18.68 71.98
CA ASP B 1610 -32.19 -19.01 72.56
C ASP B 1610 -32.09 -20.15 73.57
N TYR C 171 -82.88 24.79 63.32
CA TYR C 171 -82.72 24.12 62.04
C TYR C 171 -82.43 25.11 60.93
N ASP C 172 -81.85 24.62 59.83
CA ASP C 172 -81.51 25.44 58.68
C ASP C 172 -82.20 24.87 57.44
N VAL C 173 -82.84 25.75 56.67
CA VAL C 173 -83.54 25.34 55.47
C VAL C 173 -82.52 25.06 54.38
N VAL C 174 -82.62 23.88 53.75
CA VAL C 174 -81.71 23.49 52.68
C VAL C 174 -82.54 23.12 51.45
N PRO C 175 -82.06 23.41 50.24
CA PRO C 175 -82.82 23.06 49.04
C PRO C 175 -82.71 21.57 48.74
N SER C 176 -83.55 21.13 47.80
CA SER C 176 -83.51 19.75 47.32
C SER C 176 -82.35 19.51 46.35
N MET C 177 -81.69 20.55 45.87
CA MET C 177 -80.57 20.43 44.95
C MET C 177 -79.36 21.17 45.52
N ARG C 178 -78.18 20.55 45.38
CA ARG C 178 -76.96 21.13 45.90
C ARG C 178 -76.29 21.96 44.82
N PRO C 179 -76.09 23.27 45.02
CA PRO C 179 -75.42 24.08 44.00
C PRO C 179 -73.97 23.68 43.83
N VAL C 180 -73.43 23.99 42.65
CA VAL C 180 -72.05 23.70 42.30
C VAL C 180 -71.31 25.02 42.12
N VAL C 181 -70.27 25.23 42.91
CA VAL C 181 -69.43 26.42 42.82
C VAL C 181 -67.97 25.98 42.84
N LEU C 182 -67.18 26.51 41.91
CA LEU C 182 -65.77 26.17 41.80
C LEU C 182 -64.93 27.37 42.23
N VAL C 183 -63.92 27.11 43.06
CA VAL C 183 -63.02 28.15 43.55
C VAL C 183 -61.59 27.76 43.20
N GLY C 184 -60.72 28.77 43.15
CA GLY C 184 -59.33 28.56 42.82
C GLY C 184 -59.10 28.51 41.31
N PRO C 185 -57.86 28.23 40.91
CA PRO C 185 -56.68 27.95 41.74
C PRO C 185 -55.96 29.23 42.17
N SER C 186 -56.49 30.39 41.79
CA SER C 186 -55.88 31.67 42.12
C SER C 186 -56.99 32.70 42.27
N LEU C 187 -56.62 33.98 42.24
CA LEU C 187 -57.61 35.04 42.31
C LEU C 187 -58.56 34.96 41.13
N LYS C 188 -59.85 35.10 41.40
CA LYS C 188 -60.88 34.99 40.37
C LYS C 188 -61.14 36.37 39.77
N GLY C 189 -60.86 36.52 38.49
CA GLY C 189 -61.04 37.79 37.82
C GLY C 189 -59.88 38.14 36.90
N TYR C 190 -58.81 37.33 36.95
CA TYR C 190 -57.66 37.54 36.10
C TYR C 190 -57.83 36.83 34.76
N GLU C 191 -56.89 37.07 33.85
CA GLU C 191 -57.02 36.55 32.49
C GLU C 191 -56.94 35.03 32.47
N VAL C 192 -56.07 34.44 33.29
CA VAL C 192 -55.89 32.98 33.25
C VAL C 192 -57.14 32.27 33.77
N THR C 193 -57.65 32.71 34.93
CA THR C 193 -58.82 32.05 35.51
C THR C 193 -60.05 32.25 34.63
N ASP C 194 -60.25 33.47 34.13
CA ASP C 194 -61.40 33.73 33.25
C ASP C 194 -61.30 32.93 31.96
N MET C 195 -60.09 32.82 31.40
CA MET C 195 -59.91 32.05 30.18
C MET C 195 -60.20 30.57 30.43
N MET C 196 -59.73 30.03 31.57
CA MET C 196 -60.02 28.63 31.87
C MET C 196 -61.51 28.41 32.08
N GLN C 197 -62.19 29.34 32.77
CA GLN C 197 -63.63 29.21 32.96
C GLN C 197 -64.38 29.26 31.64
N LYS C 198 -63.96 30.17 30.74
CA LYS C 198 -64.59 30.24 29.43
C LYS C 198 -64.35 28.98 28.62
N ALA C 199 -63.14 28.40 28.72
CA ALA C 199 -62.87 27.15 28.04
C ALA C 199 -63.75 26.02 28.58
N LEU C 200 -63.92 25.97 29.90
CA LEU C 200 -64.81 24.96 30.48
C LEU C 200 -66.25 25.17 30.04
N PHE C 201 -66.69 26.43 29.95
CA PHE C 201 -68.04 26.71 29.49
C PHE C 201 -68.23 26.28 28.05
N ASP C 202 -67.23 26.55 27.19
CA ASP C 202 -67.31 26.10 25.80
C ASP C 202 -67.34 24.57 25.74
N PHE C 203 -66.54 23.91 26.57
CA PHE C 203 -66.53 22.45 26.60
C PHE C 203 -67.89 21.89 27.00
N LEU C 204 -68.51 22.47 28.02
CA LEU C 204 -69.81 21.96 28.45
C LEU C 204 -70.91 22.32 27.44
N LYS C 205 -70.76 23.41 26.71
CA LYS C 205 -71.70 23.71 25.63
C LYS C 205 -71.49 22.80 24.43
N HIS C 206 -70.29 22.24 24.27
CA HIS C 206 -70.05 21.33 23.14
C HIS C 206 -70.81 20.03 23.30
N ARG C 207 -70.87 19.49 24.53
CA ARG C 207 -71.48 18.18 24.77
C ARG C 207 -72.65 18.24 25.72
N PHE C 208 -72.53 18.96 26.83
CA PHE C 208 -73.54 18.94 27.89
C PHE C 208 -74.64 19.98 27.69
N ASP C 209 -74.60 20.74 26.60
CA ASP C 209 -75.62 21.76 26.37
C ASP C 209 -76.97 21.11 26.12
N GLY C 210 -78.02 21.69 26.72
CA GLY C 210 -79.36 21.17 26.58
C GLY C 210 -79.92 20.65 27.89
N ARG C 211 -79.08 20.04 28.71
CA ARG C 211 -79.50 19.50 30.00
C ARG C 211 -78.97 20.28 31.19
N ILE C 212 -78.03 21.20 30.98
CA ILE C 212 -77.46 22.01 32.05
C ILE C 212 -77.79 23.47 31.76
N SER C 213 -78.45 24.12 32.71
CA SER C 213 -78.78 25.54 32.56
C SER C 213 -77.53 26.39 32.77
N ILE C 214 -77.43 27.47 32.00
CA ILE C 214 -76.28 28.35 32.03
C ILE C 214 -76.68 29.66 32.72
N THR C 215 -75.98 29.97 33.81
CA THR C 215 -76.21 31.21 34.56
C THR C 215 -74.87 31.78 34.98
N ARG C 216 -74.87 33.08 35.26
CA ARG C 216 -73.68 33.78 35.73
C ARG C 216 -74.03 34.64 36.94
N VAL C 217 -73.04 34.79 37.83
CA VAL C 217 -73.18 35.62 39.02
C VAL C 217 -72.02 36.62 39.04
N THR C 218 -72.35 37.91 39.08
CA THR C 218 -71.35 38.96 39.07
C THR C 218 -71.29 39.76 40.37
N ALA C 219 -72.41 39.93 41.06
CA ALA C 219 -72.43 40.67 42.30
C ALA C 219 -71.70 39.91 43.40
N ASP C 220 -71.30 40.64 44.44
CA ASP C 220 -70.57 40.05 45.55
C ASP C 220 -71.45 39.07 46.30
N LEU C 221 -70.87 37.91 46.65
CA LEU C 221 -71.59 36.87 47.37
C LEU C 221 -70.94 36.55 48.71
N SER C 222 -70.08 37.44 49.21
CA SER C 222 -69.40 37.23 50.48
C SER C 222 -70.24 37.66 51.68
N LEU C 223 -71.44 38.19 51.45
CA LEU C 223 -72.32 38.64 52.53
C LEU C 223 -73.45 37.66 52.77
N ALA C 224 -73.20 36.36 52.64
CA ALA C 224 -74.21 35.34 52.88
C ALA C 224 -74.35 35.14 54.38
N LYS C 225 -75.44 35.66 54.95
CA LYS C 225 -75.69 35.58 56.38
C LYS C 225 -77.06 34.98 56.62
N ARG C 226 -77.14 34.07 57.60
CA ARG C 226 -78.39 33.43 57.96
C ARG C 226 -78.64 33.36 59.47
N SER C 227 -77.62 33.61 60.30
CA SER C 227 -77.82 33.55 61.75
C SER C 227 -78.42 34.83 62.31
N VAL C 228 -78.41 35.92 61.55
CA VAL C 228 -78.99 37.17 62.04
C VAL C 228 -80.51 37.06 62.12
N LEU C 229 -81.13 36.52 61.08
CA LEU C 229 -82.59 36.38 61.03
C LEU C 229 -82.94 35.09 60.32
N ASN C 230 -84.13 34.58 60.60
CA ASN C 230 -84.58 33.34 59.97
C ASN C 230 -84.69 33.49 58.46
N ASN C 231 -85.28 34.59 58.00
CA ASN C 231 -85.42 34.88 56.57
C ASN C 231 -84.98 36.32 56.30
N PRO C 232 -83.68 36.58 56.32
CA PRO C 232 -83.20 37.94 56.06
C PRO C 232 -83.47 38.37 54.63
N GLY C 233 -83.70 39.67 54.46
CA GLY C 233 -83.93 40.22 53.15
C GLY C 233 -85.25 39.79 52.53
N LYS C 234 -86.36 40.18 53.15
CA LYS C 234 -87.68 39.81 52.66
C LYS C 234 -88.24 40.84 51.68
N ARG C 235 -87.95 42.12 51.91
CA ARG C 235 -88.42 43.19 51.03
C ARG C 235 -87.27 44.14 50.72
N THR C 236 -87.30 44.69 49.51
CA THR C 236 -86.28 45.63 49.05
C THR C 236 -86.72 47.09 49.19
N ILE C 237 -87.91 47.34 49.73
CA ILE C 237 -88.42 48.70 49.89
C ILE C 237 -88.27 49.22 51.31
N ILE C 238 -87.80 48.38 52.24
CA ILE C 238 -87.63 48.82 53.63
C ILE C 238 -86.50 49.82 53.77
N GLU C 239 -85.58 49.87 52.78
CA GLU C 239 -84.42 50.76 52.82
C GLU C 239 -83.58 50.52 54.07
N ARG C 240 -83.42 49.25 54.43
CA ARG C 240 -82.62 48.87 55.58
C ARG C 240 -81.19 48.57 55.15
N SER C 241 -80.28 48.50 56.13
CA SER C 241 -78.88 48.23 55.83
C SER C 241 -78.71 46.85 55.22
N SER C 242 -79.41 45.85 55.75
CA SER C 242 -79.32 44.51 55.19
C SER C 242 -79.94 44.45 53.79
N ALA C 243 -81.07 45.15 53.59
CA ALA C 243 -81.75 45.12 52.30
C ALA C 243 -80.89 45.74 51.20
N ARG C 244 -80.22 46.87 51.49
CA ARG C 244 -79.38 47.52 50.50
C ARG C 244 -78.11 46.75 50.21
N SER C 245 -77.73 45.80 51.06
CA SER C 245 -76.52 45.01 50.86
C SER C 245 -76.82 43.88 49.88
N SER C 246 -75.89 42.94 49.78
CA SER C 246 -76.01 41.79 48.87
C SER C 246 -76.99 40.74 49.36
N ILE C 247 -77.77 41.00 50.42
CA ILE C 247 -78.73 40.03 50.92
C ILE C 247 -79.80 39.76 49.87
N ALA C 248 -80.21 40.80 49.13
CA ALA C 248 -81.21 40.61 48.09
C ALA C 248 -80.72 39.67 46.99
N GLU C 249 -79.45 39.81 46.60
CA GLU C 249 -78.89 38.92 45.59
C GLU C 249 -78.85 37.47 46.10
N VAL C 250 -78.48 37.29 47.37
CA VAL C 250 -78.46 35.95 47.95
C VAL C 250 -79.86 35.35 47.97
N GLN C 251 -80.87 36.16 48.34
CA GLN C 251 -82.24 35.66 48.35
C GLN C 251 -82.72 35.30 46.95
N SER C 252 -82.36 36.11 45.95
CA SER C 252 -82.71 35.78 44.57
C SER C 252 -82.05 34.48 44.12
N GLU C 253 -80.78 34.30 44.48
CA GLU C 253 -80.09 33.06 44.14
C GLU C 253 -80.74 31.86 44.82
N ILE C 254 -81.15 32.01 46.08
CA ILE C 254 -81.81 30.92 46.80
C ILE C 254 -83.16 30.61 46.16
N GLU C 255 -83.89 31.64 45.75
CA GLU C 255 -85.16 31.41 45.07
C GLU C 255 -84.96 30.66 43.75
N ARG C 256 -83.92 31.04 42.98
CA ARG C 256 -83.63 30.33 41.74
C ARG C 256 -83.23 28.89 42.01
N ILE C 257 -82.46 28.65 43.08
CA ILE C 257 -82.08 27.29 43.44
C ILE C 257 -83.32 26.47 43.80
N PHE C 258 -84.25 27.07 44.56
CA PHE C 258 -85.49 26.37 44.86
C PHE C 258 -86.27 26.05 43.60
N GLU C 259 -86.35 27.00 42.67
CA GLU C 259 -87.10 26.78 41.44
C GLU C 259 -86.49 25.65 40.61
N LEU C 260 -85.15 25.61 40.51
CA LEU C 260 -84.53 24.54 39.74
C LEU C 260 -84.58 23.21 40.48
N ALA C 261 -84.65 23.24 41.81
CA ALA C 261 -84.81 22.00 42.57
C ALA C 261 -86.22 21.44 42.45
N LYS C 262 -87.21 22.31 42.21
CA LYS C 262 -88.57 21.84 42.00
C LYS C 262 -88.66 20.96 40.77
N SER C 263 -87.98 21.34 39.69
CA SER C 263 -88.01 20.60 38.43
C SER C 263 -86.86 19.60 38.30
N LEU C 264 -86.04 19.44 39.35
CA LEU C 264 -84.89 18.53 39.33
C LEU C 264 -83.94 18.88 38.19
N GLN C 265 -83.66 20.17 38.03
CA GLN C 265 -82.76 20.67 37.01
C GLN C 265 -81.54 21.28 37.69
N LEU C 266 -80.35 20.97 37.18
CA LEU C 266 -79.11 21.47 37.75
C LEU C 266 -78.60 22.67 36.97
N VAL C 267 -77.89 23.55 37.66
CA VAL C 267 -77.38 24.79 37.08
C VAL C 267 -75.90 24.92 37.43
N VAL C 268 -75.21 25.76 36.66
CA VAL C 268 -73.81 26.10 36.89
C VAL C 268 -73.72 27.59 37.16
N LEU C 269 -73.01 27.97 38.22
CA LEU C 269 -72.89 29.36 38.63
C LEU C 269 -71.52 29.89 38.21
N ASP C 270 -71.53 30.99 37.46
CA ASP C 270 -70.29 31.65 37.03
C ASP C 270 -69.95 32.82 37.96
N ALA C 271 -69.70 32.47 39.23
CA ALA C 271 -69.37 33.48 40.22
C ALA C 271 -67.97 34.05 39.99
N ASP C 272 -67.79 35.32 40.34
CA ASP C 272 -66.52 36.00 40.18
C ASP C 272 -66.14 36.79 41.44
N THR C 273 -66.75 36.49 42.58
CA THR C 273 -66.47 37.18 43.83
C THR C 273 -66.21 36.22 44.99
N ILE C 274 -66.02 34.94 44.72
CA ILE C 274 -65.78 33.94 45.75
C ILE C 274 -64.41 33.31 45.51
N ASN C 275 -63.57 33.32 46.55
CA ASN C 275 -62.25 32.73 46.47
C ASN C 275 -61.89 31.86 47.68
N HIS C 276 -62.67 31.90 48.76
CA HIS C 276 -62.39 31.11 49.95
C HIS C 276 -63.68 30.45 50.43
N PRO C 277 -63.68 29.13 50.65
CA PRO C 277 -64.91 28.48 51.12
C PRO C 277 -65.18 28.67 52.61
N ALA C 278 -64.26 29.30 53.35
CA ALA C 278 -64.47 29.48 54.79
C ALA C 278 -65.68 30.35 55.10
N GLN C 279 -66.11 31.20 54.17
CA GLN C 279 -67.28 32.03 54.34
C GLN C 279 -68.56 31.33 53.92
N LEU C 280 -68.48 30.09 53.42
CA LEU C 280 -69.63 29.33 53.00
C LEU C 280 -70.14 28.37 54.07
N ALA C 281 -69.57 28.44 55.28
CA ALA C 281 -69.99 27.53 56.34
C ALA C 281 -71.44 27.76 56.74
N LYS C 282 -71.86 29.02 56.84
CA LYS C 282 -73.22 29.38 57.22
C LYS C 282 -73.96 29.83 55.97
N THR C 283 -74.54 28.87 55.25
CA THR C 283 -75.30 29.15 54.05
C THR C 283 -76.59 28.33 54.07
N SER C 284 -77.59 28.84 53.34
CA SER C 284 -78.87 28.15 53.20
C SER C 284 -78.94 27.30 51.94
N LEU C 285 -77.79 26.91 51.39
CA LEU C 285 -77.74 26.13 50.16
C LEU C 285 -77.00 24.81 50.32
N ALA C 286 -75.93 24.78 51.12
CA ALA C 286 -75.05 23.63 51.27
C ALA C 286 -74.53 23.20 49.91
N PRO C 287 -73.70 24.00 49.26
CA PRO C 287 -73.29 23.69 47.89
C PRO C 287 -72.07 22.77 47.83
N ILE C 288 -71.61 22.47 46.62
CA ILE C 288 -70.45 21.63 46.40
C ILE C 288 -69.22 22.52 46.24
N ILE C 289 -68.16 22.21 46.98
CA ILE C 289 -66.92 22.98 46.95
C ILE C 289 -65.89 22.20 46.15
N VAL C 290 -65.36 22.84 45.10
CA VAL C 290 -64.36 22.22 44.23
C VAL C 290 -63.07 23.03 44.39
N PHE C 291 -61.99 22.32 44.74
CA PHE C 291 -60.68 22.95 44.95
C PHE C 291 -59.68 22.40 43.96
N VAL C 292 -59.01 23.29 43.24
CA VAL C 292 -57.98 22.92 42.27
C VAL C 292 -56.70 23.64 42.65
N LYS C 293 -55.59 22.90 42.66
CA LYS C 293 -54.30 23.45 43.07
C LYS C 293 -53.24 23.00 42.06
N VAL C 294 -51.99 23.35 42.35
CA VAL C 294 -50.85 22.99 41.52
C VAL C 294 -49.92 22.13 42.37
N SER C 295 -49.15 21.27 41.69
CA SER C 295 -48.20 20.41 42.41
C SER C 295 -47.16 21.23 43.14
N SER C 296 -46.63 22.26 42.49
CA SER C 296 -45.68 23.18 43.10
C SER C 296 -45.99 24.59 42.64
N PRO C 297 -45.73 25.59 43.48
CA PRO C 297 -45.97 26.99 43.06
C PRO C 297 -45.07 27.45 41.92
N LYS C 298 -43.96 26.76 41.67
CA LYS C 298 -43.05 27.18 40.61
C LYS C 298 -43.70 27.08 39.24
N VAL C 299 -44.48 26.03 39.02
CA VAL C 299 -45.17 25.87 37.73
C VAL C 299 -46.15 27.01 37.50
N LEU C 300 -46.93 27.35 38.53
CA LEU C 300 -47.87 28.46 38.39
C LEU C 300 -47.15 29.79 38.18
N GLN C 301 -46.02 29.98 38.87
CA GLN C 301 -45.24 31.20 38.67
C GLN C 301 -44.73 31.29 37.24
N ARG C 302 -44.24 30.18 36.69
CA ARG C 302 -43.79 30.17 35.30
C ARG C 302 -44.95 30.45 34.34
N LEU C 303 -46.12 29.86 34.60
CA LEU C 303 -47.28 30.11 33.75
C LEU C 303 -47.67 31.58 33.77
N ILE C 304 -47.66 32.20 34.96
CA ILE C 304 -48.02 33.61 35.07
C ILE C 304 -46.96 34.49 34.40
N ARG C 305 -45.69 34.12 34.54
CA ARG C 305 -44.62 34.85 33.85
C ARG C 305 -44.73 34.72 32.34
N SER C 306 -45.36 33.65 31.84
CA SER C 306 -45.59 33.50 30.41
C SER C 306 -46.69 34.42 29.88
N ARG C 307 -47.39 35.12 30.76
CA ARG C 307 -48.49 35.99 30.33
C ARG C 307 -47.96 37.33 29.81
N GLY C 308 -47.31 38.10 30.67
CA GLY C 308 -46.80 39.39 30.27
C GLY C 308 -46.24 40.14 31.45
N LYS C 309 -45.88 41.41 31.20
CA LYS C 309 -45.27 42.26 32.21
C LYS C 309 -46.28 42.89 33.15
N SER C 310 -47.58 42.87 32.82
CA SER C 310 -48.57 43.52 33.65
C SER C 310 -48.84 42.73 34.92
N GLN C 311 -48.91 41.40 34.81
CA GLN C 311 -49.27 40.56 35.95
C GLN C 311 -48.25 40.66 37.08
N MET C 312 -47.03 41.11 36.79
CA MET C 312 -46.06 41.33 37.84
C MET C 312 -46.59 42.30 38.90
N LYS C 313 -47.43 43.25 38.49
CA LYS C 313 -48.05 44.15 39.46
C LYS C 313 -48.83 43.37 40.51
N HIS C 314 -49.55 42.33 40.09
CA HIS C 314 -50.24 41.47 41.04
C HIS C 314 -49.34 40.42 41.65
N LEU C 315 -48.16 40.18 41.06
CA LEU C 315 -47.34 39.04 41.46
C LEU C 315 -47.00 39.09 42.95
N THR C 316 -46.64 40.28 43.45
CA THR C 316 -46.26 40.42 44.85
C THR C 316 -47.33 39.87 45.78
N VAL C 317 -48.61 40.00 45.41
CA VAL C 317 -49.67 39.38 46.19
C VAL C 317 -50.20 38.11 45.57
N GLN C 318 -49.97 37.89 44.27
CA GLN C 318 -50.57 36.77 43.55
C GLN C 318 -50.25 35.45 44.23
N MET C 319 -48.97 35.07 44.23
CA MET C 319 -48.56 33.86 44.93
C MET C 319 -48.98 33.89 46.39
N MET C 320 -48.99 35.08 47.00
CA MET C 320 -49.47 35.20 48.36
C MET C 320 -50.88 34.63 48.50
N ALA C 321 -51.79 35.07 47.64
CA ALA C 321 -53.14 34.52 47.66
C ALA C 321 -53.09 33.01 47.52
N TYR C 322 -52.22 32.51 46.64
CA TYR C 322 -52.11 31.07 46.44
C TYR C 322 -51.88 30.36 47.77
N ASP C 323 -50.93 30.84 48.58
CA ASP C 323 -50.67 30.14 49.83
C ASP C 323 -51.87 30.23 50.76
N LYS C 324 -52.54 31.38 50.81
CA LYS C 324 -53.72 31.47 51.67
C LYS C 324 -54.87 30.66 51.12
N LEU C 325 -54.76 30.16 49.89
CA LEU C 325 -55.71 29.20 49.35
C LEU C 325 -55.24 27.76 49.49
N VAL C 326 -53.96 27.54 49.74
CA VAL C 326 -53.40 26.20 49.83
C VAL C 326 -53.11 25.80 51.28
N GLN C 327 -52.70 26.76 52.10
CA GLN C 327 -52.42 26.47 53.51
C GLN C 327 -53.66 25.98 54.25
N CYS C 328 -54.85 26.30 53.76
CA CYS C 328 -56.07 25.80 54.37
C CYS C 328 -56.11 24.26 54.26
N PRO C 329 -56.51 23.57 55.32
CA PRO C 329 -56.53 22.11 55.27
C PRO C 329 -57.50 21.62 54.21
N PRO C 330 -57.20 20.49 53.56
CA PRO C 330 -58.10 19.95 52.54
C PRO C 330 -59.44 19.49 53.08
N GLU C 331 -59.58 19.33 54.41
CA GLU C 331 -60.85 18.85 54.97
C GLU C 331 -61.99 19.80 54.66
N SER C 332 -61.73 21.11 54.68
CA SER C 332 -62.77 22.08 54.36
C SER C 332 -63.27 21.92 52.93
N PHE C 333 -62.36 21.69 51.99
CA PHE C 333 -62.75 21.50 50.60
C PHE C 333 -63.43 20.15 50.42
N ASP C 334 -64.55 20.15 49.68
CA ASP C 334 -65.30 18.92 49.48
C ASP C 334 -64.56 17.94 48.58
N VAL C 335 -64.04 18.44 47.46
CA VAL C 335 -63.33 17.60 46.50
C VAL C 335 -62.03 18.30 46.10
N ILE C 336 -61.10 17.51 45.57
CA ILE C 336 -59.78 17.99 45.17
C ILE C 336 -59.50 17.53 43.75
N LEU C 337 -58.98 18.43 42.92
CA LEU C 337 -58.60 18.13 41.55
C LEU C 337 -57.09 17.94 41.49
N ASP C 338 -56.66 16.80 40.98
CA ASP C 338 -55.24 16.43 40.93
C ASP C 338 -54.87 15.89 39.56
N GLU C 339 -55.28 16.59 38.51
CA GLU C 339 -55.01 16.20 37.15
C GLU C 339 -53.88 17.04 36.56
N ASN C 340 -53.52 16.74 35.32
CA ASN C 340 -52.49 17.50 34.61
C ASN C 340 -52.87 17.83 33.17
N GLN C 341 -54.06 17.43 32.71
CA GLN C 341 -54.50 17.68 31.35
C GLN C 341 -55.93 18.20 31.37
N LEU C 342 -56.28 18.97 30.34
CA LEU C 342 -57.65 19.47 30.23
C LEU C 342 -58.64 18.34 30.06
N GLU C 343 -58.28 17.32 29.28
CA GLU C 343 -59.16 16.18 29.10
C GLU C 343 -59.40 15.45 30.41
N ASP C 344 -58.34 15.30 31.22
CA ASP C 344 -58.47 14.61 32.50
C ASP C 344 -59.44 15.35 33.42
N ALA C 345 -59.27 16.67 33.54
CA ALA C 345 -60.16 17.46 34.38
C ALA C 345 -61.59 17.42 33.85
N CYS C 346 -61.75 17.52 32.52
CA CYS C 346 -63.08 17.50 31.93
C CYS C 346 -63.79 16.19 32.23
N GLU C 347 -63.09 15.07 32.07
CA GLU C 347 -63.71 13.77 32.33
C GLU C 347 -63.99 13.58 33.82
N HIS C 348 -63.08 14.03 34.68
CA HIS C 348 -63.28 13.90 36.12
C HIS C 348 -64.48 14.71 36.59
N LEU C 349 -64.67 15.90 36.03
CA LEU C 349 -65.85 16.69 36.37
C LEU C 349 -67.10 16.10 35.74
N ALA C 350 -66.98 15.56 34.53
CA ALA C 350 -68.14 15.03 33.81
C ALA C 350 -68.72 13.80 34.51
N GLU C 351 -67.86 12.90 34.97
CA GLU C 351 -68.38 11.71 35.67
C GLU C 351 -69.10 12.09 36.95
N TYR C 352 -68.55 13.04 37.71
CA TYR C 352 -69.20 13.48 38.94
C TYR C 352 -70.52 14.16 38.64
N LEU C 353 -70.55 15.02 37.61
CA LEU C 353 -71.80 15.68 37.23
C LEU C 353 -72.85 14.67 36.79
N GLU C 354 -72.44 13.66 36.02
CA GLU C 354 -73.38 12.65 35.54
C GLU C 354 -73.94 11.83 36.69
N VAL C 355 -73.09 11.39 37.62
CA VAL C 355 -73.59 10.59 38.74
C VAL C 355 -74.46 11.42 39.65
N TYR C 356 -74.13 12.71 39.86
CA TYR C 356 -74.97 13.58 40.66
C TYR C 356 -76.32 13.79 40.00
N TRP C 357 -76.35 13.98 38.68
CA TRP C 357 -77.61 14.14 37.97
C TRP C 357 -78.45 12.88 38.06
N ARG C 358 -77.82 11.71 37.92
CA ARG C 358 -78.56 10.45 38.04
C ARG C 358 -79.13 10.27 39.43
N ALA C 359 -78.34 10.60 40.46
CA ALA C 359 -78.83 10.48 41.83
C ALA C 359 -79.98 11.44 42.10
N THR C 360 -79.88 12.68 41.61
CA THR C 360 -80.90 13.69 41.86
C THR C 360 -82.00 13.69 40.82
N HIS C 361 -81.89 12.89 39.76
CA HIS C 361 -82.91 12.85 38.73
C HIS C 361 -82.91 11.49 38.02
#